data_2YSQ
#
_entry.id   2YSQ
#
_entity_poly.entity_id   1
_entity_poly.type   'polypeptide(L)'
_entity_poly.pdbx_seq_one_letter_code
;GSSGSSGDSIVSAEAVWDHVTMANRELAFKAGDVIKVLDASNKDWWWGQIDDEEGWFPASFVRLWVNQEDEVEEGSGPSS
G
;
_entity_poly.pdbx_strand_id   A
#
# COMPACT_ATOMS: atom_id res chain seq x y z
N GLY A 1 -24.76 16.14 12.88
CA GLY A 1 -23.73 16.81 12.11
C GLY A 1 -22.69 15.84 11.56
N SER A 2 -21.49 16.34 11.32
CA SER A 2 -20.41 15.51 10.79
C SER A 2 -19.06 16.20 10.97
N SER A 3 -18.19 15.60 11.77
CA SER A 3 -16.86 16.17 12.02
C SER A 3 -15.91 15.08 12.51
N GLY A 4 -14.61 15.38 12.42
CA GLY A 4 -13.61 14.42 12.87
C GLY A 4 -12.29 14.58 12.12
N SER A 5 -11.21 14.16 12.76
CA SER A 5 -9.88 14.26 12.16
C SER A 5 -8.96 13.16 12.67
N SER A 6 -7.74 13.11 12.14
CA SER A 6 -6.77 12.11 12.54
C SER A 6 -5.37 12.48 12.06
N GLY A 7 -4.36 11.89 12.68
CA GLY A 7 -2.99 12.16 12.31
C GLY A 7 -2.83 12.43 10.82
N ASP A 8 -1.94 13.34 10.47
CA ASP A 8 -1.70 13.68 9.07
C ASP A 8 -0.49 12.94 8.53
N SER A 9 -0.72 11.74 8.01
CA SER A 9 0.36 10.92 7.46
C SER A 9 -0.09 10.19 6.20
N ILE A 10 0.58 10.46 5.09
CA ILE A 10 0.26 9.84 3.82
C ILE A 10 1.23 8.72 3.49
N VAL A 11 0.70 7.51 3.37
CA VAL A 11 1.54 6.35 3.05
C VAL A 11 1.42 5.98 1.58
N SER A 12 2.56 5.72 0.94
CA SER A 12 2.59 5.37 -0.47
C SER A 12 3.24 4.00 -0.68
N ALA A 13 2.47 3.07 -1.23
CA ALA A 13 2.97 1.72 -1.48
C ALA A 13 3.16 1.47 -2.96
N GLU A 14 3.86 0.39 -3.30
CA GLU A 14 4.11 0.04 -4.69
C GLU A 14 3.73 -1.41 -4.97
N ALA A 15 2.88 -1.61 -5.97
CA ALA A 15 2.43 -2.94 -6.34
C ALA A 15 3.62 -3.87 -6.61
N VAL A 16 3.78 -4.87 -5.77
CA VAL A 16 4.88 -5.83 -5.92
C VAL A 16 4.59 -6.82 -7.04
N TRP A 17 3.32 -7.14 -7.23
CA TRP A 17 2.92 -8.08 -8.27
C TRP A 17 1.57 -7.69 -8.87
N ASP A 18 1.32 -8.11 -10.11
CA ASP A 18 0.08 -7.81 -10.78
C ASP A 18 -1.11 -8.45 -10.07
N HIS A 19 -1.96 -7.61 -9.47
CA HIS A 19 -3.14 -8.10 -8.75
C HIS A 19 -4.38 -8.04 -9.63
N VAL A 20 -4.58 -9.07 -10.45
CA VAL A 20 -5.73 -9.14 -11.34
C VAL A 20 -7.02 -9.35 -10.56
N THR A 21 -8.12 -8.84 -11.09
CA THR A 21 -9.42 -8.98 -10.44
C THR A 21 -10.53 -9.18 -11.47
N MET A 22 -11.39 -10.16 -11.22
CA MET A 22 -12.51 -10.46 -12.13
C MET A 22 -13.61 -9.42 -11.98
N ALA A 23 -13.49 -8.57 -10.96
CA ALA A 23 -14.48 -7.53 -10.71
C ALA A 23 -13.88 -6.14 -10.90
N ASN A 24 -14.71 -5.20 -11.33
CA ASN A 24 -14.25 -3.83 -11.54
C ASN A 24 -14.02 -3.12 -10.21
N ARG A 25 -14.91 -3.36 -9.26
CA ARG A 25 -14.80 -2.73 -7.95
C ARG A 25 -13.35 -2.71 -7.47
N GLU A 26 -12.78 -3.89 -7.26
CA GLU A 26 -11.39 -3.99 -6.80
C GLU A 26 -10.48 -3.11 -7.65
N LEU A 27 -9.53 -2.46 -7.00
CA LEU A 27 -8.59 -1.59 -7.69
C LEU A 27 -7.46 -2.41 -8.34
N ALA A 28 -7.59 -2.63 -9.64
CA ALA A 28 -6.58 -3.39 -10.38
C ALA A 28 -5.39 -2.51 -10.76
N PHE A 29 -4.22 -3.11 -10.85
CA PHE A 29 -3.00 -2.39 -11.19
C PHE A 29 -1.90 -3.34 -11.63
N LYS A 30 -0.82 -2.79 -12.15
CA LYS A 30 0.31 -3.59 -12.61
C LYS A 30 1.56 -3.29 -11.80
N ALA A 31 2.34 -4.32 -11.49
CA ALA A 31 3.57 -4.15 -10.72
C ALA A 31 4.26 -2.84 -11.07
N GLY A 32 4.21 -1.89 -10.15
CA GLY A 32 4.84 -0.60 -10.38
C GLY A 32 3.91 0.56 -10.08
N ASP A 33 2.65 0.43 -10.48
CA ASP A 33 1.66 1.47 -10.25
C ASP A 33 1.70 1.95 -8.80
N VAL A 34 1.86 3.25 -8.61
CA VAL A 34 1.90 3.84 -7.28
C VAL A 34 0.53 4.31 -6.84
N ILE A 35 0.03 3.75 -5.74
CA ILE A 35 -1.27 4.12 -5.21
C ILE A 35 -1.13 4.96 -3.94
N LYS A 36 -2.07 5.88 -3.74
CA LYS A 36 -2.06 6.74 -2.56
C LYS A 36 -3.04 6.23 -1.51
N VAL A 37 -2.51 5.85 -0.35
CA VAL A 37 -3.34 5.36 0.74
C VAL A 37 -4.06 6.50 1.45
N LEU A 38 -5.38 6.44 1.49
CA LEU A 38 -6.19 7.47 2.14
C LEU A 38 -6.47 7.10 3.59
N ASP A 39 -7.03 5.90 3.79
CA ASP A 39 -7.36 5.43 5.13
C ASP A 39 -6.88 3.99 5.32
N ALA A 40 -6.49 3.66 6.55
CA ALA A 40 -6.01 2.32 6.86
C ALA A 40 -6.67 1.79 8.13
N SER A 41 -8.00 1.77 8.14
CA SER A 41 -8.75 1.28 9.30
C SER A 41 -8.41 -0.17 9.60
N ASN A 42 -8.79 -1.06 8.70
CA ASN A 42 -8.53 -2.49 8.88
C ASN A 42 -7.05 -2.74 9.12
N LYS A 43 -6.68 -4.00 9.30
CA LYS A 43 -5.30 -4.38 9.55
C LYS A 43 -4.58 -4.67 8.24
N ASP A 44 -5.27 -5.33 7.31
CA ASP A 44 -4.69 -5.67 6.02
C ASP A 44 -5.63 -5.26 4.89
N TRP A 45 -6.38 -4.18 5.11
CA TRP A 45 -7.31 -3.69 4.11
C TRP A 45 -7.40 -2.17 4.14
N TRP A 46 -6.82 -1.52 3.14
CA TRP A 46 -6.84 -0.06 3.07
C TRP A 46 -7.38 0.40 1.72
N TRP A 47 -7.89 1.63 1.69
CA TRP A 47 -8.44 2.20 0.46
C TRP A 47 -7.37 2.98 -0.30
N GLY A 48 -7.22 2.65 -1.58
CA GLY A 48 -6.23 3.34 -2.41
C GLY A 48 -6.86 4.31 -3.38
N GLN A 49 -6.06 5.27 -3.85
CA GLN A 49 -6.56 6.27 -4.79
C GLN A 49 -5.55 6.50 -5.91
N ILE A 50 -5.95 6.19 -7.14
CA ILE A 50 -5.08 6.36 -8.29
C ILE A 50 -5.50 7.58 -9.11
N ASP A 51 -4.54 8.15 -9.84
CA ASP A 51 -4.81 9.33 -10.67
C ASP A 51 -6.22 9.27 -11.26
N ASP A 52 -6.49 8.22 -12.02
CA ASP A 52 -7.81 8.03 -12.64
C ASP A 52 -8.57 6.90 -11.97
N GLU A 53 -7.86 5.82 -11.65
CA GLU A 53 -8.47 4.67 -11.00
C GLU A 53 -8.70 4.93 -9.51
N GLU A 54 -9.62 4.17 -8.92
CA GLU A 54 -9.92 4.33 -7.50
C GLU A 54 -10.56 3.06 -6.94
N GLY A 55 -10.22 2.73 -5.70
CA GLY A 55 -10.77 1.54 -5.07
C GLY A 55 -9.93 1.07 -3.90
N TRP A 56 -10.08 -0.20 -3.54
CA TRP A 56 -9.33 -0.78 -2.43
C TRP A 56 -8.32 -1.81 -2.92
N PHE A 57 -7.09 -1.69 -2.48
CA PHE A 57 -6.02 -2.61 -2.88
C PHE A 57 -5.48 -3.36 -1.67
N PRO A 58 -5.00 -4.60 -1.90
CA PRO A 58 -4.45 -5.44 -0.84
C PRO A 58 -3.11 -4.92 -0.33
N ALA A 59 -2.94 -4.91 0.98
CA ALA A 59 -1.71 -4.44 1.60
C ALA A 59 -0.65 -5.54 1.64
N SER A 60 -1.10 -6.78 1.41
CA SER A 60 -0.19 -7.93 1.42
C SER A 60 0.45 -8.12 0.06
N PHE A 61 0.03 -7.32 -0.91
CA PHE A 61 0.57 -7.41 -2.27
C PHE A 61 1.20 -6.09 -2.69
N VAL A 62 1.62 -5.30 -1.71
CA VAL A 62 2.24 -4.02 -1.97
C VAL A 62 3.43 -3.77 -1.06
N ARG A 63 4.42 -3.03 -1.55
CA ARG A 63 5.61 -2.73 -0.77
C ARG A 63 5.62 -1.27 -0.33
N LEU A 64 5.55 -1.06 0.98
CA LEU A 64 5.54 0.29 1.54
C LEU A 64 6.87 1.01 1.26
N TRP A 65 6.80 2.33 1.10
CA TRP A 65 7.99 3.12 0.84
C TRP A 65 8.77 3.40 2.12
N VAL A 66 8.04 3.84 3.14
CA VAL A 66 8.67 4.16 4.43
C VAL A 66 8.77 2.91 5.30
N ASN A 67 9.18 1.80 4.69
CA ASN A 67 9.32 0.54 5.41
C ASN A 67 10.65 0.50 6.16
N GLN A 68 10.65 -0.16 7.32
CA GLN A 68 11.85 -0.28 8.13
C GLN A 68 12.31 -1.73 8.21
N GLU A 69 12.15 -2.46 7.11
CA GLU A 69 12.55 -3.86 7.07
C GLU A 69 13.41 -4.13 5.84
N ASP A 70 14.21 -5.19 5.91
CA ASP A 70 15.10 -5.56 4.81
C ASP A 70 15.04 -7.06 4.55
N GLU A 71 14.59 -7.43 3.35
CA GLU A 71 14.49 -8.83 2.98
C GLU A 71 15.63 -9.24 2.05
N VAL A 72 16.02 -10.52 2.12
CA VAL A 72 17.11 -11.03 1.30
C VAL A 72 16.60 -12.10 0.35
N GLU A 73 16.34 -11.71 -0.90
CA GLU A 73 15.85 -12.63 -1.91
C GLU A 73 15.89 -12.00 -3.30
N GLU A 74 16.67 -12.58 -4.19
CA GLU A 74 16.80 -12.07 -5.55
C GLU A 74 16.52 -13.16 -6.57
N GLY A 75 17.04 -14.35 -6.32
CA GLY A 75 16.83 -15.47 -7.23
C GLY A 75 17.65 -15.34 -8.49
N SER A 76 18.22 -16.45 -8.94
CA SER A 76 19.03 -16.46 -10.16
C SER A 76 19.05 -17.84 -10.80
N GLY A 77 19.75 -17.96 -11.92
CA GLY A 77 19.83 -19.23 -12.61
C GLY A 77 18.91 -19.30 -13.82
N PRO A 78 19.25 -18.53 -14.87
CA PRO A 78 18.46 -18.49 -16.10
C PRO A 78 18.55 -19.78 -16.89
N SER A 79 19.77 -20.27 -17.09
CA SER A 79 20.00 -21.50 -17.84
C SER A 79 21.46 -21.91 -17.78
N SER A 80 21.76 -23.11 -18.27
CA SER A 80 23.11 -23.62 -18.26
C SER A 80 23.29 -24.71 -19.32
N GLY A 81 24.33 -24.58 -20.14
CA GLY A 81 24.59 -25.56 -21.18
C GLY A 81 25.38 -26.74 -20.67
N GLY A 1 -17.19 24.32 4.89
CA GLY A 1 -16.37 23.13 4.92
C GLY A 1 -17.07 21.94 5.57
N SER A 2 -17.47 20.98 4.76
CA SER A 2 -18.16 19.79 5.26
C SER A 2 -17.16 18.78 5.81
N SER A 3 -16.86 18.90 7.10
CA SER A 3 -15.91 18.00 7.75
C SER A 3 -14.60 17.93 6.98
N GLY A 4 -14.12 19.09 6.55
CA GLY A 4 -12.88 19.15 5.81
C GLY A 4 -11.72 19.64 6.64
N SER A 5 -10.75 18.76 6.91
CA SER A 5 -9.59 19.11 7.71
C SER A 5 -8.59 17.97 7.74
N SER A 6 -7.45 18.18 7.08
CA SER A 6 -6.40 17.16 7.03
C SER A 6 -5.48 17.26 8.24
N GLY A 7 -4.59 16.28 8.38
CA GLY A 7 -3.67 16.27 9.50
C GLY A 7 -2.81 15.03 9.54
N ASP A 8 -3.45 13.87 9.49
CA ASP A 8 -2.74 12.59 9.52
C ASP A 8 -1.76 12.50 8.36
N SER A 9 -0.73 11.68 8.53
CA SER A 9 0.28 11.49 7.49
C SER A 9 -0.25 10.62 6.36
N ILE A 10 0.36 10.74 5.19
CA ILE A 10 -0.04 9.95 4.03
C ILE A 10 0.92 8.82 3.77
N VAL A 11 0.39 7.61 3.57
CA VAL A 11 1.21 6.45 3.32
C VAL A 11 1.09 6.00 1.85
N SER A 12 2.23 5.91 1.18
CA SER A 12 2.24 5.50 -0.22
C SER A 12 2.88 4.12 -0.38
N ALA A 13 2.31 3.31 -1.27
CA ALA A 13 2.83 1.97 -1.52
C ALA A 13 3.00 1.72 -3.02
N GLU A 14 3.66 0.61 -3.35
CA GLU A 14 3.89 0.25 -4.74
C GLU A 14 3.54 -1.20 -5.00
N ALA A 15 2.78 -1.45 -6.06
CA ALA A 15 2.36 -2.79 -6.41
C ALA A 15 3.57 -3.69 -6.66
N VAL A 16 3.82 -4.61 -5.73
CA VAL A 16 4.94 -5.53 -5.85
C VAL A 16 4.76 -6.48 -7.02
N TRP A 17 3.53 -6.94 -7.22
CA TRP A 17 3.22 -7.85 -8.32
C TRP A 17 1.89 -7.50 -8.95
N ASP A 18 1.63 -8.07 -10.13
CA ASP A 18 0.38 -7.82 -10.84
C ASP A 18 -0.79 -8.47 -10.13
N HIS A 19 -1.76 -7.65 -9.73
CA HIS A 19 -2.95 -8.16 -9.04
C HIS A 19 -4.17 -8.11 -9.95
N VAL A 20 -4.19 -9.00 -10.94
CA VAL A 20 -5.30 -9.07 -11.88
C VAL A 20 -6.57 -9.57 -11.20
N THR A 21 -7.72 -9.08 -11.64
CA THR A 21 -9.00 -9.48 -11.08
C THR A 21 -10.12 -9.31 -12.09
N MET A 22 -11.22 -10.02 -11.87
CA MET A 22 -12.38 -9.95 -12.77
C MET A 22 -13.35 -8.86 -12.31
N ALA A 23 -13.53 -8.75 -11.00
CA ALA A 23 -14.43 -7.75 -10.44
C ALA A 23 -14.18 -6.38 -11.06
N ASN A 24 -15.04 -5.42 -10.71
CA ASN A 24 -14.92 -4.06 -11.24
C ASN A 24 -14.64 -3.07 -10.11
N ARG A 25 -15.54 -3.01 -9.15
CA ARG A 25 -15.39 -2.10 -8.02
C ARG A 25 -13.99 -2.19 -7.43
N GLU A 26 -13.35 -3.35 -7.62
CA GLU A 26 -12.00 -3.56 -7.10
C GLU A 26 -10.99 -2.69 -7.84
N LEU A 27 -9.79 -2.59 -7.28
CA LEU A 27 -8.73 -1.79 -7.89
C LEU A 27 -7.74 -2.68 -8.63
N ALA A 28 -7.81 -2.65 -9.96
CA ALA A 28 -6.92 -3.45 -10.79
C ALA A 28 -5.65 -2.68 -11.13
N PHE A 29 -4.52 -3.38 -11.16
CA PHE A 29 -3.24 -2.76 -11.47
C PHE A 29 -2.18 -3.82 -11.77
N LYS A 30 -0.96 -3.36 -12.05
CA LYS A 30 0.14 -4.26 -12.34
C LYS A 30 1.34 -3.97 -11.45
N ALA A 31 2.37 -4.80 -11.55
CA ALA A 31 3.58 -4.62 -10.75
C ALA A 31 4.30 -3.33 -11.12
N GLY A 32 4.15 -2.31 -10.28
CA GLY A 32 4.80 -1.04 -10.54
C GLY A 32 3.90 0.14 -10.22
N ASP A 33 2.61 0.00 -10.53
CA ASP A 33 1.63 1.06 -10.28
C ASP A 33 1.87 1.70 -8.91
N VAL A 34 1.28 2.87 -8.70
CA VAL A 34 1.43 3.58 -7.44
C VAL A 34 0.08 3.87 -6.80
N ILE A 35 -0.14 3.34 -5.60
CA ILE A 35 -1.39 3.55 -4.89
C ILE A 35 -1.20 4.47 -3.69
N LYS A 36 -2.12 5.41 -3.51
CA LYS A 36 -2.06 6.35 -2.40
C LYS A 36 -3.03 5.95 -1.29
N VAL A 37 -2.49 5.51 -0.17
CA VAL A 37 -3.32 5.11 0.97
C VAL A 37 -4.00 6.31 1.61
N LEU A 38 -5.32 6.24 1.73
CA LEU A 38 -6.09 7.32 2.32
C LEU A 38 -6.50 6.97 3.75
N ASP A 39 -7.18 5.85 3.91
CA ASP A 39 -7.61 5.41 5.24
C ASP A 39 -7.09 4.01 5.54
N ALA A 40 -6.30 3.90 6.59
CA ALA A 40 -5.73 2.61 6.99
C ALA A 40 -6.24 2.19 8.37
N SER A 41 -7.55 2.06 8.49
CA SER A 41 -8.15 1.67 9.76
C SER A 41 -8.00 0.16 10.00
N ASN A 42 -8.35 -0.62 8.99
CA ASN A 42 -8.26 -2.07 9.08
C ASN A 42 -6.80 -2.52 9.18
N LYS A 43 -6.60 -3.80 9.47
CA LYS A 43 -5.26 -4.35 9.60
C LYS A 43 -4.54 -4.36 8.24
N ASP A 44 -4.95 -5.27 7.37
CA ASP A 44 -4.35 -5.38 6.05
C ASP A 44 -5.36 -5.00 4.96
N TRP A 45 -6.17 -3.99 5.23
CA TRP A 45 -7.18 -3.54 4.28
C TRP A 45 -7.28 -2.02 4.28
N TRP A 46 -6.76 -1.39 3.23
CA TRP A 46 -6.79 0.06 3.11
C TRP A 46 -7.33 0.47 1.75
N TRP A 47 -7.86 1.69 1.67
CA TRP A 47 -8.41 2.21 0.42
C TRP A 47 -7.31 2.79 -0.45
N GLY A 48 -7.24 2.34 -1.70
CA GLY A 48 -6.23 2.83 -2.62
C GLY A 48 -6.76 3.93 -3.52
N GLN A 49 -5.93 4.93 -3.77
CA GLN A 49 -6.32 6.05 -4.63
C GLN A 49 -5.30 6.27 -5.74
N ILE A 50 -5.74 6.06 -6.98
CA ILE A 50 -4.86 6.23 -8.13
C ILE A 50 -5.27 7.45 -8.96
N ASP A 51 -4.31 8.02 -9.68
CA ASP A 51 -4.58 9.18 -10.51
C ASP A 51 -5.98 9.13 -11.10
N ASP A 52 -6.24 8.11 -11.92
CA ASP A 52 -7.54 7.94 -12.54
C ASP A 52 -8.33 6.83 -11.86
N GLU A 53 -7.65 5.74 -11.51
CA GLU A 53 -8.29 4.61 -10.85
C GLU A 53 -8.52 4.91 -9.38
N GLU A 54 -9.55 4.28 -8.80
CA GLU A 54 -9.87 4.48 -7.39
C GLU A 54 -10.69 3.31 -6.86
N GLY A 55 -10.28 2.79 -5.70
CA GLY A 55 -10.98 1.68 -5.10
C GLY A 55 -10.21 1.05 -3.97
N TRP A 56 -10.38 -0.25 -3.78
CA TRP A 56 -9.69 -0.99 -2.72
C TRP A 56 -8.50 -1.75 -3.28
N PHE A 57 -7.45 -1.88 -2.47
CA PHE A 57 -6.24 -2.59 -2.87
C PHE A 57 -5.64 -3.36 -1.71
N PRO A 58 -5.03 -4.51 -2.02
CA PRO A 58 -4.40 -5.37 -1.01
C PRO A 58 -3.15 -4.74 -0.41
N ALA A 59 -3.03 -4.81 0.91
CA ALA A 59 -1.88 -4.24 1.60
C ALA A 59 -0.71 -5.23 1.62
N SER A 60 -0.96 -6.44 1.15
CA SER A 60 0.06 -7.48 1.11
C SER A 60 0.80 -7.48 -0.23
N PHE A 61 0.05 -7.21 -1.30
CA PHE A 61 0.63 -7.18 -2.64
C PHE A 61 1.19 -5.80 -2.96
N VAL A 62 1.71 -5.13 -1.93
CA VAL A 62 2.29 -3.80 -2.11
C VAL A 62 3.44 -3.58 -1.14
N ARG A 63 4.42 -2.79 -1.57
CA ARG A 63 5.59 -2.49 -0.74
C ARG A 63 5.48 -1.09 -0.13
N LEU A 64 5.85 -0.97 1.14
CA LEU A 64 5.80 0.30 1.84
C LEU A 64 7.14 1.03 1.73
N TRP A 65 7.09 2.31 1.37
CA TRP A 65 8.30 3.11 1.24
C TRP A 65 8.90 3.41 2.61
N VAL A 66 8.06 3.91 3.51
CA VAL A 66 8.50 4.25 4.86
C VAL A 66 8.70 2.99 5.71
N ASN A 67 9.71 3.01 6.57
CA ASN A 67 10.00 1.88 7.44
C ASN A 67 10.88 2.30 8.61
N GLN A 68 10.61 1.75 9.78
CA GLN A 68 11.38 2.06 10.98
C GLN A 68 11.95 0.79 11.61
N GLU A 69 12.61 -0.02 10.79
CA GLU A 69 13.21 -1.26 11.26
C GLU A 69 14.58 -1.48 10.63
N ASP A 70 15.62 -1.33 11.43
CA ASP A 70 16.98 -1.52 10.95
C ASP A 70 17.36 -2.99 10.94
N GLU A 71 16.44 -3.83 10.46
CA GLU A 71 16.67 -5.26 10.40
C GLU A 71 16.98 -5.69 8.97
N VAL A 72 17.80 -4.91 8.28
CA VAL A 72 18.18 -5.21 6.90
C VAL A 72 19.56 -4.66 6.57
N GLU A 73 20.36 -5.47 5.86
CA GLU A 73 21.70 -5.05 5.49
C GLU A 73 21.67 -4.23 4.20
N GLU A 74 22.71 -3.40 4.02
CA GLU A 74 22.80 -2.56 2.83
C GLU A 74 24.14 -2.77 2.13
N GLY A 75 24.19 -2.41 0.85
CA GLY A 75 25.42 -2.56 0.09
C GLY A 75 25.18 -2.58 -1.41
N SER A 76 25.23 -1.42 -2.04
CA SER A 76 25.00 -1.31 -3.48
C SER A 76 25.49 0.03 -4.01
N GLY A 77 25.36 0.23 -5.31
CA GLY A 77 25.79 1.47 -5.93
C GLY A 77 26.03 1.34 -7.42
N PRO A 78 25.74 2.41 -8.17
CA PRO A 78 25.92 2.42 -9.62
C PRO A 78 27.38 2.41 -10.04
N SER A 79 27.63 2.15 -11.31
CA SER A 79 29.00 2.11 -11.83
C SER A 79 29.22 3.19 -12.88
N SER A 80 28.43 3.13 -13.96
CA SER A 80 28.54 4.10 -15.04
C SER A 80 27.20 4.79 -15.29
N GLY A 81 27.22 5.79 -16.16
CA GLY A 81 26.00 6.53 -16.46
C GLY A 81 26.27 7.84 -17.16
N GLY A 1 -27.40 11.06 17.52
CA GLY A 1 -25.99 10.92 17.84
C GLY A 1 -25.09 11.42 16.72
N SER A 2 -24.24 12.39 17.02
CA SER A 2 -23.33 12.95 16.03
C SER A 2 -22.05 13.46 16.69
N SER A 3 -20.92 13.12 16.10
CA SER A 3 -19.62 13.54 16.61
C SER A 3 -18.53 13.35 15.58
N GLY A 4 -17.30 13.74 15.94
CA GLY A 4 -16.18 13.61 15.03
C GLY A 4 -15.29 12.44 15.38
N SER A 5 -14.24 12.23 14.59
CA SER A 5 -13.31 11.13 14.82
C SER A 5 -11.94 11.44 14.22
N SER A 6 -10.91 10.82 14.76
CA SER A 6 -9.54 11.02 14.29
C SER A 6 -9.01 9.78 13.60
N GLY A 7 -8.01 9.95 12.74
CA GLY A 7 -7.43 8.83 12.04
C GLY A 7 -5.91 8.90 11.99
N ASP A 8 -5.34 8.60 10.82
CA ASP A 8 -3.90 8.63 10.65
C ASP A 8 -3.52 9.31 9.34
N SER A 9 -2.27 9.79 9.26
CA SER A 9 -1.79 10.47 8.07
C SER A 9 -1.89 9.56 6.85
N ILE A 10 -1.67 10.15 5.67
CA ILE A 10 -1.73 9.39 4.43
C ILE A 10 -0.38 8.76 4.10
N VAL A 11 -0.39 7.48 3.75
CA VAL A 11 0.83 6.77 3.41
C VAL A 11 0.83 6.36 1.94
N SER A 12 2.01 6.00 1.42
CA SER A 12 2.14 5.59 0.04
C SER A 12 2.89 4.25 -0.07
N ALA A 13 2.60 3.52 -1.13
CA ALA A 13 3.24 2.22 -1.35
C ALA A 13 3.39 1.93 -2.84
N GLU A 14 4.21 0.93 -3.17
CA GLU A 14 4.45 0.56 -4.55
C GLU A 14 4.09 -0.91 -4.78
N ALA A 15 3.18 -1.16 -5.71
CA ALA A 15 2.76 -2.52 -6.02
C ALA A 15 3.95 -3.40 -6.38
N VAL A 16 4.11 -4.50 -5.66
CA VAL A 16 5.22 -5.42 -5.89
C VAL A 16 4.76 -6.60 -6.75
N TRP A 17 3.47 -6.90 -6.70
CA TRP A 17 2.92 -8.01 -7.47
C TRP A 17 1.64 -7.58 -8.20
N ASP A 18 1.46 -8.09 -9.41
CA ASP A 18 0.28 -7.76 -10.20
C ASP A 18 -0.99 -8.24 -9.50
N HIS A 19 -2.04 -7.43 -9.58
CA HIS A 19 -3.32 -7.77 -8.95
C HIS A 19 -4.44 -7.77 -9.98
N VAL A 20 -4.45 -8.76 -10.85
CA VAL A 20 -5.47 -8.87 -11.89
C VAL A 20 -6.80 -9.35 -11.30
N THR A 21 -7.82 -8.50 -11.38
CA THR A 21 -9.13 -8.84 -10.86
C THR A 21 -10.15 -8.99 -11.98
N MET A 22 -10.95 -10.05 -11.92
CA MET A 22 -11.97 -10.30 -12.94
C MET A 22 -13.26 -9.55 -12.62
N ALA A 23 -13.12 -8.31 -12.15
CA ALA A 23 -14.26 -7.49 -11.81
C ALA A 23 -13.96 -6.00 -12.01
N ASN A 24 -15.00 -5.22 -12.29
CA ASN A 24 -14.84 -3.79 -12.51
C ASN A 24 -14.76 -3.04 -11.17
N ARG A 25 -15.58 -3.46 -10.21
CA ARG A 25 -15.60 -2.84 -8.90
C ARG A 25 -14.36 -3.20 -8.10
N GLU A 26 -13.51 -4.06 -8.69
CA GLU A 26 -12.29 -4.49 -8.02
C GLU A 26 -11.08 -3.71 -8.54
N LEU A 27 -10.57 -2.81 -7.70
CA LEU A 27 -9.43 -1.99 -8.07
C LEU A 27 -8.24 -2.86 -8.47
N ALA A 28 -8.01 -2.98 -9.76
CA ALA A 28 -6.90 -3.78 -10.28
C ALA A 28 -5.73 -2.90 -10.68
N PHE A 29 -4.52 -3.36 -10.37
CA PHE A 29 -3.31 -2.61 -10.69
C PHE A 29 -2.15 -3.56 -11.01
N LYS A 30 -1.12 -3.03 -11.66
CA LYS A 30 0.04 -3.82 -12.02
C LYS A 30 1.28 -3.36 -11.24
N ALA A 31 2.35 -4.13 -11.35
CA ALA A 31 3.60 -3.81 -10.66
C ALA A 31 4.17 -2.48 -11.15
N GLY A 32 4.28 -1.52 -10.24
CA GLY A 32 4.80 -0.22 -10.61
C GLY A 32 3.82 0.90 -10.36
N ASP A 33 2.54 0.61 -10.53
CA ASP A 33 1.48 1.60 -10.31
C ASP A 33 1.50 2.11 -8.88
N VAL A 34 1.53 3.42 -8.72
CA VAL A 34 1.54 4.03 -7.39
C VAL A 34 0.12 4.22 -6.86
N ILE A 35 -0.16 3.64 -5.70
CA ILE A 35 -1.47 3.76 -5.09
C ILE A 35 -1.41 4.62 -3.83
N LYS A 36 -2.12 5.75 -3.87
CA LYS A 36 -2.15 6.67 -2.73
C LYS A 36 -3.14 6.18 -1.68
N VAL A 37 -2.62 5.57 -0.62
CA VAL A 37 -3.46 5.06 0.46
C VAL A 37 -4.08 6.21 1.25
N LEU A 38 -5.41 6.31 1.18
CA LEU A 38 -6.12 7.36 1.89
C LEU A 38 -6.33 6.99 3.35
N ASP A 39 -7.01 5.88 3.59
CA ASP A 39 -7.26 5.41 4.95
C ASP A 39 -6.37 4.22 5.29
N ALA A 40 -5.80 4.24 6.50
CA ALA A 40 -4.93 3.16 6.95
C ALA A 40 -5.33 2.67 8.33
N SER A 41 -6.50 2.03 8.41
CA SER A 41 -7.01 1.52 9.68
C SER A 41 -6.25 0.24 10.09
N ASN A 42 -6.29 -0.76 9.22
CA ASN A 42 -5.62 -2.02 9.48
C ASN A 42 -5.04 -2.61 8.20
N LYS A 43 -4.11 -3.55 8.36
CA LYS A 43 -3.47 -4.19 7.21
C LYS A 43 -4.41 -5.20 6.57
N ASP A 44 -5.65 -5.25 7.03
CA ASP A 44 -6.65 -6.16 6.50
C ASP A 44 -7.42 -5.52 5.35
N TRP A 45 -7.75 -4.25 5.50
CA TRP A 45 -8.49 -3.51 4.48
C TRP A 45 -7.93 -2.11 4.30
N TRP A 46 -7.23 -1.89 3.20
CA TRP A 46 -6.64 -0.59 2.91
C TRP A 46 -7.17 -0.03 1.60
N TRP A 47 -7.56 1.25 1.61
CA TRP A 47 -8.09 1.90 0.42
C TRP A 47 -6.96 2.52 -0.40
N GLY A 48 -7.08 2.42 -1.73
CA GLY A 48 -6.07 2.96 -2.60
C GLY A 48 -6.65 3.95 -3.61
N GLN A 49 -5.93 5.05 -3.84
CA GLN A 49 -6.38 6.06 -4.78
C GLN A 49 -5.39 6.23 -5.92
N ILE A 50 -5.82 5.91 -7.13
CA ILE A 50 -4.96 6.02 -8.30
C ILE A 50 -5.33 7.25 -9.14
N ASP A 51 -4.36 7.76 -9.89
CA ASP A 51 -4.59 8.92 -10.73
C ASP A 51 -6.02 8.93 -11.28
N ASP A 52 -6.37 7.89 -12.01
CA ASP A 52 -7.71 7.78 -12.58
C ASP A 52 -8.52 6.69 -11.88
N GLU A 53 -7.86 5.57 -11.58
CA GLU A 53 -8.52 4.46 -10.91
C GLU A 53 -8.70 4.74 -9.43
N GLU A 54 -9.71 4.11 -8.84
CA GLU A 54 -10.00 4.30 -7.42
C GLU A 54 -10.79 3.12 -6.86
N GLY A 55 -10.39 2.66 -5.67
CA GLY A 55 -11.07 1.54 -5.05
C GLY A 55 -10.31 0.99 -3.86
N TRP A 56 -10.61 -0.25 -3.48
CA TRP A 56 -9.95 -0.88 -2.35
C TRP A 56 -8.90 -1.89 -2.83
N PHE A 57 -8.01 -2.28 -1.92
CA PHE A 57 -6.96 -3.23 -2.25
C PHE A 57 -6.32 -3.80 -0.99
N PRO A 58 -5.83 -5.03 -1.07
CA PRO A 58 -5.17 -5.72 0.06
C PRO A 58 -3.83 -5.10 0.40
N ALA A 59 -3.62 -4.81 1.68
CA ALA A 59 -2.37 -4.22 2.14
C ALA A 59 -1.23 -5.22 2.05
N SER A 60 -1.57 -6.49 1.82
CA SER A 60 -0.57 -7.55 1.72
C SER A 60 -0.14 -7.75 0.27
N PHE A 61 -0.39 -6.74 -0.56
CA PHE A 61 -0.03 -6.80 -1.97
C PHE A 61 0.89 -5.64 -2.35
N VAL A 62 1.23 -4.81 -1.36
CA VAL A 62 2.09 -3.66 -1.59
C VAL A 62 3.06 -3.47 -0.43
N ARG A 63 4.26 -2.99 -0.75
CA ARG A 63 5.28 -2.76 0.26
C ARG A 63 5.48 -1.27 0.52
N LEU A 64 5.33 -0.85 1.76
CA LEU A 64 5.48 0.55 2.12
C LEU A 64 6.86 1.08 1.71
N TRP A 65 6.97 2.39 1.60
CA TRP A 65 8.23 3.02 1.22
C TRP A 65 9.08 3.36 2.43
N VAL A 66 9.94 2.42 2.83
CA VAL A 66 10.80 2.63 3.99
C VAL A 66 12.26 2.34 3.64
N ASN A 67 13.00 3.37 3.25
CA ASN A 67 14.40 3.23 2.89
C ASN A 67 15.21 2.67 4.05
N GLN A 68 15.77 1.49 3.88
CA GLN A 68 16.57 0.85 4.92
C GLN A 68 17.95 0.47 4.39
N GLU A 69 18.96 0.60 5.24
CA GLU A 69 20.32 0.28 4.87
C GLU A 69 20.95 -0.69 5.86
N ASP A 70 20.20 -1.72 6.24
CA ASP A 70 20.68 -2.72 7.18
C ASP A 70 21.45 -3.82 6.47
N GLU A 71 22.13 -4.65 7.25
CA GLU A 71 22.92 -5.74 6.69
C GLU A 71 22.15 -6.47 5.59
N VAL A 72 22.87 -6.99 4.61
CA VAL A 72 22.25 -7.70 3.50
C VAL A 72 22.05 -9.17 3.84
N GLU A 73 21.10 -9.80 3.15
CA GLU A 73 20.80 -11.22 3.38
C GLU A 73 21.22 -12.06 2.18
N GLU A 74 21.49 -13.34 2.44
CA GLU A 74 21.91 -14.26 1.39
C GLU A 74 20.70 -14.79 0.63
N GLY A 75 20.49 -14.28 -0.59
CA GLY A 75 19.36 -14.73 -1.39
C GLY A 75 19.51 -16.17 -1.85
N SER A 76 19.41 -16.38 -3.16
CA SER A 76 19.55 -17.72 -3.71
C SER A 76 19.68 -17.67 -5.23
N GLY A 77 20.54 -18.52 -5.78
CA GLY A 77 20.75 -18.54 -7.22
C GLY A 77 20.11 -19.76 -7.87
N PRO A 78 19.63 -19.58 -9.11
CA PRO A 78 19.00 -20.66 -9.88
C PRO A 78 19.99 -21.74 -10.30
N SER A 79 19.51 -22.98 -10.37
CA SER A 79 20.36 -24.10 -10.75
C SER A 79 19.98 -24.61 -12.14
N SER A 80 20.84 -25.44 -12.72
CA SER A 80 20.60 -25.99 -14.05
C SER A 80 20.19 -27.45 -13.96
N GLY A 81 19.69 -27.99 -15.07
CA GLY A 81 19.27 -29.38 -15.10
C GLY A 81 17.79 -29.53 -14.86
N GLY A 1 -15.48 18.96 13.11
CA GLY A 1 -15.35 19.40 11.74
C GLY A 1 -14.98 20.87 11.64
N SER A 2 -15.60 21.69 12.48
CA SER A 2 -15.33 23.12 12.48
C SER A 2 -13.82 23.40 12.49
N SER A 3 -13.14 22.86 13.49
CA SER A 3 -11.69 23.06 13.62
C SER A 3 -10.94 22.02 12.78
N GLY A 4 -9.64 22.25 12.61
CA GLY A 4 -8.83 21.34 11.83
C GLY A 4 -7.57 20.91 12.57
N SER A 5 -7.63 19.77 13.23
CA SER A 5 -6.48 19.25 13.98
C SER A 5 -5.80 18.12 13.22
N SER A 6 -4.56 17.81 13.61
CA SER A 6 -3.80 16.76 12.96
C SER A 6 -4.71 15.60 12.56
N GLY A 7 -4.48 15.08 11.35
CA GLY A 7 -5.29 13.97 10.87
C GLY A 7 -4.49 12.68 10.73
N ASP A 8 -4.87 11.85 9.76
CA ASP A 8 -4.19 10.59 9.53
C ASP A 8 -3.03 10.78 8.56
N SER A 9 -1.94 10.04 8.80
CA SER A 9 -0.76 10.12 7.96
C SER A 9 -0.99 9.41 6.62
N ILE A 10 -0.62 10.06 5.54
CA ILE A 10 -0.78 9.50 4.20
C ILE A 10 0.46 8.72 3.78
N VAL A 11 0.32 7.41 3.61
CA VAL A 11 1.44 6.58 3.21
C VAL A 11 1.30 6.13 1.74
N SER A 12 2.42 5.92 1.08
CA SER A 12 2.44 5.51 -0.31
C SER A 12 3.00 4.10 -0.46
N ALA A 13 2.32 3.27 -1.24
CA ALA A 13 2.76 1.89 -1.47
C ALA A 13 3.05 1.65 -2.95
N GLU A 14 4.00 0.76 -3.21
CA GLU A 14 4.38 0.44 -4.58
C GLU A 14 3.97 -0.99 -4.94
N ALA A 15 3.08 -1.11 -5.92
CA ALA A 15 2.60 -2.42 -6.35
C ALA A 15 3.75 -3.28 -6.84
N VAL A 16 4.13 -4.27 -6.02
CA VAL A 16 5.22 -5.18 -6.37
C VAL A 16 4.71 -6.35 -7.20
N TRP A 17 3.53 -6.83 -6.86
CA TRP A 17 2.94 -7.97 -7.57
C TRP A 17 1.55 -7.61 -8.10
N ASP A 18 1.45 -7.48 -9.41
CA ASP A 18 0.17 -7.13 -10.05
C ASP A 18 -1.00 -7.77 -9.31
N HIS A 19 -2.01 -6.98 -9.01
CA HIS A 19 -3.19 -7.46 -8.29
C HIS A 19 -4.38 -7.60 -9.24
N VAL A 20 -4.32 -8.60 -10.12
CA VAL A 20 -5.40 -8.83 -11.08
C VAL A 20 -6.64 -9.38 -10.39
N THR A 21 -7.61 -8.50 -10.13
CA THR A 21 -8.85 -8.91 -9.48
C THR A 21 -9.96 -9.13 -10.50
N MET A 22 -10.82 -10.10 -10.21
CA MET A 22 -11.93 -10.42 -11.10
C MET A 22 -13.21 -9.74 -10.64
N ALA A 23 -13.34 -9.54 -9.33
CA ALA A 23 -14.52 -8.90 -8.76
C ALA A 23 -14.93 -7.68 -9.57
N ASN A 24 -16.14 -7.20 -9.33
CA ASN A 24 -16.66 -6.04 -10.03
C ASN A 24 -15.59 -4.95 -10.14
N ARG A 25 -15.79 -4.02 -11.07
CA ARG A 25 -14.85 -2.93 -11.27
C ARG A 25 -14.23 -2.49 -9.95
N GLU A 26 -13.03 -3.00 -9.67
CA GLU A 26 -12.33 -2.66 -8.43
C GLU A 26 -10.94 -2.10 -8.72
N LEU A 27 -10.37 -1.42 -7.75
CA LEU A 27 -9.04 -0.83 -7.90
C LEU A 27 -8.05 -1.86 -8.41
N ALA A 28 -7.68 -1.75 -9.68
CA ALA A 28 -6.73 -2.68 -10.29
C ALA A 28 -5.44 -1.96 -10.69
N PHE A 29 -4.31 -2.64 -10.54
CA PHE A 29 -3.02 -2.06 -10.88
C PHE A 29 -2.04 -3.15 -11.30
N LYS A 30 -0.88 -2.73 -11.81
CA LYS A 30 0.15 -3.67 -12.25
C LYS A 30 1.49 -3.33 -11.61
N ALA A 31 2.36 -4.33 -11.50
CA ALA A 31 3.68 -4.13 -10.92
C ALA A 31 4.33 -2.86 -11.45
N GLY A 32 4.43 -1.84 -10.59
CA GLY A 32 5.03 -0.59 -11.00
C GLY A 32 4.15 0.61 -10.67
N ASP A 33 2.84 0.41 -10.73
CA ASP A 33 1.89 1.49 -10.43
C ASP A 33 1.99 1.91 -8.98
N VAL A 34 1.84 3.21 -8.73
CA VAL A 34 1.91 3.75 -7.38
C VAL A 34 0.52 4.10 -6.86
N ILE A 35 0.23 3.66 -5.63
CA ILE A 35 -1.06 3.93 -5.02
C ILE A 35 -0.90 4.80 -3.78
N LYS A 36 -1.90 5.64 -3.53
CA LYS A 36 -1.88 6.52 -2.36
C LYS A 36 -2.88 6.07 -1.31
N VAL A 37 -2.36 5.50 -0.22
CA VAL A 37 -3.22 5.02 0.86
C VAL A 37 -3.88 6.18 1.59
N LEU A 38 -5.21 6.22 1.55
CA LEU A 38 -5.96 7.28 2.20
C LEU A 38 -6.34 6.87 3.63
N ASP A 39 -6.93 5.69 3.76
CA ASP A 39 -7.34 5.19 5.06
C ASP A 39 -6.77 3.79 5.30
N ALA A 40 -5.74 3.70 6.13
CA ALA A 40 -5.11 2.43 6.45
C ALA A 40 -5.84 1.73 7.59
N SER A 41 -7.16 1.69 7.51
CA SER A 41 -7.98 1.05 8.54
C SER A 41 -7.25 -0.16 9.12
N ASN A 42 -6.99 -1.15 8.27
CA ASN A 42 -6.31 -2.37 8.70
C ASN A 42 -5.59 -3.03 7.53
N LYS A 43 -4.63 -3.90 7.84
CA LYS A 43 -3.87 -4.59 6.82
C LYS A 43 -4.78 -5.51 6.00
N ASP A 44 -6.03 -5.64 6.43
CA ASP A 44 -7.00 -6.48 5.74
C ASP A 44 -7.61 -5.74 4.55
N TRP A 45 -8.04 -4.50 4.80
CA TRP A 45 -8.66 -3.69 3.75
C TRP A 45 -8.09 -2.28 3.77
N TRP A 46 -7.34 -1.93 2.71
CA TRP A 46 -6.74 -0.61 2.60
C TRP A 46 -7.20 0.09 1.34
N TRP A 47 -7.61 1.34 1.47
CA TRP A 47 -8.08 2.13 0.34
C TRP A 47 -6.91 2.76 -0.41
N GLY A 48 -6.92 2.64 -1.73
CA GLY A 48 -5.85 3.20 -2.53
C GLY A 48 -6.34 4.26 -3.50
N GLN A 49 -5.50 5.25 -3.76
CA GLN A 49 -5.86 6.34 -4.67
C GLN A 49 -4.88 6.41 -5.84
N ILE A 50 -5.40 6.15 -7.05
CA ILE A 50 -4.57 6.20 -8.25
C ILE A 50 -4.95 7.38 -9.13
N ASP A 51 -4.00 7.84 -9.94
CA ASP A 51 -4.24 8.95 -10.84
C ASP A 51 -5.68 8.98 -11.32
N ASP A 52 -6.11 7.88 -11.94
CA ASP A 52 -7.47 7.76 -12.45
C ASP A 52 -8.25 6.70 -11.68
N GLU A 53 -7.59 5.59 -11.39
CA GLU A 53 -8.22 4.49 -10.66
C GLU A 53 -8.40 4.86 -9.18
N GLU A 54 -9.48 4.34 -8.59
CA GLU A 54 -9.76 4.62 -7.18
C GLU A 54 -10.67 3.54 -6.59
N GLY A 55 -10.22 2.93 -5.50
CA GLY A 55 -11.00 1.89 -4.85
C GLY A 55 -10.25 1.21 -3.73
N TRP A 56 -10.54 -0.06 -3.50
CA TRP A 56 -9.88 -0.82 -2.44
C TRP A 56 -8.77 -1.70 -3.00
N PHE A 57 -7.66 -1.77 -2.29
CA PHE A 57 -6.51 -2.57 -2.72
C PHE A 57 -5.96 -3.38 -1.55
N PRO A 58 -5.34 -4.53 -1.88
CA PRO A 58 -4.74 -5.42 -0.88
C PRO A 58 -3.50 -4.81 -0.24
N ALA A 59 -3.45 -4.86 1.09
CA ALA A 59 -2.32 -4.31 1.83
C ALA A 59 -1.19 -5.34 1.95
N SER A 60 -1.44 -6.55 1.42
CA SER A 60 -0.45 -7.62 1.47
C SER A 60 0.26 -7.76 0.13
N PHE A 61 -0.32 -7.16 -0.90
CA PHE A 61 0.25 -7.23 -2.24
C PHE A 61 0.89 -5.89 -2.64
N VAL A 62 1.53 -5.24 -1.66
CA VAL A 62 2.17 -3.96 -1.89
C VAL A 62 3.27 -3.70 -0.87
N ARG A 63 4.26 -2.91 -1.26
CA ARG A 63 5.37 -2.57 -0.37
C ARG A 63 5.26 -1.14 0.12
N LEU A 64 5.27 -0.97 1.43
CA LEU A 64 5.17 0.37 2.03
C LEU A 64 6.37 1.23 1.63
N TRP A 65 6.17 2.54 1.66
CA TRP A 65 7.22 3.48 1.29
C TRP A 65 8.11 3.78 2.50
N VAL A 66 8.16 2.87 3.45
CA VAL A 66 8.96 3.04 4.64
C VAL A 66 9.85 1.82 4.89
N ASN A 67 11.06 2.07 5.39
CA ASN A 67 12.00 0.99 5.67
C ASN A 67 11.47 0.09 6.78
N GLN A 68 11.80 -1.20 6.70
CA GLN A 68 11.37 -2.16 7.70
C GLN A 68 12.47 -3.17 8.00
N GLU A 69 12.30 -3.91 9.09
CA GLU A 69 13.29 -4.91 9.49
C GLU A 69 13.24 -6.12 8.57
N ASP A 70 14.39 -6.44 7.98
CA ASP A 70 14.49 -7.59 7.07
C ASP A 70 14.88 -8.85 7.82
N GLU A 71 14.16 -9.94 7.58
CA GLU A 71 14.44 -11.21 8.23
C GLU A 71 15.63 -11.91 7.57
N VAL A 72 15.96 -13.09 8.08
CA VAL A 72 17.09 -13.86 7.56
C VAL A 72 16.75 -14.46 6.19
N GLU A 73 17.68 -14.34 5.25
CA GLU A 73 17.48 -14.86 3.90
C GLU A 73 18.54 -15.91 3.56
N GLU A 74 18.37 -16.55 2.41
CA GLU A 74 19.31 -17.57 1.97
C GLU A 74 19.49 -17.53 0.46
N GLY A 75 20.38 -18.37 -0.06
CA GLY A 75 20.63 -18.42 -1.49
C GLY A 75 21.75 -19.37 -1.85
N SER A 76 21.77 -19.80 -3.11
CA SER A 76 22.79 -20.72 -3.58
C SER A 76 22.81 -20.78 -5.11
N GLY A 77 23.76 -21.53 -5.66
CA GLY A 77 23.87 -21.66 -7.10
C GLY A 77 24.84 -22.73 -7.52
N PRO A 78 24.37 -23.99 -7.55
CA PRO A 78 25.18 -25.14 -7.93
C PRO A 78 25.54 -25.14 -9.41
N SER A 79 26.19 -26.20 -9.87
CA SER A 79 26.59 -26.32 -11.27
C SER A 79 26.61 -27.78 -11.70
N SER A 80 26.68 -28.00 -13.02
CA SER A 80 26.72 -29.35 -13.56
C SER A 80 27.26 -29.34 -14.99
N GLY A 81 27.39 -30.53 -15.57
CA GLY A 81 27.90 -30.64 -16.93
C GLY A 81 28.83 -31.83 -17.11
N GLY A 1 -5.45 30.81 15.34
CA GLY A 1 -4.94 30.84 13.99
C GLY A 1 -5.37 29.62 13.18
N SER A 2 -4.40 28.82 12.76
CA SER A 2 -4.68 27.62 11.99
C SER A 2 -4.58 26.38 12.85
N SER A 3 -5.05 25.25 12.31
CA SER A 3 -5.02 23.98 13.04
C SER A 3 -4.53 22.85 12.13
N GLY A 4 -3.68 21.99 12.69
CA GLY A 4 -3.15 20.88 11.92
C GLY A 4 -3.62 19.54 12.44
N SER A 5 -3.94 18.63 11.52
CA SER A 5 -4.42 17.30 11.90
C SER A 5 -3.24 16.39 12.27
N SER A 6 -2.90 16.38 13.56
CA SER A 6 -1.80 15.56 14.04
C SER A 6 -2.27 14.13 14.34
N GLY A 7 -1.73 13.17 13.60
CA GLY A 7 -2.11 11.79 13.78
C GLY A 7 -1.98 10.97 12.52
N ASP A 8 -3.06 10.86 11.77
CA ASP A 8 -3.08 10.10 10.52
C ASP A 8 -1.98 10.60 9.59
N SER A 9 -1.56 9.73 8.67
CA SER A 9 -0.52 10.08 7.71
C SER A 9 -0.83 9.49 6.33
N ILE A 10 -0.42 10.19 5.29
CA ILE A 10 -0.64 9.73 3.92
C ILE A 10 0.62 9.08 3.34
N VAL A 11 0.58 7.76 3.21
CA VAL A 11 1.71 7.01 2.67
C VAL A 11 1.44 6.56 1.25
N SER A 12 2.48 6.09 0.58
CA SER A 12 2.36 5.62 -0.80
C SER A 12 2.95 4.22 -0.96
N ALA A 13 2.20 3.33 -1.58
CA ALA A 13 2.66 1.95 -1.80
C ALA A 13 2.92 1.69 -3.27
N GLU A 14 3.94 0.89 -3.56
CA GLU A 14 4.30 0.56 -4.93
C GLU A 14 3.96 -0.89 -5.24
N ALA A 15 3.03 -1.08 -6.17
CA ALA A 15 2.60 -2.42 -6.57
C ALA A 15 3.80 -3.26 -7.03
N VAL A 16 4.24 -4.17 -6.16
CA VAL A 16 5.38 -5.02 -6.48
C VAL A 16 4.93 -6.23 -7.29
N TRP A 17 3.72 -6.70 -7.04
CA TRP A 17 3.17 -7.85 -7.76
C TRP A 17 1.80 -7.53 -8.34
N ASP A 18 1.66 -7.70 -9.65
CA ASP A 18 0.40 -7.44 -10.32
C ASP A 18 -0.76 -8.10 -9.58
N HIS A 19 -1.86 -7.36 -9.43
CA HIS A 19 -3.04 -7.89 -8.74
C HIS A 19 -4.28 -7.79 -9.64
N VAL A 20 -4.41 -8.73 -10.57
CA VAL A 20 -5.54 -8.76 -11.48
C VAL A 20 -6.80 -9.26 -10.78
N THR A 21 -7.96 -8.89 -11.33
CA THR A 21 -9.23 -9.30 -10.75
C THR A 21 -10.40 -8.87 -11.65
N MET A 22 -11.45 -9.68 -11.66
CA MET A 22 -12.62 -9.38 -12.48
C MET A 22 -13.68 -8.66 -11.65
N ALA A 23 -13.26 -7.61 -10.94
CA ALA A 23 -14.17 -6.83 -10.12
C ALA A 23 -13.87 -5.34 -10.20
N ASN A 24 -14.78 -4.59 -10.80
CA ASN A 24 -14.61 -3.15 -10.96
C ASN A 24 -14.36 -2.49 -9.61
N ARG A 25 -15.19 -2.82 -8.62
CA ARG A 25 -15.05 -2.25 -7.29
C ARG A 25 -13.63 -2.42 -6.76
N GLU A 26 -13.10 -3.63 -6.90
CA GLU A 26 -11.75 -3.92 -6.45
C GLU A 26 -10.72 -3.11 -7.22
N LEU A 27 -9.75 -2.55 -6.50
CA LEU A 27 -8.70 -1.76 -7.14
C LEU A 27 -7.67 -2.65 -7.82
N ALA A 28 -7.72 -2.68 -9.15
CA ALA A 28 -6.79 -3.48 -9.94
C ALA A 28 -5.61 -2.65 -10.42
N PHE A 29 -4.52 -3.32 -10.75
CA PHE A 29 -3.32 -2.64 -11.23
C PHE A 29 -2.27 -3.65 -11.70
N LYS A 30 -1.12 -3.14 -12.13
CA LYS A 30 -0.04 -3.99 -12.61
C LYS A 30 1.30 -3.57 -11.98
N ALA A 31 2.14 -4.56 -11.70
CA ALA A 31 3.44 -4.29 -11.10
C ALA A 31 4.04 -2.99 -11.64
N GLY A 32 4.42 -2.10 -10.72
CA GLY A 32 5.00 -0.83 -11.13
C GLY A 32 4.12 0.34 -10.74
N ASP A 33 2.81 0.17 -10.86
CA ASP A 33 1.86 1.22 -10.53
C ASP A 33 1.94 1.57 -9.04
N VAL A 34 1.74 2.85 -8.73
CA VAL A 34 1.80 3.32 -7.36
C VAL A 34 0.41 3.72 -6.86
N ILE A 35 0.10 3.35 -5.62
CA ILE A 35 -1.19 3.67 -5.02
C ILE A 35 -1.02 4.57 -3.80
N LYS A 36 -1.89 5.58 -3.69
CA LYS A 36 -1.83 6.50 -2.56
C LYS A 36 -2.88 6.13 -1.51
N VAL A 37 -2.42 5.50 -0.43
CA VAL A 37 -3.31 5.09 0.65
C VAL A 37 -4.00 6.30 1.27
N LEU A 38 -5.33 6.22 1.39
CA LEU A 38 -6.11 7.30 1.97
C LEU A 38 -6.43 7.02 3.44
N ASP A 39 -6.92 5.81 3.70
CA ASP A 39 -7.27 5.43 5.06
C ASP A 39 -6.91 3.97 5.31
N ALA A 40 -6.38 3.68 6.50
CA ALA A 40 -6.00 2.32 6.86
C ALA A 40 -6.57 1.93 8.22
N SER A 41 -7.85 1.56 8.22
CA SER A 41 -8.52 1.18 9.46
C SER A 41 -8.31 -0.31 9.74
N ASN A 42 -8.71 -1.15 8.79
CA ASN A 42 -8.57 -2.60 8.93
C ASN A 42 -7.11 -2.98 9.16
N LYS A 43 -6.85 -4.28 9.21
CA LYS A 43 -5.50 -4.78 9.43
C LYS A 43 -4.72 -4.81 8.12
N ASP A 44 -5.21 -5.57 7.15
CA ASP A 44 -4.56 -5.68 5.85
C ASP A 44 -5.52 -5.30 4.73
N TRP A 45 -6.33 -4.28 4.96
CA TRP A 45 -7.29 -3.82 3.98
C TRP A 45 -7.44 -2.30 4.01
N TRP A 46 -6.89 -1.63 3.00
CA TRP A 46 -6.95 -0.18 2.92
C TRP A 46 -7.39 0.27 1.54
N TRP A 47 -7.97 1.47 1.46
CA TRP A 47 -8.44 2.00 0.19
C TRP A 47 -7.28 2.60 -0.61
N GLY A 48 -7.30 2.39 -1.92
CA GLY A 48 -6.25 2.91 -2.76
C GLY A 48 -6.74 4.01 -3.69
N GLN A 49 -5.89 5.00 -3.94
CA GLN A 49 -6.25 6.11 -4.81
C GLN A 49 -5.21 6.29 -5.92
N ILE A 50 -5.63 6.07 -7.16
CA ILE A 50 -4.74 6.21 -8.30
C ILE A 50 -5.19 7.34 -9.21
N ASP A 51 -4.24 7.90 -9.95
CA ASP A 51 -4.54 8.99 -10.88
C ASP A 51 -5.95 8.86 -11.45
N ASP A 52 -6.24 7.69 -12.01
CA ASP A 52 -7.55 7.42 -12.59
C ASP A 52 -8.23 6.24 -11.91
N GLU A 53 -7.44 5.24 -11.56
CA GLU A 53 -7.96 4.05 -10.90
C GLU A 53 -8.33 4.35 -9.44
N GLU A 54 -9.39 3.71 -8.96
CA GLU A 54 -9.84 3.92 -7.59
C GLU A 54 -10.54 2.67 -7.05
N GLY A 55 -10.39 2.42 -5.76
CA GLY A 55 -11.01 1.27 -5.15
C GLY A 55 -10.20 0.72 -4.00
N TRP A 56 -10.41 -0.55 -3.67
CA TRP A 56 -9.70 -1.21 -2.58
C TRP A 56 -8.51 -2.02 -3.11
N PHE A 57 -7.33 -1.76 -2.55
CA PHE A 57 -6.12 -2.47 -2.97
C PHE A 57 -5.54 -3.26 -1.81
N PRO A 58 -4.99 -4.44 -2.12
CA PRO A 58 -4.37 -5.31 -1.11
C PRO A 58 -3.06 -4.74 -0.56
N ALA A 59 -2.91 -4.78 0.75
CA ALA A 59 -1.72 -4.27 1.40
C ALA A 59 -0.61 -5.33 1.43
N SER A 60 -1.01 -6.59 1.50
CA SER A 60 -0.06 -7.70 1.55
C SER A 60 0.52 -7.96 0.16
N PHE A 61 0.12 -7.14 -0.81
CA PHE A 61 0.60 -7.29 -2.18
C PHE A 61 1.39 -6.06 -2.61
N VAL A 62 1.52 -5.10 -1.71
CA VAL A 62 2.25 -3.87 -2.00
C VAL A 62 3.35 -3.62 -0.97
N ARG A 63 4.35 -2.83 -1.34
CA ARG A 63 5.46 -2.53 -0.45
C ARG A 63 5.38 -1.08 0.03
N LEU A 64 5.10 -0.89 1.31
CA LEU A 64 5.00 0.43 1.90
C LEU A 64 6.33 1.19 1.76
N TRP A 65 6.24 2.50 1.56
CA TRP A 65 7.43 3.34 1.42
C TRP A 65 7.91 3.82 2.78
N VAL A 66 7.69 3.01 3.81
CA VAL A 66 8.11 3.36 5.16
C VAL A 66 9.08 2.32 5.73
N ASN A 67 10.10 2.80 6.43
CA ASN A 67 11.09 1.91 7.02
C ASN A 67 10.74 1.58 8.47
N GLN A 68 9.46 1.33 8.71
CA GLN A 68 8.98 1.01 10.05
C GLN A 68 9.46 -0.38 10.47
N GLU A 69 10.22 -0.43 11.56
CA GLU A 69 10.74 -1.70 12.07
C GLU A 69 9.60 -2.62 12.50
N ASP A 70 9.48 -3.75 11.82
CA ASP A 70 8.43 -4.72 12.14
C ASP A 70 9.04 -6.07 12.52
N GLU A 71 8.18 -7.01 12.92
CA GLU A 71 8.63 -8.34 13.31
C GLU A 71 8.59 -9.30 12.12
N VAL A 72 9.40 -10.35 12.19
CA VAL A 72 9.46 -11.34 11.12
C VAL A 72 9.17 -12.73 11.65
N GLU A 73 8.38 -13.50 10.89
CA GLU A 73 8.03 -14.86 11.28
C GLU A 73 8.18 -15.82 10.12
N GLU A 74 9.18 -16.69 10.20
CA GLU A 74 9.44 -17.67 9.15
C GLU A 74 8.56 -18.90 9.33
N GLY A 75 8.65 -19.83 8.38
CA GLY A 75 7.86 -21.05 8.45
C GLY A 75 8.40 -22.14 7.53
N SER A 76 7.66 -23.24 7.46
CA SER A 76 8.06 -24.36 6.60
C SER A 76 6.87 -25.27 6.29
N GLY A 77 7.13 -26.32 5.53
CA GLY A 77 6.07 -27.24 5.17
C GLY A 77 6.60 -28.61 4.77
N PRO A 78 5.82 -29.66 5.09
CA PRO A 78 6.21 -31.04 4.77
C PRO A 78 6.15 -31.33 3.27
N SER A 79 6.35 -32.58 2.91
CA SER A 79 6.33 -32.99 1.51
C SER A 79 5.47 -34.24 1.32
N SER A 80 5.35 -34.68 0.07
CA SER A 80 4.55 -35.85 -0.25
C SER A 80 5.26 -36.73 -1.28
N GLY A 81 4.65 -37.87 -1.60
CA GLY A 81 5.25 -38.77 -2.56
C GLY A 81 4.55 -38.72 -3.92
N GLY A 1 -3.91 30.46 18.86
CA GLY A 1 -2.52 30.18 18.53
C GLY A 1 -2.02 28.91 19.19
N SER A 2 -2.53 27.77 18.73
CA SER A 2 -2.13 26.48 19.30
C SER A 2 -2.22 25.37 18.25
N SER A 3 -1.27 24.46 18.27
CA SER A 3 -1.24 23.35 17.32
C SER A 3 -2.17 22.23 17.76
N GLY A 4 -2.49 21.34 16.84
CA GLY A 4 -3.37 20.23 17.14
C GLY A 4 -2.85 18.91 16.61
N SER A 5 -2.31 18.94 15.40
CA SER A 5 -1.78 17.73 14.77
C SER A 5 -0.25 17.76 14.75
N SER A 6 0.35 16.58 14.64
CA SER A 6 1.80 16.46 14.61
C SER A 6 2.33 16.68 13.19
N GLY A 7 1.86 15.86 12.26
CA GLY A 7 2.30 15.98 10.88
C GLY A 7 2.18 14.67 10.12
N ASP A 8 0.95 14.31 9.77
CA ASP A 8 0.70 13.07 9.04
C ASP A 8 1.10 13.22 7.57
N SER A 9 2.32 12.80 7.25
CA SER A 9 2.82 12.90 5.88
C SER A 9 2.01 12.00 4.95
N ILE A 10 2.41 11.96 3.68
CA ILE A 10 1.73 11.14 2.68
C ILE A 10 2.43 9.80 2.51
N VAL A 11 1.66 8.72 2.58
CA VAL A 11 2.20 7.37 2.43
C VAL A 11 1.62 6.69 1.21
N SER A 12 2.49 6.19 0.35
CA SER A 12 2.07 5.50 -0.86
C SER A 12 2.64 4.08 -0.92
N ALA A 13 1.87 3.17 -1.48
CA ALA A 13 2.29 1.77 -1.60
C ALA A 13 2.69 1.44 -3.03
N GLU A 14 3.73 0.62 -3.17
CA GLU A 14 4.23 0.23 -4.49
C GLU A 14 3.83 -1.20 -4.81
N ALA A 15 2.93 -1.37 -5.78
CA ALA A 15 2.47 -2.69 -6.17
C ALA A 15 3.63 -3.54 -6.66
N VAL A 16 4.06 -4.48 -5.83
CA VAL A 16 5.16 -5.38 -6.17
C VAL A 16 4.65 -6.66 -6.82
N TRP A 17 3.41 -7.01 -6.52
CA TRP A 17 2.80 -8.21 -7.07
C TRP A 17 1.59 -7.87 -7.93
N ASP A 18 1.61 -8.33 -9.18
CA ASP A 18 0.50 -8.07 -10.11
C ASP A 18 -0.83 -8.46 -9.49
N HIS A 19 -1.72 -7.48 -9.34
CA HIS A 19 -3.04 -7.73 -8.77
C HIS A 19 -4.13 -7.59 -9.83
N VAL A 20 -4.21 -8.58 -10.72
CA VAL A 20 -5.21 -8.58 -11.77
C VAL A 20 -6.51 -9.25 -11.31
N THR A 21 -7.62 -8.82 -11.90
CA THR A 21 -8.92 -9.37 -11.54
C THR A 21 -9.96 -9.06 -12.61
N MET A 22 -10.70 -10.08 -13.03
CA MET A 22 -11.73 -9.90 -14.05
C MET A 22 -12.72 -8.82 -13.65
N ALA A 23 -13.10 -8.81 -12.38
CA ALA A 23 -14.04 -7.82 -11.86
C ALA A 23 -13.63 -6.41 -12.28
N ASN A 24 -14.52 -5.45 -12.05
CA ASN A 24 -14.24 -4.06 -12.39
C ASN A 24 -14.03 -3.21 -11.14
N ARG A 25 -14.95 -3.36 -10.18
CA ARG A 25 -14.86 -2.61 -8.93
C ARG A 25 -13.53 -2.89 -8.22
N GLU A 26 -13.23 -4.17 -8.02
CA GLU A 26 -12.00 -4.55 -7.35
C GLU A 26 -10.80 -3.82 -7.93
N LEU A 27 -10.33 -2.81 -7.22
CA LEU A 27 -9.18 -2.01 -7.67
C LEU A 27 -8.10 -2.91 -8.28
N ALA A 28 -7.98 -2.87 -9.59
CA ALA A 28 -6.98 -3.67 -10.29
C ALA A 28 -5.84 -2.80 -10.81
N PHE A 29 -4.63 -3.35 -10.77
CA PHE A 29 -3.45 -2.62 -11.23
C PHE A 29 -2.36 -3.59 -11.68
N LYS A 30 -1.22 -3.04 -12.09
CA LYS A 30 -0.10 -3.85 -12.56
C LYS A 30 1.17 -3.52 -11.76
N ALA A 31 1.87 -4.56 -11.33
CA ALA A 31 3.11 -4.39 -10.57
C ALA A 31 3.85 -3.15 -11.03
N GLY A 32 3.83 -2.10 -10.21
CA GLY A 32 4.52 -0.87 -10.54
C GLY A 32 3.65 0.36 -10.33
N ASP A 33 2.35 0.18 -10.46
CA ASP A 33 1.40 1.28 -10.27
C ASP A 33 1.47 1.82 -8.84
N VAL A 34 1.44 3.14 -8.71
CA VAL A 34 1.50 3.78 -7.40
C VAL A 34 0.10 4.07 -6.87
N ILE A 35 -0.14 3.66 -5.62
CA ILE A 35 -1.44 3.87 -4.99
C ILE A 35 -1.30 4.65 -3.69
N LYS A 36 -1.92 5.82 -3.64
CA LYS A 36 -1.86 6.66 -2.44
C LYS A 36 -2.70 6.06 -1.32
N VAL A 37 -2.09 5.92 -0.14
CA VAL A 37 -2.78 5.36 1.01
C VAL A 37 -3.36 6.47 1.89
N LEU A 38 -4.65 6.76 1.71
CA LEU A 38 -5.32 7.79 2.48
C LEU A 38 -5.27 7.47 3.97
N ASP A 39 -5.37 6.19 4.31
CA ASP A 39 -5.32 5.76 5.70
C ASP A 39 -5.23 4.24 5.80
N ALA A 40 -4.13 3.76 6.37
CA ALA A 40 -3.92 2.32 6.53
C ALA A 40 -4.36 1.85 7.91
N SER A 41 -5.34 2.54 8.48
CA SER A 41 -5.85 2.19 9.80
C SER A 41 -6.76 0.96 9.72
N ASN A 42 -7.55 0.89 8.66
CA ASN A 42 -8.47 -0.24 8.47
C ASN A 42 -7.72 -1.56 8.59
N LYS A 43 -8.46 -2.66 8.39
CA LYS A 43 -7.87 -3.99 8.47
C LYS A 43 -6.88 -4.22 7.33
N ASP A 44 -6.36 -5.45 7.24
CA ASP A 44 -5.42 -5.80 6.20
C ASP A 44 -5.74 -5.06 4.90
N TRP A 45 -7.03 -4.87 4.64
CA TRP A 45 -7.47 -4.18 3.43
C TRP A 45 -7.64 -2.69 3.69
N TRP A 46 -6.75 -1.89 3.10
CA TRP A 46 -6.81 -0.44 3.27
C TRP A 46 -7.37 0.24 2.02
N TRP A 47 -7.73 1.50 2.15
CA TRP A 47 -8.29 2.25 1.02
C TRP A 47 -7.20 3.08 0.34
N GLY A 48 -7.00 2.81 -0.95
CA GLY A 48 -5.98 3.54 -1.70
C GLY A 48 -6.59 4.53 -2.68
N GLN A 49 -5.75 5.40 -3.24
CA GLN A 49 -6.20 6.40 -4.18
C GLN A 49 -5.33 6.40 -5.43
N ILE A 50 -5.93 6.08 -6.58
CA ILE A 50 -5.22 6.05 -7.84
C ILE A 50 -5.54 7.27 -8.69
N ASP A 51 -4.62 7.63 -9.58
CA ASP A 51 -4.81 8.78 -10.45
C ASP A 51 -6.28 8.96 -10.80
N ASP A 52 -6.84 7.97 -11.49
CA ASP A 52 -8.24 8.01 -11.88
C ASP A 52 -8.96 6.73 -11.51
N GLU A 53 -8.43 6.02 -10.52
CA GLU A 53 -9.02 4.76 -10.08
C GLU A 53 -9.21 4.76 -8.56
N GLU A 54 -10.21 4.02 -8.10
CA GLU A 54 -10.51 3.94 -6.67
C GLU A 54 -11.10 2.57 -6.32
N GLY A 55 -10.91 2.15 -5.07
CA GLY A 55 -11.43 0.87 -4.63
C GLY A 55 -10.69 0.33 -3.43
N TRP A 56 -10.22 -0.91 -3.52
CA TRP A 56 -9.50 -1.54 -2.43
C TRP A 56 -8.31 -2.33 -2.94
N PHE A 57 -7.13 -2.06 -2.39
CA PHE A 57 -5.91 -2.75 -2.80
C PHE A 57 -5.35 -3.59 -1.66
N PRO A 58 -4.77 -4.75 -2.01
CA PRO A 58 -4.18 -5.65 -1.02
C PRO A 58 -2.91 -5.09 -0.39
N ALA A 59 -2.85 -5.11 0.94
CA ALA A 59 -1.69 -4.61 1.65
C ALA A 59 -0.58 -5.65 1.71
N SER A 60 -0.96 -6.91 1.57
CA SER A 60 -0.01 -8.02 1.62
C SER A 60 0.63 -8.24 0.25
N PHE A 61 0.13 -7.52 -0.76
CA PHE A 61 0.65 -7.64 -2.11
C PHE A 61 1.40 -6.37 -2.52
N VAL A 62 1.37 -5.37 -1.65
CA VAL A 62 2.04 -4.10 -1.92
C VAL A 62 3.08 -3.80 -0.87
N ARG A 63 4.18 -3.16 -1.29
CA ARG A 63 5.26 -2.81 -0.37
C ARG A 63 5.19 -1.34 0.02
N LEU A 64 5.02 -1.09 1.31
CA LEU A 64 4.93 0.28 1.82
C LEU A 64 6.13 1.10 1.37
N TRP A 65 5.93 2.41 1.24
CA TRP A 65 7.01 3.30 0.82
C TRP A 65 7.97 3.58 1.97
N VAL A 66 7.42 4.08 3.07
CA VAL A 66 8.23 4.39 4.25
C VAL A 66 8.18 3.24 5.26
N ASN A 67 9.29 3.03 5.95
CA ASN A 67 9.38 1.96 6.96
C ASN A 67 8.06 1.80 7.69
N GLN A 68 7.65 0.55 7.89
CA GLN A 68 6.40 0.26 8.58
C GLN A 68 6.36 -1.19 9.05
N GLU A 69 5.75 -1.42 10.21
CA GLU A 69 5.66 -2.75 10.78
C GLU A 69 6.99 -3.47 10.70
N ASP A 70 8.05 -2.78 11.10
CA ASP A 70 9.40 -3.35 11.08
C ASP A 70 9.54 -4.45 12.13
N GLU A 71 10.10 -5.58 11.72
CA GLU A 71 10.28 -6.72 12.62
C GLU A 71 11.32 -6.38 13.70
N VAL A 72 10.84 -6.05 14.89
CA VAL A 72 11.73 -5.71 16.00
C VAL A 72 12.36 -6.96 16.59
N GLU A 73 13.65 -6.88 16.91
CA GLU A 73 14.37 -8.00 17.49
C GLU A 73 13.91 -8.26 18.92
N GLU A 74 14.10 -9.50 19.39
CA GLU A 74 13.70 -9.87 20.74
C GLU A 74 14.90 -9.83 21.69
N GLY A 75 15.01 -8.75 22.45
CA GLY A 75 16.10 -8.60 23.38
C GLY A 75 15.64 -8.15 24.76
N SER A 76 15.23 -9.10 25.59
CA SER A 76 14.76 -8.80 26.92
C SER A 76 14.85 -10.03 27.83
N GLY A 77 15.10 -9.79 29.12
CA GLY A 77 15.20 -10.89 30.07
C GLY A 77 13.95 -11.05 30.90
N PRO A 78 13.65 -12.30 31.28
CA PRO A 78 12.47 -12.61 32.10
C PRO A 78 12.60 -12.10 33.53
N SER A 79 11.71 -11.19 33.91
CA SER A 79 11.74 -10.62 35.26
C SER A 79 11.54 -11.70 36.31
N SER A 80 10.45 -12.45 36.19
CA SER A 80 10.14 -13.52 37.13
C SER A 80 11.41 -14.22 37.59
N GLY A 81 11.51 -14.46 38.90
CA GLY A 81 12.68 -15.11 39.44
C GLY A 81 12.61 -15.27 40.95
N GLY A 1 -18.04 12.30 14.80
CA GLY A 1 -16.93 12.49 15.71
C GLY A 1 -16.34 13.89 15.59
N SER A 2 -16.00 14.29 14.37
CA SER A 2 -15.42 15.60 14.12
C SER A 2 -14.15 15.79 14.96
N SER A 3 -13.33 14.75 15.02
CA SER A 3 -12.09 14.81 15.79
C SER A 3 -11.23 13.57 15.55
N GLY A 4 -9.92 13.76 15.46
CA GLY A 4 -9.02 12.66 15.22
C GLY A 4 -7.60 12.96 15.67
N SER A 5 -7.00 12.02 16.39
CA SER A 5 -5.64 12.20 16.89
C SER A 5 -4.79 12.97 15.88
N SER A 6 -4.42 14.19 16.24
CA SER A 6 -3.61 15.03 15.37
C SER A 6 -2.43 14.25 14.80
N GLY A 7 -2.58 13.75 13.58
CA GLY A 7 -1.52 12.99 12.95
C GLY A 7 -2.02 12.18 11.76
N ASP A 8 -1.86 12.73 10.56
CA ASP A 8 -2.30 12.05 9.34
C ASP A 8 -1.17 11.98 8.32
N SER A 9 -0.24 11.04 8.53
CA SER A 9 0.89 10.86 7.62
C SER A 9 0.46 10.15 6.35
N ILE A 10 0.82 10.73 5.21
CA ILE A 10 0.48 10.15 3.92
C ILE A 10 1.48 9.06 3.52
N VAL A 11 0.99 7.83 3.39
CA VAL A 11 1.84 6.71 3.02
C VAL A 11 1.57 6.27 1.58
N SER A 12 2.64 5.95 0.86
CA SER A 12 2.53 5.51 -0.52
C SER A 12 3.14 4.13 -0.72
N ALA A 13 2.37 3.22 -1.32
CA ALA A 13 2.83 1.87 -1.56
C ALA A 13 3.14 1.65 -3.03
N GLU A 14 3.96 0.65 -3.34
CA GLU A 14 4.33 0.34 -4.71
C GLU A 14 3.93 -1.10 -5.07
N ALA A 15 3.06 -1.22 -6.07
CA ALA A 15 2.60 -2.53 -6.51
C ALA A 15 3.78 -3.39 -6.99
N VAL A 16 4.15 -4.38 -6.20
CA VAL A 16 5.25 -5.27 -6.54
C VAL A 16 4.77 -6.45 -7.37
N TRP A 17 3.55 -6.91 -7.10
CA TRP A 17 2.97 -8.03 -7.81
C TRP A 17 1.61 -7.66 -8.41
N ASP A 18 1.45 -7.91 -9.71
CA ASP A 18 0.21 -7.60 -10.40
C ASP A 18 -0.99 -8.25 -9.70
N HIS A 19 -1.89 -7.42 -9.20
CA HIS A 19 -3.08 -7.91 -8.51
C HIS A 19 -4.27 -8.00 -9.46
N VAL A 20 -4.12 -8.82 -10.51
CA VAL A 20 -5.18 -9.00 -11.48
C VAL A 20 -6.48 -9.44 -10.82
N THR A 21 -7.49 -8.57 -10.86
CA THR A 21 -8.78 -8.87 -10.27
C THR A 21 -9.92 -8.50 -11.20
N MET A 22 -10.91 -9.38 -11.31
CA MET A 22 -12.06 -9.14 -12.18
C MET A 22 -13.24 -8.59 -11.37
N ALA A 23 -13.00 -7.52 -10.64
CA ALA A 23 -14.04 -6.89 -9.83
C ALA A 23 -14.03 -5.38 -9.98
N ASN A 24 -15.17 -4.75 -9.73
CA ASN A 24 -15.29 -3.31 -9.84
C ASN A 24 -14.84 -2.63 -8.55
N ARG A 25 -15.42 -3.03 -7.43
CA ARG A 25 -15.07 -2.46 -6.14
C ARG A 25 -13.57 -2.56 -5.89
N GLU A 26 -12.99 -3.71 -6.22
CA GLU A 26 -11.56 -3.93 -6.03
C GLU A 26 -10.74 -2.91 -6.83
N LEU A 27 -9.44 -2.87 -6.56
CA LEU A 27 -8.55 -1.95 -7.25
C LEU A 27 -7.53 -2.71 -8.09
N ALA A 28 -7.76 -2.75 -9.40
CA ALA A 28 -6.86 -3.43 -10.32
C ALA A 28 -5.67 -2.55 -10.67
N PHE A 29 -4.50 -3.17 -10.78
CA PHE A 29 -3.27 -2.45 -11.11
C PHE A 29 -2.16 -3.42 -11.53
N LYS A 30 -1.09 -2.87 -12.10
CA LYS A 30 0.03 -3.68 -12.54
C LYS A 30 1.29 -3.33 -11.76
N ALA A 31 2.29 -4.21 -11.84
CA ALA A 31 3.55 -3.99 -11.14
C ALA A 31 4.18 -2.65 -11.53
N GLY A 32 4.28 -1.75 -10.56
CA GLY A 32 4.86 -0.45 -10.83
C GLY A 32 3.93 0.69 -10.47
N ASP A 33 2.63 0.45 -10.61
CA ASP A 33 1.63 1.47 -10.31
C ASP A 33 1.75 1.92 -8.86
N VAL A 34 1.68 3.24 -8.65
CA VAL A 34 1.78 3.81 -7.31
C VAL A 34 0.41 4.16 -6.77
N ILE A 35 0.04 3.53 -5.66
CA ILE A 35 -1.25 3.78 -5.03
C ILE A 35 -1.09 4.62 -3.76
N LYS A 36 -1.69 5.80 -3.77
CA LYS A 36 -1.61 6.70 -2.62
C LYS A 36 -2.60 6.28 -1.53
N VAL A 37 -2.08 5.67 -0.48
CA VAL A 37 -2.92 5.22 0.63
C VAL A 37 -3.70 6.39 1.24
N LEU A 38 -5.03 6.29 1.20
CA LEU A 38 -5.88 7.34 1.75
C LEU A 38 -6.21 7.06 3.21
N ASP A 39 -6.66 5.84 3.49
CA ASP A 39 -7.02 5.44 4.85
C ASP A 39 -6.99 3.93 4.99
N ALA A 40 -6.24 3.44 5.98
CA ALA A 40 -6.13 2.01 6.22
C ALA A 40 -7.08 1.57 7.34
N SER A 41 -8.31 2.08 7.29
CA SER A 41 -9.31 1.74 8.30
C SER A 41 -9.17 0.29 8.74
N ASN A 42 -9.40 -0.63 7.80
CA ASN A 42 -9.30 -2.05 8.10
C ASN A 42 -7.84 -2.50 8.12
N LYS A 43 -7.57 -3.59 8.85
CA LYS A 43 -6.22 -4.12 8.95
C LYS A 43 -5.93 -5.10 7.81
N ASP A 44 -6.97 -5.43 7.05
CA ASP A 44 -6.82 -6.34 5.93
C ASP A 44 -7.02 -5.62 4.59
N TRP A 45 -8.16 -4.94 4.47
CA TRP A 45 -8.48 -4.20 3.25
C TRP A 45 -7.96 -2.77 3.33
N TRP A 46 -7.14 -2.38 2.36
CA TRP A 46 -6.57 -1.05 2.32
C TRP A 46 -7.13 -0.26 1.13
N TRP A 47 -7.23 1.05 1.30
CA TRP A 47 -7.76 1.93 0.24
C TRP A 47 -6.67 2.84 -0.29
N GLY A 48 -6.83 3.29 -1.52
CA GLY A 48 -5.85 4.17 -2.13
C GLY A 48 -6.44 5.03 -3.24
N GLN A 49 -5.67 6.00 -3.70
CA GLN A 49 -6.12 6.89 -4.76
C GLN A 49 -5.19 6.84 -5.96
N ILE A 50 -5.70 6.35 -7.10
CA ILE A 50 -4.91 6.25 -8.31
C ILE A 50 -5.27 7.35 -9.30
N ASP A 51 -4.33 7.69 -10.17
CA ASP A 51 -4.55 8.73 -11.17
C ASP A 51 -6.00 8.74 -11.63
N ASP A 52 -6.45 7.65 -12.23
CA ASP A 52 -7.83 7.54 -12.70
C ASP A 52 -8.46 6.25 -12.22
N GLU A 53 -7.93 5.69 -11.14
CA GLU A 53 -8.46 4.46 -10.58
C GLU A 53 -8.73 4.60 -9.08
N GLU A 54 -9.67 3.82 -8.58
CA GLU A 54 -10.03 3.86 -7.17
C GLU A 54 -10.69 2.56 -6.73
N GLY A 55 -10.34 2.10 -5.53
CA GLY A 55 -10.90 0.86 -5.02
C GLY A 55 -10.07 0.27 -3.89
N TRP A 56 -10.31 -1.00 -3.58
CA TRP A 56 -9.58 -1.68 -2.52
C TRP A 56 -8.43 -2.50 -3.09
N PHE A 57 -7.34 -2.58 -2.32
CA PHE A 57 -6.17 -3.34 -2.76
C PHE A 57 -5.49 -4.02 -1.57
N PRO A 58 -4.87 -5.18 -1.83
CA PRO A 58 -4.18 -5.96 -0.80
C PRO A 58 -2.91 -5.27 -0.30
N ALA A 59 -2.69 -5.32 1.01
CA ALA A 59 -1.52 -4.70 1.62
C ALA A 59 -0.31 -5.64 1.56
N SER A 60 -0.56 -6.90 1.20
CA SER A 60 0.51 -7.89 1.11
C SER A 60 1.21 -7.81 -0.24
N PHE A 61 0.45 -7.53 -1.29
CA PHE A 61 1.01 -7.42 -2.63
C PHE A 61 1.46 -5.99 -2.92
N VAL A 62 2.06 -5.35 -1.91
CA VAL A 62 2.54 -3.99 -2.06
C VAL A 62 3.66 -3.69 -1.06
N ARG A 63 4.58 -2.82 -1.45
CA ARG A 63 5.70 -2.45 -0.59
C ARG A 63 5.56 -1.02 -0.11
N LEU A 64 5.69 -0.82 1.20
CA LEU A 64 5.58 0.51 1.79
C LEU A 64 6.82 1.33 1.51
N TRP A 65 6.62 2.63 1.27
CA TRP A 65 7.72 3.53 0.98
C TRP A 65 8.36 4.05 2.27
N VAL A 66 8.16 3.32 3.36
CA VAL A 66 8.71 3.70 4.65
C VAL A 66 9.35 2.51 5.36
N ASN A 67 10.36 2.79 6.17
CA ASN A 67 11.06 1.74 6.90
C ASN A 67 10.92 1.95 8.40
N GLN A 68 10.02 1.19 9.02
CA GLN A 68 9.79 1.30 10.46
C GLN A 68 10.98 0.76 11.23
N GLU A 69 11.17 1.27 12.45
CA GLU A 69 12.27 0.84 13.30
C GLU A 69 11.79 -0.14 14.37
N ASP A 70 12.74 -0.72 15.10
CA ASP A 70 12.42 -1.67 16.15
C ASP A 70 11.26 -2.57 15.73
N GLU A 71 11.30 -3.03 14.49
CA GLU A 71 10.25 -3.91 13.96
C GLU A 71 10.38 -5.32 14.53
N VAL A 72 9.52 -5.65 15.48
CA VAL A 72 9.55 -6.98 16.10
C VAL A 72 10.98 -7.47 16.30
N GLU A 73 11.89 -6.54 16.54
CA GLU A 73 13.29 -6.88 16.74
C GLU A 73 13.47 -7.75 17.97
N GLU A 74 14.31 -8.78 17.86
CA GLU A 74 14.56 -9.69 18.96
C GLU A 74 16.03 -9.65 19.38
N GLY A 75 16.92 -9.63 18.39
CA GLY A 75 18.34 -9.59 18.67
C GLY A 75 19.14 -10.52 17.78
N SER A 76 19.36 -11.74 18.24
CA SER A 76 20.12 -12.72 17.47
C SER A 76 19.22 -13.87 17.01
N GLY A 77 18.86 -13.86 15.74
CA GLY A 77 18.00 -14.90 15.21
C GLY A 77 18.77 -15.91 14.37
N PRO A 78 18.31 -17.17 14.39
CA PRO A 78 18.95 -18.26 13.65
C PRO A 78 18.76 -18.12 12.14
N SER A 79 19.27 -19.08 11.39
CA SER A 79 19.16 -19.06 9.93
C SER A 79 18.74 -20.43 9.40
N SER A 80 17.64 -20.46 8.66
CA SER A 80 17.14 -21.71 8.10
C SER A 80 17.87 -22.06 6.80
N GLY A 81 17.88 -23.34 6.46
CA GLY A 81 18.54 -23.78 5.24
C GLY A 81 19.65 -24.78 5.52
N GLY A 1 -20.33 11.38 16.75
CA GLY A 1 -20.53 10.68 15.50
C GLY A 1 -20.08 11.48 14.30
N SER A 2 -20.56 12.72 14.21
CA SER A 2 -20.21 13.60 13.10
C SER A 2 -18.70 13.56 12.83
N SER A 3 -18.32 13.94 11.62
CA SER A 3 -16.91 13.95 11.23
C SER A 3 -16.04 14.55 12.33
N GLY A 4 -14.73 14.38 12.20
CA GLY A 4 -13.81 14.91 13.18
C GLY A 4 -12.45 15.24 12.60
N SER A 5 -11.92 16.40 12.95
CA SER A 5 -10.63 16.84 12.44
C SER A 5 -9.50 16.37 13.36
N SER A 6 -8.59 15.57 12.81
CA SER A 6 -7.46 15.05 13.58
C SER A 6 -6.24 14.85 12.69
N GLY A 7 -5.12 14.50 13.31
CA GLY A 7 -3.89 14.28 12.56
C GLY A 7 -3.99 13.09 11.64
N ASP A 8 -3.40 13.21 10.45
CA ASP A 8 -3.42 12.13 9.48
C ASP A 8 -2.10 12.07 8.71
N SER A 9 -1.63 10.84 8.46
CA SER A 9 -0.37 10.64 7.74
C SER A 9 -0.59 9.79 6.49
N ILE A 10 -0.27 10.35 5.33
CA ILE A 10 -0.43 9.65 4.07
C ILE A 10 0.83 8.86 3.72
N VAL A 11 0.64 7.61 3.32
CA VAL A 11 1.76 6.74 2.96
C VAL A 11 1.60 6.20 1.54
N SER A 12 2.65 6.31 0.75
CA SER A 12 2.61 5.84 -0.64
C SER A 12 3.32 4.49 -0.75
N ALA A 13 2.65 3.53 -1.40
CA ALA A 13 3.22 2.20 -1.58
C ALA A 13 3.40 1.89 -3.07
N GLU A 14 4.38 1.03 -3.36
CA GLU A 14 4.66 0.65 -4.74
C GLU A 14 4.28 -0.80 -4.99
N ALA A 15 3.35 -1.03 -5.91
CA ALA A 15 2.91 -2.37 -6.24
C ALA A 15 4.06 -3.24 -6.70
N VAL A 16 4.24 -4.39 -6.07
CA VAL A 16 5.31 -5.30 -6.42
C VAL A 16 4.77 -6.53 -7.16
N TRP A 17 3.49 -6.81 -6.96
CA TRP A 17 2.85 -7.95 -7.61
C TRP A 17 1.51 -7.56 -8.22
N ASP A 18 1.42 -7.64 -9.54
CA ASP A 18 0.19 -7.28 -10.24
C ASP A 18 -1.01 -8.00 -9.62
N HIS A 19 -1.98 -7.22 -9.15
CA HIS A 19 -3.18 -7.78 -8.54
C HIS A 19 -4.37 -7.70 -9.50
N VAL A 20 -4.44 -8.65 -10.41
CA VAL A 20 -5.54 -8.69 -11.39
C VAL A 20 -6.81 -9.24 -10.77
N THR A 21 -7.95 -8.75 -11.25
CA THR A 21 -9.25 -9.20 -10.74
C THR A 21 -10.38 -8.65 -11.59
N MET A 22 -11.21 -9.55 -12.12
CA MET A 22 -12.34 -9.16 -12.94
C MET A 22 -13.20 -8.12 -12.25
N ALA A 23 -13.44 -8.33 -10.95
CA ALA A 23 -14.24 -7.41 -10.16
C ALA A 23 -13.81 -5.96 -10.40
N ASN A 24 -14.77 -5.13 -10.78
CA ASN A 24 -14.49 -3.71 -11.04
C ASN A 24 -14.33 -2.95 -9.73
N ARG A 25 -15.28 -3.13 -8.82
CA ARG A 25 -15.23 -2.46 -7.53
C ARG A 25 -13.81 -2.44 -6.97
N GLU A 26 -13.11 -3.56 -7.10
CA GLU A 26 -11.75 -3.67 -6.61
C GLU A 26 -10.79 -2.85 -7.45
N LEU A 27 -9.63 -2.53 -6.89
CA LEU A 27 -8.62 -1.73 -7.60
C LEU A 27 -7.72 -2.63 -8.45
N ALA A 28 -7.89 -2.56 -9.76
CA ALA A 28 -7.10 -3.35 -10.69
C ALA A 28 -5.86 -2.60 -11.13
N PHE A 29 -4.69 -3.12 -10.79
CA PHE A 29 -3.43 -2.48 -11.17
C PHE A 29 -2.37 -3.52 -11.50
N LYS A 30 -1.19 -3.06 -11.89
CA LYS A 30 -0.09 -3.96 -12.24
C LYS A 30 1.17 -3.60 -11.46
N ALA A 31 2.12 -4.52 -11.41
CA ALA A 31 3.37 -4.31 -10.70
C ALA A 31 4.04 -3.02 -11.17
N GLY A 32 4.20 -2.07 -10.25
CA GLY A 32 4.83 -0.81 -10.59
C GLY A 32 3.93 0.38 -10.32
N ASP A 33 2.64 0.21 -10.59
CA ASP A 33 1.67 1.28 -10.37
C ASP A 33 1.72 1.77 -8.92
N VAL A 34 1.75 3.09 -8.75
CA VAL A 34 1.79 3.68 -7.42
C VAL A 34 0.39 3.96 -6.89
N ILE A 35 0.07 3.35 -5.75
CA ILE A 35 -1.24 3.53 -5.15
C ILE A 35 -1.15 4.44 -3.93
N LYS A 36 -1.98 5.49 -3.92
CA LYS A 36 -2.00 6.43 -2.81
C LYS A 36 -3.02 6.01 -1.75
N VAL A 37 -2.53 5.43 -0.66
CA VAL A 37 -3.40 4.99 0.42
C VAL A 37 -4.05 6.17 1.13
N LEU A 38 -5.36 6.09 1.32
CA LEU A 38 -6.10 7.16 1.98
C LEU A 38 -6.47 6.76 3.41
N ASP A 39 -7.11 5.60 3.54
CA ASP A 39 -7.52 5.10 4.85
C ASP A 39 -6.97 3.69 5.09
N ALA A 40 -6.09 3.57 6.08
CA ALA A 40 -5.49 2.28 6.40
C ALA A 40 -5.91 1.82 7.79
N SER A 41 -7.04 2.35 8.28
CA SER A 41 -7.54 1.99 9.59
C SER A 41 -7.61 0.48 9.76
N ASN A 42 -8.10 -0.20 8.74
CA ASN A 42 -8.22 -1.66 8.78
C ASN A 42 -6.85 -2.31 8.84
N LYS A 43 -6.83 -3.63 8.98
CA LYS A 43 -5.57 -4.38 9.05
C LYS A 43 -5.43 -5.31 7.85
N ASP A 44 -6.52 -5.51 7.11
CA ASP A 44 -6.50 -6.36 5.93
C ASP A 44 -6.97 -5.60 4.70
N TRP A 45 -8.09 -4.90 4.83
CA TRP A 45 -8.65 -4.13 3.73
C TRP A 45 -8.07 -2.73 3.70
N TRP A 46 -7.26 -2.43 2.69
CA TRP A 46 -6.64 -1.11 2.56
C TRP A 46 -7.11 -0.43 1.28
N TRP A 47 -7.58 0.80 1.41
CA TRP A 47 -8.06 1.57 0.27
C TRP A 47 -6.90 2.25 -0.45
N GLY A 48 -7.04 2.45 -1.75
CA GLY A 48 -6.00 3.09 -2.53
C GLY A 48 -6.55 4.08 -3.54
N GLN A 49 -5.80 5.15 -3.80
CA GLN A 49 -6.22 6.17 -4.75
C GLN A 49 -5.23 6.27 -5.91
N ILE A 50 -5.70 5.95 -7.12
CA ILE A 50 -4.86 6.00 -8.30
C ILE A 50 -5.19 7.23 -9.15
N ASP A 51 -4.22 7.69 -9.93
CA ASP A 51 -4.41 8.84 -10.79
C ASP A 51 -5.86 8.94 -11.27
N ASP A 52 -6.36 7.84 -11.85
CA ASP A 52 -7.73 7.80 -12.34
C ASP A 52 -8.52 6.69 -11.66
N GLU A 53 -7.86 5.55 -11.43
CA GLU A 53 -8.51 4.42 -10.79
C GLU A 53 -8.67 4.66 -9.29
N GLU A 54 -9.65 3.98 -8.69
CA GLU A 54 -9.92 4.14 -7.27
C GLU A 54 -10.65 2.91 -6.72
N GLY A 55 -10.40 2.61 -5.44
CA GLY A 55 -11.04 1.46 -4.82
C GLY A 55 -10.18 0.84 -3.74
N TRP A 56 -10.44 -0.44 -3.44
CA TRP A 56 -9.68 -1.15 -2.42
C TRP A 56 -8.59 -2.00 -3.04
N PHE A 57 -7.73 -2.56 -2.19
CA PHE A 57 -6.63 -3.40 -2.67
C PHE A 57 -5.88 -4.02 -1.49
N PRO A 58 -5.28 -5.20 -1.74
CA PRO A 58 -4.52 -5.92 -0.70
C PRO A 58 -3.22 -5.21 -0.35
N ALA A 59 -3.02 -4.97 0.94
CA ALA A 59 -1.82 -4.31 1.43
C ALA A 59 -0.63 -5.25 1.42
N SER A 60 -0.91 -6.55 1.41
CA SER A 60 0.14 -7.56 1.41
C SER A 60 0.68 -7.78 -0.01
N PHE A 61 0.26 -6.93 -0.93
CA PHE A 61 0.69 -7.04 -2.32
C PHE A 61 1.52 -5.83 -2.72
N VAL A 62 1.71 -4.89 -1.78
CA VAL A 62 2.49 -3.69 -2.04
C VAL A 62 3.61 -3.54 -1.02
N ARG A 63 4.65 -2.82 -1.40
CA ARG A 63 5.80 -2.60 -0.53
C ARG A 63 5.80 -1.17 0.03
N LEU A 64 5.62 -1.05 1.33
CA LEU A 64 5.60 0.26 1.98
C LEU A 64 6.89 1.02 1.70
N TRP A 65 6.76 2.32 1.45
CA TRP A 65 7.91 3.16 1.18
C TRP A 65 8.65 3.51 2.46
N VAL A 66 7.95 4.14 3.40
CA VAL A 66 8.54 4.52 4.68
C VAL A 66 9.58 3.51 5.12
N ASN A 67 10.63 3.99 5.78
CA ASN A 67 11.69 3.12 6.27
C ASN A 67 11.69 3.07 7.80
N GLN A 68 11.34 1.90 8.34
CA GLN A 68 11.30 1.72 9.79
C GLN A 68 12.10 0.50 10.20
N GLU A 69 13.27 0.32 9.60
CA GLU A 69 14.14 -0.81 9.90
C GLU A 69 15.60 -0.43 9.77
N ASP A 70 16.47 -1.21 10.41
CA ASP A 70 17.91 -0.95 10.37
C ASP A 70 18.32 -0.40 9.01
N GLU A 71 19.35 0.44 9.00
CA GLU A 71 19.84 1.04 7.77
C GLU A 71 19.73 0.06 6.61
N VAL A 72 19.48 0.58 5.41
CA VAL A 72 19.35 -0.26 4.22
C VAL A 72 19.68 0.53 2.96
N GLU A 73 20.31 -0.14 2.00
CA GLU A 73 20.69 0.50 0.74
C GLU A 73 19.65 1.54 0.33
N GLU A 74 20.10 2.56 -0.39
CA GLU A 74 19.21 3.63 -0.84
C GLU A 74 18.84 3.43 -2.30
N GLY A 75 17.78 4.11 -2.74
CA GLY A 75 17.32 4.00 -4.11
C GLY A 75 17.47 5.30 -4.88
N SER A 76 16.69 6.31 -4.48
CA SER A 76 16.73 7.61 -5.15
C SER A 76 16.85 8.73 -4.11
N GLY A 77 17.11 9.94 -4.61
CA GLY A 77 17.25 11.08 -3.72
C GLY A 77 16.30 12.21 -4.08
N PRO A 78 16.53 13.39 -3.50
CA PRO A 78 15.70 14.58 -3.75
C PRO A 78 15.88 15.12 -5.15
N SER A 79 15.25 16.26 -5.43
CA SER A 79 15.34 16.88 -6.74
C SER A 79 15.62 18.38 -6.61
N SER A 80 15.80 19.04 -7.75
CA SER A 80 16.08 20.47 -7.76
C SER A 80 15.10 21.23 -6.87
N GLY A 81 15.34 22.53 -6.72
CA GLY A 81 14.47 23.35 -5.89
C GLY A 81 13.07 23.47 -6.46
N GLY A 1 -24.43 7.31 12.27
CA GLY A 1 -23.65 8.45 11.85
C GLY A 1 -22.17 8.19 11.92
N SER A 2 -21.39 9.24 12.20
CA SER A 2 -19.94 9.12 12.29
C SER A 2 -19.39 10.03 13.38
N SER A 3 -18.34 9.57 14.05
CA SER A 3 -17.72 10.34 15.12
C SER A 3 -16.76 11.39 14.55
N GLY A 4 -16.39 11.21 13.28
CA GLY A 4 -15.49 12.14 12.63
C GLY A 4 -14.14 11.52 12.34
N SER A 5 -13.15 12.37 12.08
CA SER A 5 -11.79 11.90 11.77
C SER A 5 -10.89 12.00 13.00
N SER A 6 -9.71 11.41 12.89
CA SER A 6 -8.75 11.42 14.00
C SER A 6 -7.53 12.26 13.64
N GLY A 7 -6.92 11.97 12.50
CA GLY A 7 -5.75 12.70 12.07
C GLY A 7 -4.62 11.78 11.64
N ASP A 8 -4.88 10.95 10.63
CA ASP A 8 -3.88 10.02 10.13
C ASP A 8 -3.25 10.56 8.85
N SER A 9 -1.93 10.39 8.73
CA SER A 9 -1.20 10.85 7.55
C SER A 9 -1.39 9.89 6.39
N ILE A 10 -1.52 10.44 5.18
CA ILE A 10 -1.71 9.64 3.99
C ILE A 10 -0.44 8.89 3.62
N VAL A 11 -0.51 7.56 3.60
CA VAL A 11 0.63 6.73 3.26
C VAL A 11 0.53 6.22 1.83
N SER A 12 1.68 6.04 1.19
CA SER A 12 1.73 5.55 -0.19
C SER A 12 2.41 4.19 -0.26
N ALA A 13 1.88 3.32 -1.11
CA ALA A 13 2.43 1.97 -1.27
C ALA A 13 2.81 1.71 -2.72
N GLU A 14 3.71 0.76 -2.93
CA GLU A 14 4.16 0.42 -4.28
C GLU A 14 3.78 -1.02 -4.62
N ALA A 15 3.09 -1.19 -5.74
CA ALA A 15 2.67 -2.51 -6.19
C ALA A 15 3.87 -3.37 -6.59
N VAL A 16 4.02 -4.52 -5.94
CA VAL A 16 5.12 -5.42 -6.23
C VAL A 16 4.62 -6.71 -6.88
N TRP A 17 3.40 -7.10 -6.53
CA TRP A 17 2.82 -8.32 -7.08
C TRP A 17 1.60 -7.99 -7.95
N ASP A 18 1.78 -8.09 -9.26
CA ASP A 18 0.70 -7.80 -10.20
C ASP A 18 -0.64 -8.27 -9.65
N HIS A 19 -1.55 -7.33 -9.40
CA HIS A 19 -2.86 -7.65 -8.87
C HIS A 19 -3.92 -7.57 -9.97
N VAL A 20 -4.18 -8.71 -10.62
CA VAL A 20 -5.17 -8.77 -11.69
C VAL A 20 -6.55 -9.13 -11.15
N THR A 21 -7.58 -8.51 -11.71
CA THR A 21 -8.95 -8.77 -11.29
C THR A 21 -9.94 -8.45 -12.40
N MET A 22 -11.05 -9.19 -12.43
CA MET A 22 -12.07 -8.97 -13.44
C MET A 22 -13.36 -8.45 -12.81
N ALA A 23 -13.22 -7.52 -11.89
CA ALA A 23 -14.37 -6.93 -11.21
C ALA A 23 -14.60 -5.49 -11.66
N ASN A 24 -15.79 -4.96 -11.35
CA ASN A 24 -16.13 -3.60 -11.73
C ASN A 24 -15.58 -2.59 -10.71
N ARG A 25 -15.80 -2.87 -9.43
CA ARG A 25 -15.33 -2.00 -8.37
C ARG A 25 -14.17 -2.64 -7.61
N GLU A 26 -12.95 -2.21 -7.93
CA GLU A 26 -11.77 -2.74 -7.28
C GLU A 26 -10.52 -1.95 -7.69
N LEU A 27 -9.48 -2.04 -6.86
CA LEU A 27 -8.23 -1.32 -7.13
C LEU A 27 -7.25 -2.22 -7.86
N ALA A 28 -7.23 -2.14 -9.19
CA ALA A 28 -6.33 -2.94 -10.00
C ALA A 28 -5.06 -2.17 -10.33
N PHE A 29 -4.00 -2.90 -10.68
CA PHE A 29 -2.72 -2.28 -11.02
C PHE A 29 -1.73 -3.34 -11.50
N LYS A 30 -0.56 -2.88 -11.93
CA LYS A 30 0.48 -3.77 -12.41
C LYS A 30 1.78 -3.56 -11.65
N ALA A 31 2.47 -4.66 -11.35
CA ALA A 31 3.74 -4.58 -10.62
C ALA A 31 4.52 -3.33 -11.00
N GLY A 32 4.51 -2.35 -10.11
CA GLY A 32 5.22 -1.10 -10.37
C GLY A 32 4.38 0.12 -10.10
N ASP A 33 3.11 0.05 -10.47
CA ASP A 33 2.18 1.17 -10.27
C ASP A 33 2.24 1.66 -8.82
N VAL A 34 1.55 2.76 -8.54
CA VAL A 34 1.52 3.33 -7.21
C VAL A 34 0.10 3.63 -6.76
N ILE A 35 -0.33 2.99 -5.68
CA ILE A 35 -1.67 3.19 -5.14
C ILE A 35 -1.64 4.07 -3.91
N LYS A 36 -2.43 5.15 -3.93
CA LYS A 36 -2.50 6.08 -2.81
C LYS A 36 -3.49 5.57 -1.75
N VAL A 37 -3.00 5.43 -0.52
CA VAL A 37 -3.85 4.96 0.57
C VAL A 37 -4.64 6.10 1.19
N LEU A 38 -5.92 5.85 1.47
CA LEU A 38 -6.79 6.86 2.06
C LEU A 38 -6.97 6.61 3.55
N ASP A 39 -7.32 5.39 3.91
CA ASP A 39 -7.53 5.03 5.30
C ASP A 39 -6.79 3.74 5.65
N ALA A 40 -5.60 3.89 6.23
CA ALA A 40 -4.79 2.74 6.60
C ALA A 40 -4.80 2.52 8.12
N SER A 41 -6.00 2.43 8.69
CA SER A 41 -6.15 2.24 10.13
C SER A 41 -5.75 0.82 10.52
N ASN A 42 -4.48 0.49 10.37
CA ASN A 42 -3.97 -0.83 10.71
C ASN A 42 -5.02 -1.91 10.39
N LYS A 43 -5.54 -1.87 9.18
CA LYS A 43 -6.54 -2.83 8.74
C LYS A 43 -5.94 -3.81 7.73
N ASP A 44 -6.30 -5.08 7.87
CA ASP A 44 -5.80 -6.11 6.96
C ASP A 44 -5.70 -5.58 5.54
N TRP A 45 -6.74 -4.89 5.09
CA TRP A 45 -6.77 -4.33 3.75
C TRP A 45 -7.13 -2.85 3.78
N TRP A 46 -6.35 -2.04 3.09
CA TRP A 46 -6.60 -0.60 3.05
C TRP A 46 -7.16 -0.19 1.69
N TRP A 47 -7.79 0.98 1.65
CA TRP A 47 -8.38 1.49 0.41
C TRP A 47 -7.32 2.19 -0.45
N GLY A 48 -7.41 2.00 -1.76
CA GLY A 48 -6.45 2.62 -2.66
C GLY A 48 -7.11 3.61 -3.61
N GLN A 49 -6.34 4.59 -4.05
CA GLN A 49 -6.86 5.61 -4.97
C GLN A 49 -5.83 5.94 -6.04
N ILE A 50 -6.20 5.71 -7.30
CA ILE A 50 -5.32 5.99 -8.42
C ILE A 50 -5.80 7.20 -9.22
N ASP A 51 -4.87 7.85 -9.90
CA ASP A 51 -5.20 9.03 -10.71
C ASP A 51 -6.60 8.89 -11.33
N ASP A 52 -6.77 7.89 -12.18
CA ASP A 52 -8.04 7.64 -12.83
C ASP A 52 -8.77 6.48 -12.18
N GLU A 53 -8.03 5.42 -11.86
CA GLU A 53 -8.62 4.24 -11.23
C GLU A 53 -8.81 4.46 -9.74
N GLU A 54 -9.69 3.67 -9.13
CA GLU A 54 -9.96 3.79 -7.70
C GLU A 54 -10.56 2.49 -7.15
N GLY A 55 -10.49 2.32 -5.84
CA GLY A 55 -11.03 1.12 -5.22
C GLY A 55 -10.16 0.65 -4.06
N TRP A 56 -10.24 -0.65 -3.76
CA TRP A 56 -9.47 -1.23 -2.68
C TRP A 56 -8.32 -2.07 -3.22
N PHE A 57 -7.12 -1.87 -2.66
CA PHE A 57 -5.95 -2.60 -3.09
C PHE A 57 -5.43 -3.50 -1.98
N PRO A 58 -4.78 -4.61 -2.36
CA PRO A 58 -4.23 -5.59 -1.41
C PRO A 58 -3.03 -5.03 -0.65
N ALA A 59 -3.19 -4.88 0.67
CA ALA A 59 -2.13 -4.35 1.50
C ALA A 59 -1.01 -5.37 1.66
N SER A 60 -1.22 -6.57 1.13
CA SER A 60 -0.24 -7.64 1.22
C SER A 60 0.57 -7.75 -0.08
N PHE A 61 -0.09 -7.43 -1.20
CA PHE A 61 0.55 -7.50 -2.50
C PHE A 61 1.28 -6.19 -2.82
N VAL A 62 1.27 -5.27 -1.86
CA VAL A 62 1.92 -3.97 -2.03
C VAL A 62 2.98 -3.75 -0.96
N ARG A 63 4.03 -3.00 -1.32
CA ARG A 63 5.11 -2.71 -0.39
C ARG A 63 5.00 -1.29 0.14
N LEU A 64 5.06 -1.15 1.46
CA LEU A 64 4.96 0.17 2.10
C LEU A 64 6.11 1.07 1.64
N TRP A 65 5.87 2.38 1.69
CA TRP A 65 6.89 3.34 1.30
C TRP A 65 7.81 3.69 2.46
N VAL A 66 8.06 2.71 3.32
CA VAL A 66 8.93 2.90 4.47
C VAL A 66 10.20 2.06 4.35
N ASN A 67 11.33 2.72 4.16
CA ASN A 67 12.61 2.03 4.04
C ASN A 67 13.50 2.32 5.24
N GLN A 68 13.29 1.56 6.31
CA GLN A 68 14.08 1.74 7.53
C GLN A 68 15.19 0.68 7.62
N GLU A 69 15.84 0.43 6.49
CA GLU A 69 16.92 -0.55 6.44
C GLU A 69 17.88 -0.25 5.29
N ASP A 70 19.09 0.15 5.64
CA ASP A 70 20.11 0.47 4.64
C ASP A 70 21.11 -0.67 4.50
N GLU A 71 20.61 -1.89 4.51
CA GLU A 71 21.47 -3.07 4.38
C GLU A 71 21.66 -3.45 2.92
N VAL A 72 22.76 -3.01 2.33
CA VAL A 72 23.08 -3.30 0.94
C VAL A 72 23.68 -4.69 0.79
N GLU A 73 23.40 -5.34 -0.34
CA GLU A 73 23.92 -6.67 -0.60
C GLU A 73 23.62 -7.10 -2.03
N GLU A 74 24.66 -7.28 -2.83
CA GLU A 74 24.51 -7.68 -4.22
C GLU A 74 25.86 -8.06 -4.84
N GLY A 75 25.89 -9.17 -5.56
CA GLY A 75 27.12 -9.61 -6.19
C GLY A 75 27.11 -11.10 -6.49
N SER A 76 26.58 -11.89 -5.56
CA SER A 76 26.53 -13.33 -5.72
C SER A 76 26.30 -13.70 -7.19
N GLY A 77 27.12 -14.63 -7.68
CA GLY A 77 26.99 -15.06 -9.06
C GLY A 77 27.04 -16.57 -9.21
N PRO A 78 27.26 -17.04 -10.45
CA PRO A 78 27.33 -18.48 -10.74
C PRO A 78 28.59 -19.12 -10.16
N SER A 79 28.81 -20.39 -10.52
CA SER A 79 29.97 -21.11 -10.04
C SER A 79 30.28 -22.31 -10.94
N SER A 80 31.36 -23.01 -10.63
CA SER A 80 31.77 -24.17 -11.42
C SER A 80 30.93 -25.39 -11.06
N GLY A 81 31.14 -26.48 -11.80
CA GLY A 81 30.39 -27.70 -11.53
C GLY A 81 30.65 -28.26 -10.15
N GLY A 1 -16.60 26.45 11.36
CA GLY A 1 -16.75 25.11 11.90
C GLY A 1 -15.47 24.61 12.54
N SER A 2 -15.34 23.28 12.60
CA SER A 2 -14.16 22.66 13.19
C SER A 2 -13.15 22.28 12.12
N SER A 3 -12.00 22.94 12.12
CA SER A 3 -10.96 22.67 11.13
C SER A 3 -9.65 23.36 11.52
N GLY A 4 -8.54 22.66 11.29
CA GLY A 4 -7.24 23.22 11.63
C GLY A 4 -6.10 22.35 11.15
N SER A 5 -5.15 22.08 12.04
CA SER A 5 -3.99 21.26 11.71
C SER A 5 -4.22 19.81 12.10
N SER A 6 -4.88 19.06 11.23
CA SER A 6 -5.18 17.65 11.48
C SER A 6 -3.96 16.77 11.18
N GLY A 7 -3.82 15.70 11.96
CA GLY A 7 -2.69 14.80 11.76
C GLY A 7 -3.02 13.66 10.81
N ASP A 8 -3.17 13.97 9.53
CA ASP A 8 -3.49 12.97 8.53
C ASP A 8 -2.25 12.56 7.76
N SER A 9 -1.55 11.54 8.25
CA SER A 9 -0.33 11.06 7.60
C SER A 9 -0.66 10.28 6.33
N ILE A 10 -0.13 10.74 5.21
CA ILE A 10 -0.37 10.09 3.93
C ILE A 10 0.64 8.98 3.67
N VAL A 11 0.15 7.77 3.45
CA VAL A 11 1.01 6.62 3.20
C VAL A 11 1.00 6.25 1.72
N SER A 12 2.16 5.86 1.21
CA SER A 12 2.29 5.47 -0.20
C SER A 12 2.84 4.06 -0.32
N ALA A 13 2.11 3.20 -1.01
CA ALA A 13 2.52 1.82 -1.21
C ALA A 13 2.95 1.58 -2.66
N GLU A 14 3.86 0.61 -2.84
CA GLU A 14 4.35 0.29 -4.18
C GLU A 14 3.93 -1.12 -4.59
N ALA A 15 3.17 -1.22 -5.66
CA ALA A 15 2.69 -2.51 -6.15
C ALA A 15 3.87 -3.47 -6.39
N VAL A 16 4.06 -4.40 -5.46
CA VAL A 16 5.14 -5.37 -5.56
C VAL A 16 4.76 -6.51 -6.50
N TRP A 17 3.50 -6.92 -6.46
CA TRP A 17 3.01 -7.99 -7.31
C TRP A 17 1.83 -7.53 -8.16
N ASP A 18 1.79 -7.98 -9.42
CA ASP A 18 0.73 -7.61 -10.33
C ASP A 18 -0.60 -8.24 -9.90
N HIS A 19 -1.57 -7.39 -9.58
CA HIS A 19 -2.88 -7.86 -9.15
C HIS A 19 -3.90 -7.71 -10.27
N VAL A 20 -3.98 -8.73 -11.12
CA VAL A 20 -4.91 -8.72 -12.24
C VAL A 20 -6.30 -9.19 -11.81
N THR A 21 -7.33 -8.53 -12.33
CA THR A 21 -8.70 -8.88 -11.99
C THR A 21 -9.69 -8.12 -12.87
N MET A 22 -10.84 -8.73 -13.13
CA MET A 22 -11.87 -8.11 -13.94
C MET A 22 -13.21 -8.08 -13.22
N ALA A 23 -13.18 -7.72 -11.94
CA ALA A 23 -14.40 -7.67 -11.14
C ALA A 23 -15.11 -6.32 -11.31
N ASN A 24 -16.39 -6.29 -10.96
CA ASN A 24 -17.18 -5.07 -11.08
C ASN A 24 -16.59 -3.96 -10.21
N ARG A 25 -16.30 -4.28 -8.97
CA ARG A 25 -15.73 -3.32 -8.03
C ARG A 25 -14.37 -3.76 -7.53
N GLU A 26 -13.33 -3.40 -8.28
CA GLU A 26 -11.96 -3.78 -7.92
C GLU A 26 -10.95 -2.80 -8.53
N LEU A 27 -9.71 -2.91 -8.08
CA LEU A 27 -8.64 -2.03 -8.58
C LEU A 27 -7.56 -2.84 -9.30
N ALA A 28 -7.62 -2.83 -10.63
CA ALA A 28 -6.64 -3.56 -11.44
C ALA A 28 -5.37 -2.75 -11.60
N PHE A 29 -4.29 -3.22 -10.98
CA PHE A 29 -3.00 -2.54 -11.06
C PHE A 29 -1.88 -3.53 -11.34
N LYS A 30 -0.76 -3.03 -11.85
CA LYS A 30 0.39 -3.87 -12.17
C LYS A 30 1.61 -3.46 -11.35
N ALA A 31 2.56 -4.37 -11.23
CA ALA A 31 3.78 -4.11 -10.47
C ALA A 31 4.46 -2.83 -10.95
N GLY A 32 4.37 -1.78 -10.16
CA GLY A 32 4.99 -0.51 -10.53
C GLY A 32 4.10 0.68 -10.20
N ASP A 33 2.80 0.52 -10.40
CA ASP A 33 1.85 1.59 -10.11
C ASP A 33 1.97 2.06 -8.68
N VAL A 34 1.60 3.33 -8.44
CA VAL A 34 1.67 3.89 -7.10
C VAL A 34 0.28 4.19 -6.56
N ILE A 35 -0.11 3.47 -5.51
CA ILE A 35 -1.42 3.66 -4.90
C ILE A 35 -1.32 4.55 -3.67
N LYS A 36 -1.97 5.71 -3.72
CA LYS A 36 -1.96 6.64 -2.61
C LYS A 36 -2.95 6.21 -1.53
N VAL A 37 -2.44 5.56 -0.50
CA VAL A 37 -3.28 5.10 0.60
C VAL A 37 -3.94 6.27 1.32
N LEU A 38 -5.27 6.30 1.28
CA LEU A 38 -6.03 7.37 1.93
C LEU A 38 -6.27 7.05 3.40
N ASP A 39 -6.55 5.77 3.69
CA ASP A 39 -6.80 5.34 5.06
C ASP A 39 -6.20 3.97 5.31
N ALA A 40 -5.32 3.89 6.30
CA ALA A 40 -4.66 2.63 6.65
C ALA A 40 -3.83 2.77 7.92
N SER A 41 -4.34 2.23 9.02
CA SER A 41 -3.64 2.30 10.29
C SER A 41 -3.57 0.92 10.95
N ASN A 42 -4.73 0.42 11.36
CA ASN A 42 -4.81 -0.89 12.01
C ASN A 42 -5.90 -1.76 11.38
N LYS A 43 -5.68 -2.15 10.13
CA LYS A 43 -6.65 -2.98 9.41
C LYS A 43 -5.95 -3.82 8.35
N ASP A 44 -6.68 -4.79 7.79
CA ASP A 44 -6.13 -5.67 6.78
C ASP A 44 -6.40 -5.12 5.38
N TRP A 45 -7.62 -4.66 5.15
CA TRP A 45 -8.00 -4.10 3.86
C TRP A 45 -8.11 -2.58 3.93
N TRP A 46 -7.29 -1.90 3.14
CA TRP A 46 -7.30 -0.44 3.11
C TRP A 46 -7.85 0.08 1.78
N TRP A 47 -8.07 1.38 1.71
CA TRP A 47 -8.60 2.01 0.51
C TRP A 47 -7.56 2.91 -0.14
N GLY A 48 -7.10 2.53 -1.33
CA GLY A 48 -6.10 3.31 -2.03
C GLY A 48 -6.68 4.08 -3.20
N GLN A 49 -6.07 5.21 -3.53
CA GLN A 49 -6.54 6.05 -4.63
C GLN A 49 -5.49 6.12 -5.73
N ILE A 50 -5.93 5.97 -6.98
CA ILE A 50 -5.04 6.02 -8.12
C ILE A 50 -5.31 7.25 -8.98
N ASP A 51 -4.30 7.70 -9.72
CA ASP A 51 -4.43 8.87 -10.58
C ASP A 51 -5.84 8.97 -11.14
N ASP A 52 -6.25 7.97 -11.92
CA ASP A 52 -7.58 7.95 -12.51
C ASP A 52 -8.28 6.63 -12.22
N GLU A 53 -7.85 5.96 -11.17
CA GLU A 53 -8.44 4.67 -10.80
C GLU A 53 -8.78 4.65 -9.30
N GLU A 54 -9.78 3.85 -8.95
CA GLU A 54 -10.21 3.74 -7.55
C GLU A 54 -10.90 2.40 -7.31
N GLY A 55 -10.83 1.93 -6.07
CA GLY A 55 -11.45 0.66 -5.73
C GLY A 55 -10.81 0.01 -4.52
N TRP A 56 -10.89 -1.32 -4.45
CA TRP A 56 -10.33 -2.06 -3.33
C TRP A 56 -9.04 -2.76 -3.74
N PHE A 57 -7.94 -2.41 -3.08
CA PHE A 57 -6.64 -3.02 -3.38
C PHE A 57 -6.09 -3.77 -2.18
N PRO A 58 -5.42 -4.90 -2.44
CA PRO A 58 -4.84 -5.74 -1.38
C PRO A 58 -3.65 -5.07 -0.71
N ALA A 59 -3.63 -5.10 0.63
CA ALA A 59 -2.54 -4.50 1.39
C ALA A 59 -1.39 -5.48 1.57
N SER A 60 -1.61 -6.73 1.15
CA SER A 60 -0.59 -7.76 1.27
C SER A 60 0.24 -7.86 -0.02
N PHE A 61 -0.32 -7.34 -1.11
CA PHE A 61 0.37 -7.36 -2.40
C PHE A 61 1.04 -6.02 -2.68
N VAL A 62 1.35 -5.29 -1.63
CA VAL A 62 2.00 -3.99 -1.76
C VAL A 62 2.98 -3.74 -0.63
N ARG A 63 4.14 -3.17 -0.96
CA ARG A 63 5.17 -2.89 0.03
C ARG A 63 5.22 -1.39 0.34
N LEU A 64 4.96 -1.03 1.60
CA LEU A 64 4.99 0.36 2.02
C LEU A 64 6.24 1.06 1.51
N TRP A 65 6.18 2.39 1.43
CA TRP A 65 7.31 3.17 0.96
C TRP A 65 8.36 3.32 2.06
N VAL A 66 7.90 3.61 3.28
CA VAL A 66 8.80 3.77 4.42
C VAL A 66 9.25 2.42 4.95
N ASN A 67 10.27 2.45 5.80
CA ASN A 67 10.82 1.22 6.39
C ASN A 67 10.24 1.00 7.79
N GLN A 68 9.59 -0.15 7.98
CA GLN A 68 9.01 -0.49 9.27
C GLN A 68 10.10 -0.79 10.30
N GLU A 69 9.88 -0.34 11.53
CA GLU A 69 10.84 -0.57 12.60
C GLU A 69 10.69 -1.96 13.19
N ASP A 70 11.48 -2.90 12.68
CA ASP A 70 11.43 -4.28 13.16
C ASP A 70 12.59 -4.57 14.11
N GLU A 71 12.61 -5.79 14.65
CA GLU A 71 13.66 -6.18 15.58
C GLU A 71 14.94 -6.54 14.83
N VAL A 72 16.07 -6.03 15.32
CA VAL A 72 17.36 -6.29 14.70
C VAL A 72 17.61 -7.79 14.56
N GLU A 73 18.08 -8.20 13.39
CA GLU A 73 18.36 -9.61 13.14
C GLU A 73 19.86 -9.90 13.29
N GLU A 74 20.18 -11.17 13.52
CA GLU A 74 21.58 -11.58 13.68
C GLU A 74 22.18 -11.99 12.34
N GLY A 75 21.46 -12.83 11.60
CA GLY A 75 21.93 -13.29 10.31
C GLY A 75 23.02 -14.34 10.44
N SER A 76 24.04 -14.24 9.58
CA SER A 76 25.13 -15.20 9.60
C SER A 76 26.47 -14.50 9.33
N GLY A 77 27.56 -15.23 9.50
CA GLY A 77 28.88 -14.67 9.28
C GLY A 77 29.86 -15.69 8.74
N PRO A 78 30.80 -15.22 7.90
CA PRO A 78 31.82 -16.09 7.30
C PRO A 78 32.84 -16.59 8.32
N SER A 79 33.74 -17.45 7.88
CA SER A 79 34.76 -18.00 8.76
C SER A 79 35.81 -18.79 7.96
N SER A 80 37.01 -18.87 8.50
CA SER A 80 38.09 -19.60 7.84
C SER A 80 37.70 -21.05 7.57
N GLY A 81 37.42 -21.79 8.65
CA GLY A 81 37.04 -23.18 8.51
C GLY A 81 38.22 -24.12 8.67
N GLY A 1 -8.32 30.49 17.31
CA GLY A 1 -7.86 29.91 16.07
C GLY A 1 -6.35 29.74 16.03
N SER A 2 -5.79 29.85 14.84
CA SER A 2 -4.33 29.71 14.68
C SER A 2 -3.81 28.55 15.51
N SER A 3 -4.54 27.45 15.51
CA SER A 3 -4.15 26.26 16.26
C SER A 3 -3.10 25.46 15.50
N GLY A 4 -3.40 25.13 14.26
CA GLY A 4 -2.47 24.36 13.44
C GLY A 4 -2.22 22.96 13.99
N SER A 5 -3.16 22.06 13.73
CA SER A 5 -3.04 20.69 14.21
C SER A 5 -3.08 19.70 13.04
N SER A 6 -2.67 18.46 13.30
CA SER A 6 -2.64 17.43 12.28
C SER A 6 -3.40 16.19 12.74
N GLY A 7 -4.17 15.60 11.84
CA GLY A 7 -4.94 14.41 12.17
C GLY A 7 -4.29 13.14 11.66
N ASP A 8 -5.02 12.39 10.84
CA ASP A 8 -4.51 11.14 10.28
C ASP A 8 -3.36 11.42 9.31
N SER A 9 -2.60 10.37 9.00
CA SER A 9 -1.47 10.49 8.08
C SER A 9 -1.72 9.69 6.80
N ILE A 10 -1.03 10.09 5.74
CA ILE A 10 -1.18 9.41 4.45
C ILE A 10 0.03 8.52 4.16
N VAL A 11 -0.23 7.31 3.68
CA VAL A 11 0.83 6.37 3.36
C VAL A 11 0.82 6.02 1.88
N SER A 12 2.02 5.89 1.29
CA SER A 12 2.14 5.56 -0.12
C SER A 12 2.90 4.24 -0.31
N ALA A 13 2.30 3.34 -1.07
CA ALA A 13 2.92 2.04 -1.32
C ALA A 13 2.93 1.72 -2.82
N GLU A 14 3.99 1.05 -3.27
CA GLU A 14 4.12 0.70 -4.68
C GLU A 14 3.77 -0.77 -4.89
N ALA A 15 3.05 -1.06 -5.97
CA ALA A 15 2.65 -2.42 -6.29
C ALA A 15 3.87 -3.29 -6.54
N VAL A 16 3.94 -4.43 -5.86
CA VAL A 16 5.06 -5.36 -6.01
C VAL A 16 4.84 -6.29 -7.20
N TRP A 17 3.61 -6.77 -7.34
CA TRP A 17 3.27 -7.68 -8.44
C TRP A 17 1.85 -7.40 -8.94
N ASP A 18 1.65 -7.57 -10.25
CA ASP A 18 0.35 -7.34 -10.86
C ASP A 18 -0.74 -8.10 -10.10
N HIS A 19 -1.60 -7.35 -9.41
CA HIS A 19 -2.69 -7.95 -8.64
C HIS A 19 -3.96 -8.01 -9.48
N VAL A 20 -4.01 -8.93 -10.44
CA VAL A 20 -5.17 -9.09 -11.30
C VAL A 20 -6.46 -9.17 -10.48
N THR A 21 -7.54 -8.66 -11.04
CA THR A 21 -8.83 -8.68 -10.36
C THR A 21 -9.96 -9.02 -11.33
N MET A 22 -11.02 -9.60 -10.81
CA MET A 22 -12.17 -9.98 -11.63
C MET A 22 -13.43 -9.22 -11.19
N ALA A 23 -13.28 -7.90 -11.04
CA ALA A 23 -14.41 -7.06 -10.63
C ALA A 23 -14.05 -5.59 -10.74
N ASN A 24 -15.06 -4.75 -10.93
CA ASN A 24 -14.86 -3.31 -11.05
C ASN A 24 -14.50 -2.71 -9.69
N ARG A 25 -15.41 -2.82 -8.74
CA ARG A 25 -15.20 -2.28 -7.40
C ARG A 25 -13.75 -2.46 -6.97
N GLU A 26 -13.19 -3.64 -7.25
CA GLU A 26 -11.81 -3.95 -6.90
C GLU A 26 -10.84 -3.05 -7.67
N LEU A 27 -9.67 -2.80 -7.08
CA LEU A 27 -8.66 -1.97 -7.72
C LEU A 27 -7.68 -2.82 -8.50
N ALA A 28 -7.72 -2.71 -9.82
CA ALA A 28 -6.83 -3.46 -10.70
C ALA A 28 -5.60 -2.66 -11.05
N PHE A 29 -4.43 -3.20 -10.72
CA PHE A 29 -3.17 -2.52 -11.01
C PHE A 29 -2.10 -3.52 -11.46
N LYS A 30 -0.99 -2.99 -11.97
CA LYS A 30 0.10 -3.84 -12.43
C LYS A 30 1.37 -3.60 -11.60
N ALA A 31 2.30 -4.54 -11.68
CA ALA A 31 3.55 -4.43 -10.94
C ALA A 31 4.33 -3.18 -11.35
N GLY A 32 4.37 -2.20 -10.46
CA GLY A 32 5.09 -0.97 -10.74
C GLY A 32 4.23 0.26 -10.51
N ASP A 33 2.93 0.12 -10.69
CA ASP A 33 1.99 1.22 -10.51
C ASP A 33 1.80 1.52 -9.01
N VAL A 34 2.12 2.75 -8.62
CA VAL A 34 1.99 3.16 -7.23
C VAL A 34 0.57 3.63 -6.93
N ILE A 35 0.12 3.42 -5.70
CA ILE A 35 -1.20 3.83 -5.28
C ILE A 35 -1.15 4.75 -4.07
N LYS A 36 -2.14 5.64 -3.96
CA LYS A 36 -2.21 6.58 -2.85
C LYS A 36 -3.27 6.16 -1.85
N VAL A 37 -2.83 5.60 -0.72
CA VAL A 37 -3.74 5.16 0.33
C VAL A 37 -4.43 6.34 1.00
N LEU A 38 -5.76 6.27 1.09
CA LEU A 38 -6.55 7.33 1.70
C LEU A 38 -6.82 7.03 3.17
N ASP A 39 -7.54 5.94 3.40
CA ASP A 39 -7.88 5.53 4.77
C ASP A 39 -7.52 4.06 5.00
N ALA A 40 -6.37 3.82 5.60
CA ALA A 40 -5.91 2.47 5.88
C ALA A 40 -6.26 2.05 7.30
N SER A 41 -7.53 2.25 7.67
CA SER A 41 -7.99 1.90 9.00
C SER A 41 -7.79 0.41 9.28
N ASN A 42 -8.47 -0.43 8.49
CA ASN A 42 -8.37 -1.87 8.64
C ASN A 42 -6.91 -2.33 8.49
N LYS A 43 -6.50 -3.24 9.37
CA LYS A 43 -5.14 -3.77 9.33
C LYS A 43 -4.95 -4.69 8.14
N ASP A 44 -6.05 -5.07 7.50
CA ASP A 44 -6.01 -5.95 6.34
C ASP A 44 -6.57 -5.26 5.11
N TRP A 45 -7.69 -4.56 5.29
CA TRP A 45 -8.34 -3.86 4.18
C TRP A 45 -7.78 -2.45 4.04
N TRP A 46 -7.09 -2.20 2.94
CA TRP A 46 -6.51 -0.87 2.69
C TRP A 46 -7.08 -0.26 1.42
N TRP A 47 -7.59 0.96 1.53
CA TRP A 47 -8.17 1.66 0.39
C TRP A 47 -7.10 2.41 -0.39
N GLY A 48 -6.99 2.11 -1.69
CA GLY A 48 -6.00 2.78 -2.51
C GLY A 48 -6.63 3.74 -3.51
N GLN A 49 -5.96 4.86 -3.74
CA GLN A 49 -6.46 5.87 -4.67
C GLN A 49 -5.48 6.10 -5.81
N ILE A 50 -5.99 6.11 -7.04
CA ILE A 50 -5.15 6.32 -8.21
C ILE A 50 -5.61 7.54 -9.00
N ASP A 51 -4.69 8.13 -9.75
CA ASP A 51 -4.99 9.30 -10.55
C ASP A 51 -6.43 9.25 -11.06
N ASP A 52 -6.74 8.23 -11.85
CA ASP A 52 -8.08 8.07 -12.40
C ASP A 52 -8.82 6.94 -11.69
N GLU A 53 -8.12 5.84 -11.44
CA GLU A 53 -8.71 4.69 -10.77
C GLU A 53 -8.85 4.94 -9.27
N GLU A 54 -9.84 4.29 -8.67
CA GLU A 54 -10.09 4.45 -7.24
C GLU A 54 -10.81 3.22 -6.68
N GLY A 55 -10.23 2.63 -5.64
CA GLY A 55 -10.83 1.45 -5.03
C GLY A 55 -10.05 0.99 -3.82
N TRP A 56 -9.97 -0.33 -3.63
CA TRP A 56 -9.25 -0.91 -2.51
C TRP A 56 -8.31 -2.02 -2.96
N PHE A 57 -7.12 -2.06 -2.39
CA PHE A 57 -6.13 -3.07 -2.74
C PHE A 57 -5.52 -3.70 -1.48
N PRO A 58 -5.08 -4.96 -1.61
CA PRO A 58 -4.48 -5.69 -0.50
C PRO A 58 -3.11 -5.15 -0.11
N ALA A 59 -2.97 -4.75 1.16
CA ALA A 59 -1.72 -4.21 1.65
C ALA A 59 -0.63 -5.28 1.69
N SER A 60 -1.00 -6.50 1.33
CA SER A 60 -0.06 -7.61 1.34
C SER A 60 0.69 -7.70 0.01
N PHE A 61 0.06 -7.21 -1.06
CA PHE A 61 0.66 -7.23 -2.38
C PHE A 61 1.20 -5.85 -2.75
N VAL A 62 1.90 -5.22 -1.81
CA VAL A 62 2.47 -3.90 -2.04
C VAL A 62 3.63 -3.64 -1.09
N ARG A 63 4.65 -2.95 -1.59
CA ARG A 63 5.83 -2.63 -0.78
C ARG A 63 5.79 -1.16 -0.34
N LEU A 64 5.81 -0.95 0.97
CA LEU A 64 5.79 0.40 1.51
C LEU A 64 7.15 1.06 1.40
N TRP A 65 7.16 2.39 1.39
CA TRP A 65 8.41 3.15 1.28
C TRP A 65 9.07 3.31 2.64
N VAL A 66 8.93 2.30 3.49
CA VAL A 66 9.51 2.33 4.83
C VAL A 66 10.42 1.11 5.06
N ASN A 67 11.54 1.34 5.71
CA ASN A 67 12.50 0.28 5.99
C ASN A 67 12.79 0.18 7.48
N GLN A 68 12.30 -0.87 8.11
CA GLN A 68 12.50 -1.08 9.54
C GLN A 68 13.40 -2.28 9.80
N GLU A 69 14.26 -2.16 10.80
CA GLU A 69 15.18 -3.24 11.15
C GLU A 69 14.52 -4.24 12.10
N ASP A 70 14.47 -5.49 11.68
CA ASP A 70 13.87 -6.55 12.49
C ASP A 70 14.89 -7.63 12.83
N GLU A 71 14.54 -8.48 13.79
CA GLU A 71 15.43 -9.56 14.21
C GLU A 71 14.69 -10.57 15.08
N VAL A 72 15.11 -11.82 15.01
CA VAL A 72 14.50 -12.88 15.80
C VAL A 72 15.54 -13.87 16.32
N GLU A 73 15.47 -14.18 17.60
CA GLU A 73 16.41 -15.12 18.22
C GLU A 73 15.81 -15.73 19.48
N GLU A 74 15.54 -17.03 19.42
CA GLU A 74 14.97 -17.75 20.56
C GLU A 74 15.93 -17.74 21.75
N GLY A 75 17.10 -18.34 21.55
CA GLY A 75 18.10 -18.40 22.60
C GLY A 75 17.47 -18.60 23.98
N SER A 76 16.52 -19.52 24.06
CA SER A 76 15.84 -19.81 25.32
C SER A 76 15.44 -21.28 25.40
N GLY A 77 16.07 -22.01 26.30
CA GLY A 77 15.77 -23.42 26.46
C GLY A 77 15.81 -24.18 25.15
N PRO A 78 17.01 -24.59 24.73
CA PRO A 78 17.20 -25.33 23.48
C PRO A 78 16.63 -26.74 23.54
N SER A 79 15.74 -27.06 22.61
CA SER A 79 15.11 -28.37 22.57
C SER A 79 16.16 -29.48 22.78
N SER A 80 17.26 -29.37 22.05
CA SER A 80 18.33 -30.35 22.14
C SER A 80 17.76 -31.77 22.16
N GLY A 81 16.77 -32.01 21.32
CA GLY A 81 16.15 -33.32 21.25
C GLY A 81 17.13 -34.40 20.83
N GLY A 1 -19.45 29.46 11.00
CA GLY A 1 -20.05 28.25 11.53
C GLY A 1 -19.11 27.47 12.42
N SER A 2 -19.47 26.22 12.69
CA SER A 2 -18.64 25.37 13.56
C SER A 2 -17.43 24.84 12.79
N SER A 3 -16.37 25.64 12.74
CA SER A 3 -15.15 25.26 12.05
C SER A 3 -14.49 24.05 12.72
N GLY A 4 -14.37 22.97 11.96
CA GLY A 4 -13.77 21.76 12.50
C GLY A 4 -12.35 21.53 11.97
N SER A 5 -11.76 20.41 12.36
CA SER A 5 -10.41 20.08 11.92
C SER A 5 -10.29 18.60 11.59
N SER A 6 -9.60 18.28 10.51
CA SER A 6 -9.42 16.91 10.07
C SER A 6 -8.23 16.79 9.11
N GLY A 7 -7.44 15.72 9.28
CA GLY A 7 -6.30 15.51 8.43
C GLY A 7 -5.29 14.56 9.03
N ASP A 8 -4.79 13.64 8.22
CA ASP A 8 -3.81 12.65 8.68
C ASP A 8 -2.64 12.55 7.70
N SER A 9 -1.64 11.76 8.08
CA SER A 9 -0.46 11.57 7.24
C SER A 9 -0.80 10.77 5.98
N ILE A 10 -0.21 11.14 4.86
CA ILE A 10 -0.45 10.46 3.60
C ILE A 10 0.65 9.43 3.32
N VAL A 11 0.24 8.19 3.11
CA VAL A 11 1.19 7.11 2.82
C VAL A 11 1.05 6.62 1.39
N SER A 12 2.14 6.11 0.84
CA SER A 12 2.14 5.60 -0.53
C SER A 12 2.78 4.22 -0.60
N ALA A 13 2.08 3.28 -1.24
CA ALA A 13 2.58 1.92 -1.38
C ALA A 13 2.87 1.59 -2.84
N GLU A 14 3.80 0.66 -3.06
CA GLU A 14 4.17 0.26 -4.41
C GLU A 14 3.73 -1.18 -4.68
N ALA A 15 2.97 -1.36 -5.77
CA ALA A 15 2.50 -2.69 -6.14
C ALA A 15 3.65 -3.64 -6.37
N VAL A 16 3.88 -4.52 -5.38
CA VAL A 16 4.96 -5.50 -5.47
C VAL A 16 4.53 -6.72 -6.27
N TRP A 17 3.27 -7.10 -6.11
CA TRP A 17 2.72 -8.26 -6.81
C TRP A 17 1.43 -7.91 -7.53
N ASP A 18 1.41 -8.09 -8.85
CA ASP A 18 0.24 -7.78 -9.65
C ASP A 18 -1.03 -8.30 -8.98
N HIS A 19 -2.01 -7.42 -8.84
CA HIS A 19 -3.28 -7.80 -8.21
C HIS A 19 -4.42 -7.75 -9.22
N VAL A 20 -4.51 -8.76 -10.07
CA VAL A 20 -5.56 -8.83 -11.08
C VAL A 20 -6.92 -9.07 -10.44
N THR A 21 -7.95 -8.46 -11.02
CA THR A 21 -9.31 -8.61 -10.51
C THR A 21 -10.27 -9.03 -11.61
N MET A 22 -11.07 -10.06 -11.34
CA MET A 22 -12.04 -10.56 -12.31
C MET A 22 -12.99 -9.45 -12.74
N ALA A 23 -13.38 -8.61 -11.79
CA ALA A 23 -14.29 -7.50 -12.08
C ALA A 23 -13.54 -6.19 -12.23
N ASN A 24 -14.23 -5.16 -12.69
CA ASN A 24 -13.63 -3.85 -12.89
C ASN A 24 -13.76 -3.00 -11.62
N ARG A 25 -14.83 -3.23 -10.87
CA ARG A 25 -15.07 -2.48 -9.64
C ARG A 25 -13.87 -2.57 -8.71
N GLU A 26 -13.36 -3.78 -8.53
CA GLU A 26 -12.20 -4.01 -7.66
C GLU A 26 -10.94 -3.39 -8.26
N LEU A 27 -10.34 -2.45 -7.54
CA LEU A 27 -9.14 -1.79 -8.00
C LEU A 27 -8.22 -2.76 -8.75
N ALA A 28 -7.88 -2.41 -9.98
CA ALA A 28 -7.01 -3.25 -10.80
C ALA A 28 -5.70 -2.54 -11.12
N PHE A 29 -4.60 -3.10 -10.62
CA PHE A 29 -3.28 -2.52 -10.85
C PHE A 29 -2.25 -3.60 -11.14
N LYS A 30 -1.03 -3.19 -11.49
CA LYS A 30 0.05 -4.12 -11.79
C LYS A 30 1.34 -3.70 -11.11
N ALA A 31 2.27 -4.63 -10.98
CA ALA A 31 3.55 -4.35 -10.35
C ALA A 31 4.18 -3.08 -10.93
N GLY A 32 4.12 -2.00 -10.16
CA GLY A 32 4.69 -0.74 -10.61
C GLY A 32 3.75 0.43 -10.36
N ASP A 33 2.46 0.21 -10.56
CA ASP A 33 1.47 1.26 -10.35
C ASP A 33 1.56 1.81 -8.93
N VAL A 34 1.54 3.14 -8.81
CA VAL A 34 1.61 3.79 -7.51
C VAL A 34 0.21 4.11 -6.98
N ILE A 35 -0.12 3.55 -5.83
CA ILE A 35 -1.42 3.78 -5.21
C ILE A 35 -1.30 4.68 -4.00
N LYS A 36 -2.17 5.68 -3.92
CA LYS A 36 -2.17 6.61 -2.80
C LYS A 36 -2.97 6.05 -1.63
N VAL A 37 -2.26 5.63 -0.58
CA VAL A 37 -2.91 5.09 0.61
C VAL A 37 -3.60 6.18 1.41
N LEU A 38 -4.93 6.12 1.44
CA LEU A 38 -5.72 7.11 2.17
C LEU A 38 -6.18 6.54 3.51
N ASP A 39 -6.61 5.29 3.49
CA ASP A 39 -7.09 4.63 4.71
C ASP A 39 -6.19 3.45 5.08
N ALA A 40 -5.33 3.64 6.07
CA ALA A 40 -4.43 2.60 6.51
C ALA A 40 -4.57 2.34 8.01
N SER A 41 -5.65 1.67 8.39
CA SER A 41 -5.91 1.37 9.79
C SER A 41 -5.30 0.03 10.17
N ASN A 42 -5.57 -0.99 9.37
CA ASN A 42 -5.05 -2.33 9.62
C ASN A 42 -4.58 -2.98 8.33
N LYS A 43 -3.78 -4.03 8.46
CA LYS A 43 -3.26 -4.76 7.31
C LYS A 43 -4.31 -5.72 6.74
N ASP A 44 -5.54 -5.22 6.62
CA ASP A 44 -6.63 -6.04 6.09
C ASP A 44 -7.30 -5.35 4.91
N TRP A 45 -7.91 -4.19 5.16
CA TRP A 45 -8.59 -3.44 4.11
C TRP A 45 -7.99 -2.04 3.98
N TRP A 46 -7.23 -1.83 2.92
CA TRP A 46 -6.60 -0.53 2.68
C TRP A 46 -7.12 0.09 1.40
N TRP A 47 -7.66 1.30 1.52
CA TRP A 47 -8.20 2.01 0.36
C TRP A 47 -7.11 2.76 -0.38
N GLY A 48 -7.18 2.74 -1.71
CA GLY A 48 -6.18 3.42 -2.51
C GLY A 48 -6.80 4.25 -3.63
N GLN A 49 -6.35 5.49 -3.75
CA GLN A 49 -6.87 6.39 -4.78
C GLN A 49 -5.84 6.62 -5.87
N ILE A 50 -6.20 6.28 -7.10
CA ILE A 50 -5.31 6.45 -8.24
C ILE A 50 -5.70 7.65 -9.08
N ASP A 51 -4.74 8.21 -9.80
CA ASP A 51 -4.99 9.36 -10.65
C ASP A 51 -6.41 9.33 -11.21
N ASP A 52 -6.70 8.31 -12.00
CA ASP A 52 -8.02 8.16 -12.61
C ASP A 52 -8.82 7.08 -11.88
N GLU A 53 -8.18 5.96 -11.58
CA GLU A 53 -8.84 4.86 -10.90
C GLU A 53 -8.96 5.15 -9.41
N GLU A 54 -9.92 4.50 -8.76
CA GLU A 54 -10.14 4.68 -7.33
C GLU A 54 -10.88 3.49 -6.73
N GLY A 55 -10.33 2.93 -5.66
CA GLY A 55 -10.95 1.79 -5.01
C GLY A 55 -10.12 1.25 -3.87
N TRP A 56 -10.31 -0.03 -3.55
CA TRP A 56 -9.57 -0.66 -2.46
C TRP A 56 -8.44 -1.52 -3.01
N PHE A 57 -7.59 -2.01 -2.11
CA PHE A 57 -6.46 -2.85 -2.50
C PHE A 57 -5.89 -3.59 -1.31
N PRO A 58 -5.41 -4.82 -1.54
CA PRO A 58 -4.83 -5.66 -0.48
C PRO A 58 -3.48 -5.13 -0.01
N ALA A 59 -3.29 -5.11 1.30
CA ALA A 59 -2.05 -4.63 1.89
C ALA A 59 -0.99 -5.73 1.90
N SER A 60 -1.38 -6.93 1.51
CA SER A 60 -0.47 -8.07 1.49
C SER A 60 0.23 -8.17 0.13
N PHE A 61 -0.28 -7.43 -0.84
CA PHE A 61 0.30 -7.43 -2.18
C PHE A 61 0.95 -6.08 -2.50
N VAL A 62 1.30 -5.34 -1.45
CA VAL A 62 1.94 -4.04 -1.61
C VAL A 62 2.97 -3.79 -0.52
N ARG A 63 4.02 -3.05 -0.86
CA ARG A 63 5.08 -2.73 0.09
C ARG A 63 5.08 -1.25 0.43
N LEU A 64 5.17 -0.93 1.72
CA LEU A 64 5.18 0.45 2.18
C LEU A 64 6.43 1.18 1.68
N TRP A 65 6.33 2.50 1.58
CA TRP A 65 7.46 3.31 1.12
C TRP A 65 8.44 3.59 2.26
N VAL A 66 7.89 3.96 3.42
CA VAL A 66 8.72 4.25 4.59
C VAL A 66 9.19 2.98 5.26
N ASN A 67 10.43 2.59 4.99
CA ASN A 67 11.01 1.38 5.57
C ASN A 67 12.00 1.73 6.68
N GLN A 68 11.61 1.43 7.92
CA GLN A 68 12.47 1.72 9.07
C GLN A 68 13.02 0.43 9.66
N GLU A 69 14.17 -0.01 9.14
CA GLU A 69 14.80 -1.22 9.62
C GLU A 69 16.32 -1.05 9.72
N ASP A 70 16.92 -1.66 10.73
CA ASP A 70 18.36 -1.57 10.94
C ASP A 70 19.11 -2.48 9.97
N GLU A 71 19.34 -1.99 8.76
CA GLU A 71 20.05 -2.76 7.75
C GLU A 71 20.66 -1.83 6.70
N VAL A 72 21.68 -2.35 6.00
CA VAL A 72 22.35 -1.58 4.97
C VAL A 72 21.37 -0.67 4.22
N GLU A 73 21.85 0.51 3.83
CA GLU A 73 21.02 1.48 3.12
C GLU A 73 21.09 1.23 1.61
N GLU A 74 20.32 2.02 0.86
CA GLU A 74 20.29 1.90 -0.59
C GLU A 74 21.45 2.67 -1.23
N GLY A 75 21.51 2.64 -2.55
CA GLY A 75 22.56 3.34 -3.26
C GLY A 75 22.09 4.63 -3.90
N SER A 76 22.48 4.85 -5.15
CA SER A 76 22.10 6.06 -5.87
C SER A 76 22.00 5.79 -7.37
N GLY A 77 21.63 6.82 -8.12
CA GLY A 77 21.51 6.67 -9.56
C GLY A 77 22.00 7.89 -10.31
N PRO A 78 22.57 7.67 -11.51
CA PRO A 78 23.10 8.75 -12.35
C PRO A 78 21.98 9.62 -12.94
N SER A 79 22.35 10.51 -13.84
CA SER A 79 21.39 11.40 -14.48
C SER A 79 21.63 11.48 -15.98
N SER A 80 20.76 12.20 -16.69
CA SER A 80 20.88 12.35 -18.13
C SER A 80 20.74 13.82 -18.53
N GLY A 81 20.92 14.10 -19.82
CA GLY A 81 20.79 15.46 -20.31
C GLY A 81 20.82 15.53 -21.82
N GLY A 1 -23.33 7.71 9.06
CA GLY A 1 -22.03 8.30 8.81
C GLY A 1 -21.40 8.88 10.06
N SER A 2 -20.09 8.75 10.19
CA SER A 2 -19.37 9.27 11.35
C SER A 2 -17.87 9.12 11.16
N SER A 3 -17.15 10.24 11.27
CA SER A 3 -15.70 10.23 11.11
C SER A 3 -15.10 11.55 11.60
N GLY A 4 -13.77 11.59 11.67
CA GLY A 4 -13.09 12.79 12.11
C GLY A 4 -11.75 12.98 11.45
N SER A 5 -11.28 14.23 11.41
CA SER A 5 -10.00 14.54 10.79
C SER A 5 -9.28 15.66 11.55
N SER A 6 -8.02 15.42 11.90
CA SER A 6 -7.23 16.39 12.63
C SER A 6 -5.95 16.74 11.86
N GLY A 7 -5.19 15.71 11.50
CA GLY A 7 -3.95 15.93 10.77
C GLY A 7 -3.00 14.76 10.89
N ASP A 8 -2.82 14.03 9.80
CA ASP A 8 -1.92 12.87 9.79
C ASP A 8 -1.26 12.71 8.43
N SER A 9 0.03 12.38 8.44
CA SER A 9 0.77 12.19 7.20
C SER A 9 0.18 11.07 6.36
N ILE A 10 0.40 11.13 5.06
CA ILE A 10 -0.11 10.12 4.14
C ILE A 10 0.98 9.14 3.74
N VAL A 11 0.61 7.87 3.56
CA VAL A 11 1.56 6.84 3.17
C VAL A 11 1.20 6.24 1.82
N SER A 12 2.21 5.90 1.03
CA SER A 12 1.99 5.33 -0.29
C SER A 12 2.62 3.94 -0.38
N ALA A 13 1.96 3.05 -1.11
CA ALA A 13 2.46 1.69 -1.28
C ALA A 13 2.92 1.45 -2.72
N GLU A 14 3.74 0.43 -2.91
CA GLU A 14 4.25 0.09 -4.23
C GLU A 14 3.80 -1.30 -4.65
N ALA A 15 3.15 -1.39 -5.81
CA ALA A 15 2.67 -2.66 -6.33
C ALA A 15 3.83 -3.54 -6.79
N VAL A 16 4.20 -4.51 -5.96
CA VAL A 16 5.30 -5.42 -6.28
C VAL A 16 4.80 -6.62 -7.08
N TRP A 17 3.54 -6.98 -6.86
CA TRP A 17 2.95 -8.11 -7.57
C TRP A 17 1.68 -7.69 -8.29
N ASP A 18 1.70 -7.78 -9.62
CA ASP A 18 0.55 -7.40 -10.44
C ASP A 18 -0.73 -8.06 -9.91
N HIS A 19 -1.67 -7.23 -9.47
CA HIS A 19 -2.94 -7.73 -8.94
C HIS A 19 -4.04 -7.59 -9.97
N VAL A 20 -4.07 -8.50 -10.94
CA VAL A 20 -5.09 -8.48 -11.98
C VAL A 20 -6.42 -9.01 -11.48
N THR A 21 -7.50 -8.58 -12.11
CA THR A 21 -8.84 -9.01 -11.72
C THR A 21 -9.83 -8.81 -12.85
N MET A 22 -10.94 -9.56 -12.81
CA MET A 22 -11.97 -9.46 -13.83
C MET A 22 -13.01 -8.41 -13.45
N ALA A 23 -13.43 -8.42 -12.19
CA ALA A 23 -14.42 -7.48 -11.70
C ALA A 23 -13.87 -6.05 -11.73
N ASN A 24 -14.70 -5.10 -11.29
CA ASN A 24 -14.30 -3.70 -11.26
C ASN A 24 -14.15 -3.20 -9.82
N ARG A 25 -15.09 -3.60 -8.97
CA ARG A 25 -15.07 -3.20 -7.57
C ARG A 25 -13.64 -3.10 -7.05
N GLU A 26 -12.93 -4.23 -7.07
CA GLU A 26 -11.55 -4.28 -6.60
C GLU A 26 -10.66 -3.34 -7.43
N LEU A 27 -9.62 -2.82 -6.79
CA LEU A 27 -8.69 -1.92 -7.48
C LEU A 27 -7.68 -2.70 -8.31
N ALA A 28 -7.89 -2.72 -9.62
CA ALA A 28 -6.99 -3.42 -10.53
C ALA A 28 -5.81 -2.55 -10.91
N PHE A 29 -4.61 -3.14 -10.87
CA PHE A 29 -3.39 -2.41 -11.22
C PHE A 29 -2.26 -3.38 -11.54
N LYS A 30 -1.28 -2.90 -12.31
CA LYS A 30 -0.14 -3.72 -12.69
C LYS A 30 1.09 -3.38 -11.84
N ALA A 31 1.93 -4.37 -11.60
CA ALA A 31 3.15 -4.18 -10.82
C ALA A 31 3.83 -2.87 -11.18
N GLY A 32 3.96 -1.97 -10.20
CA GLY A 32 4.59 -0.69 -10.45
C GLY A 32 3.69 0.48 -10.11
N ASP A 33 2.40 0.33 -10.39
CA ASP A 33 1.43 1.38 -10.11
C ASP A 33 1.49 1.81 -8.66
N VAL A 34 1.50 3.12 -8.42
CA VAL A 34 1.56 3.66 -7.07
C VAL A 34 0.16 3.93 -6.52
N ILE A 35 -0.15 3.33 -5.38
CA ILE A 35 -1.46 3.51 -4.75
C ILE A 35 -1.36 4.42 -3.53
N LYS A 36 -2.21 5.44 -3.50
CA LYS A 36 -2.22 6.38 -2.38
C LYS A 36 -3.20 5.93 -1.29
N VAL A 37 -2.66 5.40 -0.20
CA VAL A 37 -3.48 4.94 0.91
C VAL A 37 -4.22 6.09 1.57
N LEU A 38 -5.55 6.04 1.50
CA LEU A 38 -6.38 7.08 2.08
C LEU A 38 -6.74 6.75 3.53
N ASP A 39 -7.36 5.60 3.73
CA ASP A 39 -7.76 5.16 5.06
C ASP A 39 -7.22 3.76 5.36
N ALA A 40 -6.17 3.69 6.16
CA ALA A 40 -5.56 2.41 6.52
C ALA A 40 -6.00 1.96 7.90
N SER A 41 -5.96 2.88 8.86
CA SER A 41 -6.35 2.57 10.23
C SER A 41 -5.87 1.18 10.65
N ASN A 42 -4.63 0.87 10.28
CA ASN A 42 -4.05 -0.43 10.60
C ASN A 42 -5.08 -1.55 10.43
N LYS A 43 -5.76 -1.55 9.29
CA LYS A 43 -6.76 -2.55 9.00
C LYS A 43 -6.20 -3.65 8.09
N ASP A 44 -6.94 -4.73 7.95
CA ASP A 44 -6.51 -5.85 7.11
C ASP A 44 -6.44 -5.43 5.65
N TRP A 45 -7.34 -4.52 5.26
CA TRP A 45 -7.36 -4.03 3.89
C TRP A 45 -7.62 -2.53 3.85
N TRP A 46 -6.79 -1.82 3.08
CA TRP A 46 -6.93 -0.37 2.95
C TRP A 46 -7.41 0.01 1.56
N TRP A 47 -8.06 1.18 1.46
CA TRP A 47 -8.57 1.65 0.18
C TRP A 47 -7.46 2.32 -0.63
N GLY A 48 -7.48 2.11 -1.93
CA GLY A 48 -6.47 2.70 -2.80
C GLY A 48 -7.06 3.72 -3.76
N GLN A 49 -6.43 4.89 -3.84
CA GLN A 49 -6.89 5.95 -4.72
C GLN A 49 -5.80 6.38 -5.69
N ILE A 50 -6.03 6.13 -6.98
CA ILE A 50 -5.06 6.49 -8.01
C ILE A 50 -5.59 7.60 -8.90
N ASP A 51 -4.68 8.36 -9.50
CA ASP A 51 -5.06 9.45 -10.39
C ASP A 51 -6.35 9.12 -11.13
N ASP A 52 -6.32 8.05 -11.92
CA ASP A 52 -7.49 7.64 -12.69
C ASP A 52 -8.13 6.40 -12.07
N GLU A 53 -7.29 5.47 -11.60
CA GLU A 53 -7.78 4.24 -10.98
C GLU A 53 -8.19 4.48 -9.54
N GLU A 54 -9.17 3.73 -9.06
CA GLU A 54 -9.65 3.87 -7.69
C GLU A 54 -10.30 2.57 -7.21
N GLY A 55 -10.45 2.45 -5.90
CA GLY A 55 -11.06 1.26 -5.33
C GLY A 55 -10.27 0.71 -4.15
N TRP A 56 -10.41 -0.59 -3.91
CA TRP A 56 -9.71 -1.23 -2.81
C TRP A 56 -8.51 -2.02 -3.31
N PHE A 57 -7.37 -1.88 -2.64
CA PHE A 57 -6.16 -2.59 -3.02
C PHE A 57 -5.67 -3.48 -1.89
N PRO A 58 -5.01 -4.59 -2.25
CA PRO A 58 -4.48 -5.56 -1.28
C PRO A 58 -3.30 -5.00 -0.50
N ALA A 59 -3.40 -5.03 0.83
CA ALA A 59 -2.33 -4.53 1.69
C ALA A 59 -1.19 -5.53 1.79
N SER A 60 -1.38 -6.70 1.18
CA SER A 60 -0.37 -7.74 1.21
C SER A 60 0.40 -7.79 -0.12
N PHE A 61 -0.29 -7.44 -1.20
CA PHE A 61 0.32 -7.44 -2.52
C PHE A 61 0.94 -6.08 -2.84
N VAL A 62 1.50 -5.44 -1.82
CA VAL A 62 2.12 -4.14 -1.99
C VAL A 62 3.20 -3.90 -0.93
N ARG A 63 4.20 -3.10 -1.28
CA ARG A 63 5.28 -2.79 -0.35
C ARG A 63 5.16 -1.36 0.17
N LEU A 64 5.22 -1.22 1.49
CA LEU A 64 5.12 0.10 2.12
C LEU A 64 6.30 0.98 1.73
N TRP A 65 6.07 2.29 1.72
CA TRP A 65 7.12 3.24 1.37
C TRP A 65 7.98 3.59 2.58
N VAL A 66 8.92 2.71 2.90
CA VAL A 66 9.81 2.92 4.04
C VAL A 66 11.27 2.97 3.60
N ASN A 67 12.03 3.90 4.18
CA ASN A 67 13.43 4.05 3.85
C ASN A 67 14.32 3.59 5.01
N GLN A 68 15.15 2.59 4.75
CA GLN A 68 16.05 2.06 5.78
C GLN A 68 17.10 1.14 5.15
N GLU A 69 18.17 0.90 5.89
CA GLU A 69 19.25 0.04 5.42
C GLU A 69 18.71 -1.31 4.96
N ASP A 70 19.51 -2.03 4.18
CA ASP A 70 19.11 -3.33 3.67
C ASP A 70 20.22 -4.36 3.87
N GLU A 71 19.89 -5.64 3.68
CA GLU A 71 20.86 -6.71 3.84
C GLU A 71 21.61 -6.96 2.54
N VAL A 72 22.94 -6.90 2.61
CA VAL A 72 23.79 -7.13 1.44
C VAL A 72 23.67 -8.57 0.95
N GLU A 73 24.35 -8.86 -0.16
CA GLU A 73 24.31 -10.20 -0.73
C GLU A 73 25.70 -10.83 -0.68
N GLU A 74 25.78 -12.10 -1.07
CA GLU A 74 27.05 -12.82 -1.07
C GLU A 74 27.67 -12.83 -2.46
N GLY A 75 26.88 -13.19 -3.47
CA GLY A 75 27.37 -13.23 -4.83
C GLY A 75 27.93 -14.58 -5.21
N SER A 76 28.43 -14.70 -6.43
CA SER A 76 28.99 -15.96 -6.92
C SER A 76 30.45 -15.78 -7.31
N GLY A 77 30.72 -14.79 -8.15
CA GLY A 77 32.08 -14.53 -8.60
C GLY A 77 32.46 -15.35 -9.81
N PRO A 78 33.31 -14.78 -10.68
CA PRO A 78 33.77 -15.44 -11.90
C PRO A 78 34.70 -16.61 -11.61
N SER A 79 35.22 -17.23 -12.67
CA SER A 79 36.13 -18.36 -12.52
C SER A 79 36.80 -18.70 -13.85
N SER A 80 37.86 -19.49 -13.79
CA SER A 80 38.59 -19.89 -14.98
C SER A 80 39.05 -18.66 -15.78
N GLY A 81 39.73 -17.75 -15.09
CA GLY A 81 40.22 -16.54 -15.74
C GLY A 81 41.20 -16.84 -16.86
N GLY A 1 -24.34 11.30 8.46
CA GLY A 1 -22.92 11.08 8.26
C GLY A 1 -22.14 12.38 8.10
N SER A 2 -21.20 12.62 8.99
CA SER A 2 -20.38 13.82 8.95
C SER A 2 -19.09 13.65 9.75
N SER A 3 -17.98 13.51 9.04
CA SER A 3 -16.69 13.33 9.68
C SER A 3 -15.70 14.41 9.22
N GLY A 4 -14.60 14.54 9.96
CA GLY A 4 -13.59 15.52 9.60
C GLY A 4 -12.37 15.45 10.51
N SER A 5 -11.41 14.62 10.13
CA SER A 5 -10.18 14.46 10.91
C SER A 5 -9.02 14.05 10.02
N SER A 6 -7.84 14.59 10.31
CA SER A 6 -6.64 14.28 9.54
C SER A 6 -5.38 14.65 10.31
N GLY A 7 -4.40 13.75 10.30
CA GLY A 7 -3.16 14.00 11.00
C GLY A 7 -2.04 13.07 10.56
N ASP A 8 -2.39 11.81 10.32
CA ASP A 8 -1.40 10.82 9.89
C ASP A 8 -0.89 11.14 8.49
N SER A 9 0.43 11.15 8.33
CA SER A 9 1.05 11.45 7.04
C SER A 9 0.52 10.51 5.96
N ILE A 10 0.45 11.02 4.74
CA ILE A 10 -0.03 10.23 3.61
C ILE A 10 0.91 9.07 3.31
N VAL A 11 0.35 7.86 3.28
CA VAL A 11 1.15 6.67 3.00
C VAL A 11 1.08 6.30 1.53
N SER A 12 2.16 5.73 1.01
CA SER A 12 2.22 5.33 -0.39
C SER A 12 3.00 4.03 -0.55
N ALA A 13 2.40 3.07 -1.25
CA ALA A 13 3.04 1.78 -1.48
C ALA A 13 3.12 1.47 -2.97
N GLU A 14 4.13 0.68 -3.35
CA GLU A 14 4.33 0.31 -4.74
C GLU A 14 3.90 -1.13 -4.97
N ALA A 15 3.08 -1.34 -6.00
CA ALA A 15 2.59 -2.67 -6.35
C ALA A 15 3.74 -3.57 -6.79
N VAL A 16 4.16 -4.47 -5.91
CA VAL A 16 5.24 -5.39 -6.21
C VAL A 16 4.74 -6.58 -7.03
N TRP A 17 3.46 -6.91 -6.87
CA TRP A 17 2.87 -8.03 -7.58
C TRP A 17 1.57 -7.61 -8.27
N ASP A 18 1.45 -7.91 -9.55
CA ASP A 18 0.26 -7.56 -10.32
C ASP A 18 -0.98 -8.25 -9.74
N HIS A 19 -2.04 -7.46 -9.57
CA HIS A 19 -3.29 -7.99 -9.02
C HIS A 19 -4.40 -7.94 -10.06
N VAL A 20 -4.40 -8.92 -10.96
CA VAL A 20 -5.41 -8.98 -12.01
C VAL A 20 -6.78 -9.27 -11.43
N THR A 21 -7.38 -8.27 -10.77
CA THR A 21 -8.69 -8.42 -10.17
C THR A 21 -9.70 -8.95 -11.17
N MET A 22 -9.69 -8.37 -12.38
CA MET A 22 -10.60 -8.79 -13.43
C MET A 22 -12.04 -8.45 -13.06
N ALA A 23 -12.26 -7.25 -12.55
CA ALA A 23 -13.58 -6.80 -12.16
C ALA A 23 -13.58 -5.33 -11.77
N ASN A 24 -14.25 -4.50 -12.57
CA ASN A 24 -14.33 -3.07 -12.31
C ASN A 24 -14.53 -2.80 -10.82
N ARG A 25 -15.51 -3.48 -10.23
CA ARG A 25 -15.81 -3.31 -8.82
C ARG A 25 -14.53 -3.21 -8.00
N GLU A 26 -13.60 -4.14 -8.24
CA GLU A 26 -12.34 -4.16 -7.52
C GLU A 26 -11.31 -3.27 -8.21
N LEU A 27 -10.36 -2.76 -7.43
CA LEU A 27 -9.31 -1.89 -7.97
C LEU A 27 -8.24 -2.72 -8.68
N ALA A 28 -8.27 -2.72 -10.01
CA ALA A 28 -7.30 -3.46 -10.80
C ALA A 28 -6.02 -2.65 -11.00
N PHE A 29 -4.89 -3.35 -11.09
CA PHE A 29 -3.60 -2.71 -11.28
C PHE A 29 -2.51 -3.73 -11.58
N LYS A 30 -1.33 -3.24 -11.95
CA LYS A 30 -0.21 -4.11 -12.27
C LYS A 30 1.06 -3.62 -11.61
N ALA A 31 2.02 -4.52 -11.41
CA ALA A 31 3.29 -4.18 -10.79
C ALA A 31 3.86 -2.88 -11.38
N GLY A 32 4.33 -2.00 -10.51
CA GLY A 32 4.89 -0.74 -10.97
C GLY A 32 4.03 0.45 -10.61
N ASP A 33 2.71 0.22 -10.58
CA ASP A 33 1.77 1.29 -10.25
C ASP A 33 1.67 1.48 -8.74
N VAL A 34 1.98 2.69 -8.28
CA VAL A 34 1.93 3.00 -6.86
C VAL A 34 0.57 3.59 -6.47
N ILE A 35 -0.08 2.96 -5.51
CA ILE A 35 -1.39 3.41 -5.04
C ILE A 35 -1.25 4.34 -3.84
N LYS A 36 -2.12 5.34 -3.77
CA LYS A 36 -2.11 6.30 -2.67
C LYS A 36 -3.01 5.83 -1.53
N VAL A 37 -2.40 5.42 -0.43
CA VAL A 37 -3.15 4.96 0.74
C VAL A 37 -3.74 6.13 1.52
N LEU A 38 -5.06 6.21 1.54
CA LEU A 38 -5.75 7.28 2.25
C LEU A 38 -5.88 6.96 3.73
N ASP A 39 -6.58 5.87 4.04
CA ASP A 39 -6.77 5.46 5.43
C ASP A 39 -6.25 4.04 5.65
N ALA A 40 -5.54 3.84 6.75
CA ALA A 40 -4.99 2.53 7.07
C ALA A 40 -5.29 2.14 8.52
N SER A 41 -6.51 2.43 8.96
CA SER A 41 -6.93 2.12 10.32
C SER A 41 -7.23 0.64 10.47
N ASN A 42 -7.89 0.07 9.47
CA ASN A 42 -8.25 -1.34 9.48
C ASN A 42 -6.99 -2.22 9.53
N LYS A 43 -7.20 -3.53 9.52
CA LYS A 43 -6.09 -4.47 9.56
C LYS A 43 -5.80 -5.03 8.16
N ASP A 44 -4.53 -4.99 7.76
CA ASP A 44 -4.13 -5.50 6.46
C ASP A 44 -5.16 -5.15 5.40
N TRP A 45 -5.88 -4.05 5.61
CA TRP A 45 -6.89 -3.60 4.67
C TRP A 45 -6.97 -2.07 4.63
N TRP A 46 -6.47 -1.49 3.56
CA TRP A 46 -6.48 -0.03 3.41
C TRP A 46 -7.06 0.36 2.06
N TRP A 47 -7.62 1.56 1.99
CA TRP A 47 -8.22 2.06 0.76
C TRP A 47 -7.15 2.60 -0.19
N GLY A 48 -7.27 2.30 -1.47
CA GLY A 48 -6.31 2.76 -2.44
C GLY A 48 -6.87 3.85 -3.33
N GLN A 49 -6.00 4.79 -3.73
CA GLN A 49 -6.42 5.89 -4.59
C GLN A 49 -5.41 6.13 -5.70
N ILE A 50 -5.82 5.90 -6.95
CA ILE A 50 -4.94 6.10 -8.09
C ILE A 50 -5.46 7.21 -9.00
N ASP A 51 -4.56 7.82 -9.75
CA ASP A 51 -4.93 8.90 -10.66
C ASP A 51 -6.34 8.68 -11.22
N ASP A 52 -6.52 7.58 -11.94
CA ASP A 52 -7.82 7.26 -12.53
C ASP A 52 -8.51 6.15 -11.74
N GLU A 53 -7.73 5.11 -11.39
CA GLU A 53 -8.27 3.99 -10.64
C GLU A 53 -8.49 4.36 -9.18
N GLU A 54 -9.58 3.85 -8.61
CA GLU A 54 -9.91 4.14 -7.21
C GLU A 54 -10.81 3.05 -6.64
N GLY A 55 -10.55 2.67 -5.40
CA GLY A 55 -11.34 1.64 -4.74
C GLY A 55 -10.57 0.91 -3.66
N TRP A 56 -10.77 -0.40 -3.58
CA TRP A 56 -10.10 -1.21 -2.57
C TRP A 56 -8.95 -1.99 -3.18
N PHE A 57 -8.03 -2.46 -2.35
CA PHE A 57 -6.88 -3.22 -2.81
C PHE A 57 -6.13 -3.86 -1.64
N PRO A 58 -5.53 -5.03 -1.89
CA PRO A 58 -4.78 -5.76 -0.86
C PRO A 58 -3.47 -5.05 -0.49
N ALA A 59 -3.21 -4.98 0.81
CA ALA A 59 -2.01 -4.33 1.31
C ALA A 59 -0.80 -5.26 1.23
N SER A 60 -0.97 -6.48 1.73
CA SER A 60 0.11 -7.47 1.71
C SER A 60 0.65 -7.64 0.29
N PHE A 61 -0.14 -7.25 -0.70
CA PHE A 61 0.26 -7.37 -2.09
C PHE A 61 1.23 -6.25 -2.47
N VAL A 62 1.11 -5.11 -1.80
CA VAL A 62 1.97 -3.96 -2.07
C VAL A 62 2.82 -3.62 -0.85
N ARG A 63 3.96 -2.99 -1.09
CA ARG A 63 4.87 -2.61 -0.02
C ARG A 63 4.89 -1.09 0.16
N LEU A 64 5.12 -0.65 1.38
CA LEU A 64 5.17 0.78 1.69
C LEU A 64 6.47 1.40 1.18
N TRP A 65 6.48 2.72 1.05
CA TRP A 65 7.66 3.43 0.57
C TRP A 65 8.63 3.69 1.72
N VAL A 66 8.10 4.03 2.89
CA VAL A 66 8.93 4.30 4.06
C VAL A 66 9.33 3.00 4.75
N ASN A 67 10.64 2.83 4.95
CA ASN A 67 11.16 1.63 5.60
C ASN A 67 10.53 1.44 6.98
N GLN A 68 10.37 0.19 7.38
CA GLN A 68 9.78 -0.13 8.67
C GLN A 68 10.33 -1.45 9.22
N GLU A 69 11.12 -1.35 10.29
CA GLU A 69 11.71 -2.53 10.91
C GLU A 69 12.10 -3.56 9.85
N ASP A 70 12.67 -3.08 8.74
CA ASP A 70 13.09 -3.95 7.65
C ASP A 70 13.93 -5.11 8.18
N GLU A 71 13.62 -6.32 7.74
CA GLU A 71 14.35 -7.50 8.17
C GLU A 71 15.77 -7.51 7.58
N VAL A 72 16.76 -7.71 8.44
CA VAL A 72 18.15 -7.75 8.01
C VAL A 72 18.37 -8.83 6.95
N GLU A 73 19.33 -8.57 6.05
CA GLU A 73 19.63 -9.53 4.99
C GLU A 73 20.05 -10.87 5.57
N GLU A 74 19.21 -11.88 5.35
CA GLU A 74 19.48 -13.23 5.86
C GLU A 74 20.71 -13.81 5.18
N GLY A 75 21.53 -14.50 5.97
CA GLY A 75 22.74 -15.11 5.42
C GLY A 75 22.55 -15.63 4.01
N SER A 76 22.09 -16.86 3.89
CA SER A 76 21.86 -17.47 2.59
C SER A 76 23.04 -17.23 1.66
N GLY A 77 24.25 -17.22 2.23
CA GLY A 77 25.44 -16.99 1.44
C GLY A 77 25.71 -18.10 0.45
N PRO A 78 26.95 -18.19 -0.03
CA PRO A 78 27.37 -19.21 -1.00
C PRO A 78 27.40 -20.61 -0.39
N SER A 79 27.56 -21.62 -1.24
CA SER A 79 27.60 -23.01 -0.77
C SER A 79 28.26 -23.90 -1.82
N SER A 80 28.54 -25.14 -1.44
CA SER A 80 29.16 -26.10 -2.34
C SER A 80 28.30 -26.32 -3.58
N GLY A 81 28.95 -26.72 -4.68
CA GLY A 81 28.22 -26.95 -5.92
C GLY A 81 28.32 -28.39 -6.38
N GLY A 1 -20.68 26.42 10.22
CA GLY A 1 -19.63 25.77 9.45
C GLY A 1 -19.22 24.43 10.05
N SER A 2 -17.92 24.16 10.08
CA SER A 2 -17.41 22.91 10.61
C SER A 2 -16.44 23.17 11.77
N SER A 3 -16.04 22.10 12.44
CA SER A 3 -15.11 22.20 13.57
C SER A 3 -14.29 20.93 13.72
N GLY A 4 -13.21 21.02 14.47
CA GLY A 4 -12.35 19.87 14.68
C GLY A 4 -10.94 20.09 14.16
N SER A 5 -10.05 19.15 14.46
CA SER A 5 -8.66 19.25 14.01
C SER A 5 -8.34 18.17 12.98
N SER A 6 -7.13 18.22 12.44
CA SER A 6 -6.70 17.25 11.44
C SER A 6 -5.21 17.39 11.14
N GLY A 7 -4.59 16.31 10.68
CA GLY A 7 -3.17 16.34 10.37
C GLY A 7 -2.60 14.95 10.18
N ASP A 8 -3.16 14.20 9.24
CA ASP A 8 -2.70 12.85 8.96
C ASP A 8 -1.55 12.86 7.94
N SER A 9 -0.86 11.74 7.82
CA SER A 9 0.26 11.63 6.89
C SER A 9 -0.07 10.63 5.78
N ILE A 10 -0.28 11.15 4.57
CA ILE A 10 -0.59 10.32 3.42
C ILE A 10 0.50 9.28 3.18
N VAL A 11 0.12 8.01 3.19
CA VAL A 11 1.07 6.92 2.96
C VAL A 11 1.04 6.46 1.51
N SER A 12 2.22 6.21 0.94
CA SER A 12 2.33 5.76 -0.44
C SER A 12 3.09 4.44 -0.52
N ALA A 13 2.52 3.48 -1.24
CA ALA A 13 3.15 2.18 -1.41
C ALA A 13 3.42 1.87 -2.88
N GLU A 14 4.32 0.93 -3.13
CA GLU A 14 4.68 0.55 -4.49
C GLU A 14 4.17 -0.86 -4.81
N ALA A 15 3.61 -1.01 -6.00
CA ALA A 15 3.09 -2.31 -6.43
C ALA A 15 4.22 -3.26 -6.79
N VAL A 16 4.48 -4.23 -5.91
CA VAL A 16 5.54 -5.20 -6.14
C VAL A 16 5.03 -6.41 -6.92
N TRP A 17 3.73 -6.69 -6.77
CA TRP A 17 3.12 -7.81 -7.46
C TRP A 17 1.81 -7.39 -8.13
N ASP A 18 1.68 -7.70 -9.41
CA ASP A 18 0.47 -7.35 -10.16
C ASP A 18 -0.76 -7.94 -9.51
N HIS A 19 -1.87 -7.21 -9.57
CA HIS A 19 -3.13 -7.66 -8.98
C HIS A 19 -4.23 -7.72 -10.03
N VAL A 20 -4.79 -8.91 -10.23
CA VAL A 20 -5.86 -9.10 -11.20
C VAL A 20 -7.16 -9.48 -10.52
N THR A 21 -8.25 -8.78 -10.87
CA THR A 21 -9.55 -9.05 -10.30
C THR A 21 -10.60 -9.28 -11.38
N MET A 22 -11.61 -10.08 -11.06
CA MET A 22 -12.68 -10.39 -12.00
C MET A 22 -13.71 -9.27 -12.04
N ALA A 23 -13.98 -8.68 -10.89
CA ALA A 23 -14.96 -7.59 -10.79
C ALA A 23 -14.31 -6.26 -11.18
N ASN A 24 -15.15 -5.24 -11.35
CA ASN A 24 -14.68 -3.92 -11.72
C ASN A 24 -14.40 -3.07 -10.49
N ARG A 25 -15.38 -2.99 -9.60
CA ARG A 25 -15.25 -2.22 -8.37
C ARG A 25 -13.84 -2.34 -7.78
N GLU A 26 -13.41 -3.59 -7.59
CA GLU A 26 -12.08 -3.84 -7.04
C GLU A 26 -11.02 -3.04 -7.77
N LEU A 27 -10.08 -2.48 -7.02
CA LEU A 27 -9.02 -1.67 -7.60
C LEU A 27 -7.92 -2.56 -8.18
N ALA A 28 -7.88 -2.65 -9.50
CA ALA A 28 -6.88 -3.48 -10.18
C ALA A 28 -5.68 -2.63 -10.60
N PHE A 29 -4.53 -3.28 -10.73
CA PHE A 29 -3.31 -2.59 -11.14
C PHE A 29 -2.20 -3.59 -11.48
N LYS A 30 -1.10 -3.08 -12.01
CA LYS A 30 0.03 -3.92 -12.38
C LYS A 30 1.32 -3.43 -11.74
N ALA A 31 2.24 -4.35 -11.47
CA ALA A 31 3.52 -4.00 -10.86
C ALA A 31 4.07 -2.70 -11.43
N GLY A 32 4.23 -1.70 -10.57
CA GLY A 32 4.74 -0.42 -11.01
C GLY A 32 3.85 0.74 -10.60
N ASP A 33 2.54 0.54 -10.72
CA ASP A 33 1.57 1.57 -10.35
C ASP A 33 1.75 2.00 -8.90
N VAL A 34 1.46 3.27 -8.62
CA VAL A 34 1.59 3.80 -7.27
C VAL A 34 0.22 4.11 -6.68
N ILE A 35 -0.14 3.38 -5.63
CA ILE A 35 -1.41 3.57 -4.95
C ILE A 35 -1.26 4.41 -3.69
N LYS A 36 -1.73 5.65 -3.75
CA LYS A 36 -1.66 6.55 -2.60
C LYS A 36 -2.63 6.14 -1.51
N VAL A 37 -2.12 5.46 -0.49
CA VAL A 37 -2.95 5.01 0.63
C VAL A 37 -3.62 6.19 1.32
N LEU A 38 -4.94 6.24 1.26
CA LEU A 38 -5.70 7.31 1.88
C LEU A 38 -6.00 7.00 3.35
N ASP A 39 -6.58 5.84 3.59
CA ASP A 39 -6.91 5.42 4.94
C ASP A 39 -6.58 3.94 5.14
N ALA A 40 -6.00 3.63 6.31
CA ALA A 40 -5.63 2.24 6.62
C ALA A 40 -6.05 1.89 8.04
N SER A 41 -7.30 1.45 8.20
CA SER A 41 -7.82 1.08 9.51
C SER A 41 -7.78 -0.43 9.69
N ASN A 42 -8.28 -1.16 8.70
CA ASN A 42 -8.30 -2.61 8.76
C ASN A 42 -6.88 -3.18 8.83
N LYS A 43 -6.78 -4.51 8.86
CA LYS A 43 -5.48 -5.17 8.93
C LYS A 43 -4.79 -5.14 7.56
N ASP A 44 -5.35 -5.88 6.61
CA ASP A 44 -4.79 -5.94 5.27
C ASP A 44 -5.78 -5.38 4.24
N TRP A 45 -6.48 -4.33 4.62
CA TRP A 45 -7.46 -3.71 3.72
C TRP A 45 -7.49 -2.20 3.92
N TRP A 46 -6.91 -1.48 2.97
CA TRP A 46 -6.88 -0.01 3.03
C TRP A 46 -7.38 0.61 1.73
N TRP A 47 -7.51 1.92 1.72
CA TRP A 47 -7.98 2.64 0.55
C TRP A 47 -6.82 3.35 -0.16
N GLY A 48 -6.94 3.50 -1.47
CA GLY A 48 -5.89 4.17 -2.24
C GLY A 48 -6.44 4.96 -3.40
N GLN A 49 -5.68 5.94 -3.87
CA GLN A 49 -6.10 6.77 -4.99
C GLN A 49 -5.15 6.61 -6.17
N ILE A 50 -5.69 6.13 -7.29
CA ILE A 50 -4.88 5.93 -8.49
C ILE A 50 -5.16 7.03 -9.52
N ASP A 51 -4.19 7.26 -10.39
CA ASP A 51 -4.32 8.28 -11.43
C ASP A 51 -5.77 8.41 -11.87
N ASP A 52 -6.32 7.33 -12.43
CA ASP A 52 -7.70 7.33 -12.90
C ASP A 52 -8.45 6.10 -12.39
N GLU A 53 -7.96 5.55 -11.29
CA GLU A 53 -8.58 4.37 -10.70
C GLU A 53 -8.81 4.56 -9.20
N GLU A 54 -9.79 3.84 -8.66
CA GLU A 54 -10.10 3.94 -7.24
C GLU A 54 -10.79 2.67 -6.75
N GLY A 55 -10.81 2.47 -5.44
CA GLY A 55 -11.44 1.30 -4.86
C GLY A 55 -10.61 0.67 -3.76
N TRP A 56 -10.93 -0.57 -3.41
CA TRP A 56 -10.20 -1.27 -2.36
C TRP A 56 -9.15 -2.20 -2.95
N PHE A 57 -7.99 -2.26 -2.30
CA PHE A 57 -6.90 -3.11 -2.76
C PHE A 57 -6.13 -3.70 -1.57
N PRO A 58 -5.52 -4.87 -1.80
CA PRO A 58 -4.75 -5.56 -0.77
C PRO A 58 -3.45 -4.84 -0.43
N ALA A 59 -3.04 -4.90 0.83
CA ALA A 59 -1.82 -4.24 1.28
C ALA A 59 -0.62 -5.15 1.06
N SER A 60 -0.77 -6.42 1.40
CA SER A 60 0.31 -7.39 1.24
C SER A 60 0.86 -7.38 -0.18
N PHE A 61 -0.01 -7.06 -1.14
CA PHE A 61 0.39 -7.00 -2.54
C PHE A 61 1.38 -5.88 -2.78
N VAL A 62 1.33 -4.85 -1.95
CA VAL A 62 2.21 -3.70 -2.07
C VAL A 62 3.12 -3.58 -0.84
N ARG A 63 4.31 -3.02 -1.05
CA ARG A 63 5.27 -2.84 0.05
C ARG A 63 5.36 -1.37 0.44
N LEU A 64 5.43 -1.12 1.75
CA LEU A 64 5.53 0.24 2.26
C LEU A 64 6.93 0.79 2.07
N TRP A 65 7.03 2.10 1.86
CA TRP A 65 8.32 2.76 1.67
C TRP A 65 9.06 2.92 3.00
N VAL A 66 8.40 3.55 3.96
CA VAL A 66 9.00 3.77 5.27
C VAL A 66 9.79 2.56 5.73
N ASN A 67 11.11 2.70 5.75
CA ASN A 67 11.99 1.61 6.18
C ASN A 67 12.02 1.49 7.69
N GLN A 68 12.13 0.26 8.18
CA GLN A 68 12.19 0.00 9.61
C GLN A 68 13.61 -0.33 10.06
N GLU A 69 14.21 0.57 10.82
CA GLU A 69 15.57 0.37 11.31
C GLU A 69 15.58 -0.54 12.53
N ASP A 70 16.26 -1.69 12.40
CA ASP A 70 16.34 -2.65 13.50
C ASP A 70 17.05 -2.04 14.71
N GLU A 71 16.70 -2.52 15.90
CA GLU A 71 17.30 -2.02 17.13
C GLU A 71 18.62 -2.75 17.42
N VAL A 72 19.43 -2.95 16.39
CA VAL A 72 20.70 -3.62 16.54
C VAL A 72 21.71 -2.74 17.27
N GLU A 73 22.55 -3.37 18.08
CA GLU A 73 23.56 -2.65 18.85
C GLU A 73 23.01 -1.32 19.34
N GLU A 74 21.75 -1.32 19.78
CA GLU A 74 21.11 -0.12 20.27
C GLU A 74 20.39 -0.38 21.59
N GLY A 75 21.00 0.03 22.69
CA GLY A 75 20.39 -0.18 24.00
C GLY A 75 21.13 0.55 25.09
N SER A 76 21.24 1.87 24.96
CA SER A 76 21.93 2.69 25.95
C SER A 76 21.02 3.81 26.46
N GLY A 77 19.79 3.46 26.81
CA GLY A 77 18.84 4.44 27.30
C GLY A 77 18.86 4.54 28.80
N PRO A 78 18.62 5.76 29.32
CA PRO A 78 18.60 6.03 30.76
C PRO A 78 17.40 5.39 31.45
N SER A 79 17.55 5.06 32.73
CA SER A 79 16.47 4.45 33.49
C SER A 79 16.39 5.06 34.88
N SER A 80 15.26 4.83 35.56
CA SER A 80 15.05 5.36 36.90
C SER A 80 15.92 4.62 37.92
N GLY A 81 15.67 3.33 38.08
CA GLY A 81 16.43 2.54 39.02
C GLY A 81 17.13 1.36 38.36
N GLY A 1 -18.78 20.67 16.15
CA GLY A 1 -19.81 19.89 15.49
C GLY A 1 -19.50 18.40 15.49
N SER A 2 -18.30 18.05 15.05
CA SER A 2 -17.89 16.64 15.00
C SER A 2 -16.40 16.53 14.67
N SER A 3 -15.77 15.47 15.19
CA SER A 3 -14.35 15.26 14.96
C SER A 3 -14.13 14.03 14.08
N GLY A 4 -12.88 13.81 13.67
CA GLY A 4 -12.57 12.68 12.81
C GLY A 4 -11.40 12.97 11.88
N SER A 5 -10.43 12.06 11.86
CA SER A 5 -9.25 12.22 11.01
C SER A 5 -8.83 13.68 10.94
N SER A 6 -8.72 14.31 12.10
CA SER A 6 -8.32 15.72 12.18
C SER A 6 -6.80 15.85 12.25
N GLY A 7 -6.10 15.03 11.46
CA GLY A 7 -4.66 15.07 11.44
C GLY A 7 -4.04 13.72 11.14
N ASP A 8 -3.47 13.60 9.95
CA ASP A 8 -2.84 12.35 9.53
C ASP A 8 -1.83 12.59 8.43
N SER A 9 -0.97 11.61 8.19
CA SER A 9 0.06 11.72 7.16
C SER A 9 -0.32 10.92 5.92
N ILE A 10 0.45 11.09 4.85
CA ILE A 10 0.19 10.38 3.60
C ILE A 10 1.07 9.14 3.48
N VAL A 11 0.45 8.03 3.08
CA VAL A 11 1.16 6.77 2.93
C VAL A 11 1.21 6.34 1.46
N SER A 12 2.41 6.07 0.96
CA SER A 12 2.59 5.66 -0.42
C SER A 12 3.03 4.19 -0.50
N ALA A 13 2.27 3.39 -1.23
CA ALA A 13 2.58 1.97 -1.37
C ALA A 13 2.87 1.63 -2.84
N GLU A 14 3.65 0.58 -3.05
CA GLU A 14 4.01 0.15 -4.40
C GLU A 14 3.63 -1.31 -4.62
N ALA A 15 2.83 -1.57 -5.66
CA ALA A 15 2.41 -2.92 -5.97
C ALA A 15 3.61 -3.85 -6.13
N VAL A 16 3.74 -4.80 -5.21
CA VAL A 16 4.84 -5.75 -5.25
C VAL A 16 4.68 -6.73 -6.40
N TRP A 17 3.46 -7.22 -6.59
CA TRP A 17 3.17 -8.17 -7.66
C TRP A 17 1.85 -7.82 -8.35
N ASP A 18 1.84 -7.95 -9.67
CA ASP A 18 0.63 -7.66 -10.44
C ASP A 18 -0.60 -8.28 -9.79
N HIS A 19 -1.46 -7.43 -9.25
CA HIS A 19 -2.69 -7.90 -8.60
C HIS A 19 -3.86 -7.91 -9.59
N VAL A 20 -4.20 -9.11 -10.05
CA VAL A 20 -5.30 -9.27 -11.00
C VAL A 20 -6.61 -9.57 -10.27
N THR A 21 -7.71 -9.00 -10.78
CA THR A 21 -9.02 -9.20 -10.18
C THR A 21 -10.13 -8.73 -11.11
N MET A 22 -11.28 -9.38 -11.03
CA MET A 22 -12.43 -9.02 -11.86
C MET A 22 -13.67 -8.78 -11.01
N ALA A 23 -13.52 -7.95 -9.98
CA ALA A 23 -14.63 -7.63 -9.09
C ALA A 23 -15.27 -6.30 -9.46
N ASN A 24 -16.47 -6.06 -8.96
CA ASN A 24 -17.19 -4.82 -9.23
C ASN A 24 -16.49 -3.62 -8.59
N ARG A 25 -16.16 -2.63 -9.41
CA ARG A 25 -15.49 -1.43 -8.91
C ARG A 25 -14.17 -1.79 -8.23
N GLU A 26 -13.38 -2.64 -8.89
CA GLU A 26 -12.10 -3.06 -8.34
C GLU A 26 -10.98 -2.14 -8.80
N LEU A 27 -9.74 -2.49 -8.43
CA LEU A 27 -8.58 -1.68 -8.81
C LEU A 27 -7.47 -2.56 -9.34
N ALA A 28 -7.45 -2.76 -10.65
CA ALA A 28 -6.42 -3.59 -11.28
C ALA A 28 -5.18 -2.76 -11.61
N PHE A 29 -4.04 -3.18 -11.06
CA PHE A 29 -2.78 -2.48 -11.29
C PHE A 29 -1.65 -3.46 -11.58
N LYS A 30 -0.48 -2.93 -11.91
CA LYS A 30 0.68 -3.76 -12.21
C LYS A 30 1.84 -3.44 -11.27
N ALA A 31 2.73 -4.41 -11.07
CA ALA A 31 3.88 -4.23 -10.20
C ALA A 31 4.62 -2.93 -10.53
N GLY A 32 4.52 -1.96 -9.62
CA GLY A 32 5.19 -0.68 -9.84
C GLY A 32 4.24 0.49 -9.64
N ASP A 33 3.03 0.37 -10.13
CA ASP A 33 2.03 1.42 -10.01
C ASP A 33 1.93 1.91 -8.57
N VAL A 34 2.06 3.21 -8.37
CA VAL A 34 1.98 3.81 -7.05
C VAL A 34 0.56 4.28 -6.73
N ILE A 35 -0.04 3.70 -5.70
CA ILE A 35 -1.40 4.06 -5.30
C ILE A 35 -1.38 4.92 -4.04
N LYS A 36 -2.16 6.00 -4.05
CA LYS A 36 -2.23 6.90 -2.91
C LYS A 36 -3.14 6.32 -1.82
N VAL A 37 -2.52 5.71 -0.81
CA VAL A 37 -3.27 5.12 0.29
C VAL A 37 -3.96 6.20 1.13
N LEU A 38 -5.27 6.07 1.27
CA LEU A 38 -6.05 7.03 2.04
C LEU A 38 -6.51 6.41 3.36
N ASP A 39 -7.09 5.22 3.28
CA ASP A 39 -7.57 4.53 4.48
C ASP A 39 -6.64 3.38 4.84
N ALA A 40 -5.74 3.63 5.79
CA ALA A 40 -4.79 2.62 6.23
C ALA A 40 -4.91 2.39 7.74
N SER A 41 -5.91 1.61 8.13
CA SER A 41 -6.13 1.32 9.55
C SER A 41 -5.86 -0.16 9.83
N ASN A 42 -6.24 -1.02 8.90
CA ASN A 42 -6.04 -2.46 9.06
C ASN A 42 -5.30 -3.04 7.86
N LYS A 43 -4.25 -3.80 8.12
CA LYS A 43 -3.47 -4.42 7.06
C LYS A 43 -4.33 -5.38 6.24
N ASP A 44 -5.54 -5.64 6.71
CA ASP A 44 -6.46 -6.53 6.01
C ASP A 44 -7.01 -5.87 4.75
N TRP A 45 -7.88 -4.90 4.93
CA TRP A 45 -8.49 -4.19 3.80
C TRP A 45 -7.98 -2.75 3.72
N TRP A 46 -7.25 -2.44 2.66
CA TRP A 46 -6.70 -1.11 2.47
C TRP A 46 -7.22 -0.50 1.17
N TRP A 47 -7.59 0.78 1.23
CA TRP A 47 -8.09 1.49 0.07
C TRP A 47 -6.97 2.25 -0.64
N GLY A 48 -7.15 2.47 -1.95
CA GLY A 48 -6.14 3.18 -2.71
C GLY A 48 -6.75 4.05 -3.81
N GLN A 49 -6.22 5.26 -3.95
CA GLN A 49 -6.72 6.19 -4.96
C GLN A 49 -5.67 6.44 -6.03
N ILE A 50 -6.07 6.39 -7.30
CA ILE A 50 -5.16 6.62 -8.41
C ILE A 50 -5.59 7.83 -9.22
N ASP A 51 -4.63 8.44 -9.91
CA ASP A 51 -4.91 9.62 -10.73
C ASP A 51 -6.32 9.56 -11.29
N ASP A 52 -6.59 8.53 -12.09
CA ASP A 52 -7.91 8.35 -12.70
C ASP A 52 -8.67 7.21 -12.03
N GLU A 53 -7.97 6.10 -11.81
CA GLU A 53 -8.58 4.94 -11.19
C GLU A 53 -8.77 5.15 -9.68
N GLU A 54 -9.76 4.46 -9.11
CA GLU A 54 -10.04 4.59 -7.68
C GLU A 54 -10.75 3.34 -7.16
N GLY A 55 -10.16 2.72 -6.15
CA GLY A 55 -10.75 1.51 -5.58
C GLY A 55 -9.99 1.01 -4.37
N TRP A 56 -10.16 -0.26 -4.05
CA TRP A 56 -9.48 -0.86 -2.90
C TRP A 56 -8.46 -1.89 -3.35
N PHE A 57 -7.28 -1.85 -2.74
CA PHE A 57 -6.21 -2.79 -3.09
C PHE A 57 -5.71 -3.52 -1.85
N PRO A 58 -5.19 -4.74 -2.05
CA PRO A 58 -4.67 -5.57 -0.96
C PRO A 58 -3.37 -5.01 -0.38
N ALA A 59 -3.28 -4.99 0.95
CA ALA A 59 -2.10 -4.48 1.63
C ALA A 59 -1.01 -5.54 1.70
N SER A 60 -1.41 -6.81 1.65
CA SER A 60 -0.47 -7.91 1.71
C SER A 60 0.18 -8.16 0.35
N PHE A 61 -0.04 -7.23 -0.57
CA PHE A 61 0.52 -7.33 -1.91
C PHE A 61 1.23 -6.03 -2.31
N VAL A 62 1.27 -5.09 -1.39
CA VAL A 62 1.91 -3.80 -1.64
C VAL A 62 2.96 -3.49 -0.58
N ARG A 63 4.07 -2.91 -1.02
CA ARG A 63 5.17 -2.57 -0.11
C ARG A 63 5.10 -1.08 0.28
N LEU A 64 5.14 -0.81 1.58
CA LEU A 64 5.09 0.56 2.07
C LEU A 64 6.42 1.27 1.85
N TRP A 65 6.36 2.58 1.66
CA TRP A 65 7.56 3.38 1.44
C TRP A 65 8.36 3.52 2.74
N VAL A 66 7.67 3.79 3.84
CA VAL A 66 8.32 3.94 5.13
C VAL A 66 8.33 2.63 5.91
N ASN A 67 9.43 1.89 5.79
CA ASN A 67 9.56 0.61 6.48
C ASN A 67 10.64 0.69 7.56
N GLN A 68 10.24 0.51 8.81
CA GLN A 68 11.18 0.55 9.93
C GLN A 68 11.44 -0.85 10.47
N GLU A 69 12.52 -1.47 10.02
CA GLU A 69 12.88 -2.81 10.46
C GLU A 69 14.35 -2.87 10.85
N ASP A 70 14.66 -3.72 11.83
CA ASP A 70 16.03 -3.87 12.31
C ASP A 70 16.71 -5.03 11.62
N GLU A 71 17.25 -4.77 10.42
CA GLU A 71 17.94 -5.80 9.65
C GLU A 71 18.58 -5.20 8.40
N VAL A 72 19.89 -5.40 8.27
CA VAL A 72 20.63 -4.88 7.13
C VAL A 72 19.81 -4.99 5.84
N GLU A 73 19.43 -3.85 5.29
CA GLU A 73 18.65 -3.82 4.06
C GLU A 73 19.44 -4.41 2.90
N GLU A 74 18.72 -5.09 2.00
CA GLU A 74 19.36 -5.71 0.84
C GLU A 74 19.19 -4.84 -0.40
N GLY A 75 19.32 -3.53 -0.22
CA GLY A 75 19.16 -2.61 -1.33
C GLY A 75 18.06 -3.02 -2.29
N SER A 76 18.34 -2.95 -3.58
CA SER A 76 17.36 -3.30 -4.60
C SER A 76 18.01 -3.41 -5.97
N GLY A 77 17.42 -4.23 -6.83
CA GLY A 77 17.96 -4.40 -8.17
C GLY A 77 17.52 -3.31 -9.13
N PRO A 78 18.40 -2.95 -10.07
CA PRO A 78 18.13 -1.90 -11.06
C PRO A 78 17.07 -2.34 -12.07
N SER A 79 16.80 -1.46 -13.04
CA SER A 79 15.81 -1.75 -14.07
C SER A 79 16.10 -0.96 -15.34
N SER A 80 15.35 -1.26 -16.40
CA SER A 80 15.54 -0.58 -17.68
C SER A 80 16.98 -0.72 -18.17
N GLY A 81 17.48 -1.94 -18.19
CA GLY A 81 18.84 -2.18 -18.64
C GLY A 81 19.64 -3.00 -17.64
N GLY A 1 -1.00 29.11 18.55
CA GLY A 1 -1.94 28.06 18.85
C GLY A 1 -1.39 27.03 19.81
N SER A 2 -2.01 25.85 19.84
CA SER A 2 -1.56 24.78 20.72
C SER A 2 -0.76 23.74 19.95
N SER A 3 0.00 22.93 20.68
CA SER A 3 0.82 21.89 20.07
C SER A 3 0.20 20.50 20.29
N GLY A 4 0.58 19.55 19.45
CA GLY A 4 0.05 18.21 19.56
C GLY A 4 0.98 17.18 18.95
N SER A 5 0.75 16.87 17.67
CA SER A 5 1.56 15.89 16.95
C SER A 5 1.44 16.07 15.45
N SER A 6 2.55 16.45 14.81
CA SER A 6 2.57 16.66 13.37
C SER A 6 2.41 15.35 12.63
N GLY A 7 2.00 15.42 11.36
CA GLY A 7 1.81 14.24 10.55
C GLY A 7 0.41 14.10 10.01
N ASP A 8 0.23 13.23 9.03
CA ASP A 8 -1.08 13.02 8.42
C ASP A 8 -1.47 11.54 8.48
N SER A 9 -2.66 11.24 7.95
CA SER A 9 -3.15 9.86 7.96
C SER A 9 -3.12 9.27 6.56
N ILE A 10 -2.18 9.74 5.75
CA ILE A 10 -2.03 9.27 4.38
C ILE A 10 -0.70 8.51 4.20
N VAL A 11 -0.77 7.36 3.53
CA VAL A 11 0.42 6.56 3.29
C VAL A 11 0.46 6.06 1.84
N SER A 12 1.66 5.92 1.31
CA SER A 12 1.85 5.46 -0.07
C SER A 12 2.46 4.06 -0.10
N ALA A 13 1.98 3.24 -1.02
CA ALA A 13 2.49 1.88 -1.16
C ALA A 13 2.95 1.61 -2.59
N GLU A 14 3.83 0.61 -2.74
CA GLU A 14 4.35 0.26 -4.05
C GLU A 14 3.82 -1.11 -4.50
N ALA A 15 3.17 -1.14 -5.65
CA ALA A 15 2.63 -2.38 -6.19
C ALA A 15 3.73 -3.30 -6.69
N VAL A 16 4.03 -4.33 -5.91
CA VAL A 16 5.07 -5.29 -6.28
C VAL A 16 4.48 -6.48 -7.03
N TRP A 17 3.25 -6.84 -6.70
CA TRP A 17 2.57 -7.95 -7.34
C TRP A 17 1.29 -7.50 -8.02
N ASP A 18 1.24 -7.64 -9.33
CA ASP A 18 0.07 -7.24 -10.11
C ASP A 18 -1.21 -7.80 -9.49
N HIS A 19 -2.16 -6.92 -9.18
CA HIS A 19 -3.42 -7.33 -8.58
C HIS A 19 -4.52 -7.42 -9.64
N VAL A 20 -4.54 -8.54 -10.38
CA VAL A 20 -5.53 -8.75 -11.42
C VAL A 20 -6.94 -8.54 -10.88
N THR A 21 -7.75 -7.82 -11.65
CA THR A 21 -9.13 -7.54 -11.24
C THR A 21 -10.12 -8.27 -12.15
N MET A 22 -10.71 -9.35 -11.63
CA MET A 22 -11.67 -10.14 -12.39
C MET A 22 -12.97 -10.31 -11.60
N ALA A 23 -13.38 -9.25 -10.91
CA ALA A 23 -14.60 -9.29 -10.11
C ALA A 23 -15.62 -8.28 -10.64
N ASN A 24 -15.38 -7.01 -10.35
CA ASN A 24 -16.28 -5.94 -10.79
C ASN A 24 -15.67 -4.57 -10.52
N ARG A 25 -15.31 -3.87 -11.59
CA ARG A 25 -14.73 -2.54 -11.47
C ARG A 25 -13.83 -2.45 -10.23
N GLU A 26 -13.06 -3.51 -9.99
CA GLU A 26 -12.16 -3.55 -8.84
C GLU A 26 -10.86 -2.79 -9.13
N LEU A 27 -10.25 -2.25 -8.09
CA LEU A 27 -9.01 -1.50 -8.22
C LEU A 27 -7.90 -2.40 -8.78
N ALA A 28 -7.51 -2.13 -10.02
CA ALA A 28 -6.45 -2.91 -10.67
C ALA A 28 -5.16 -2.12 -10.76
N PHE A 29 -4.03 -2.81 -10.71
CA PHE A 29 -2.72 -2.17 -10.78
C PHE A 29 -1.64 -3.17 -11.16
N LYS A 30 -0.63 -2.70 -11.88
CA LYS A 30 0.47 -3.55 -12.31
C LYS A 30 1.73 -3.27 -11.50
N ALA A 31 2.60 -4.26 -11.41
CA ALA A 31 3.85 -4.12 -10.67
C ALA A 31 4.61 -2.88 -11.11
N GLY A 32 4.60 -1.85 -10.27
CA GLY A 32 5.30 -0.62 -10.59
C GLY A 32 4.42 0.61 -10.40
N ASP A 33 3.12 0.44 -10.55
CA ASP A 33 2.18 1.54 -10.39
C ASP A 33 2.13 1.99 -8.94
N VAL A 34 2.18 3.31 -8.73
CA VAL A 34 2.15 3.88 -7.39
C VAL A 34 0.72 4.21 -6.97
N ILE A 35 0.32 3.72 -5.80
CA ILE A 35 -1.02 3.97 -5.29
C ILE A 35 -0.97 4.76 -3.99
N LYS A 36 -1.98 5.60 -3.78
CA LYS A 36 -2.06 6.42 -2.58
C LYS A 36 -3.16 5.93 -1.66
N VAL A 37 -2.76 5.17 -0.63
CA VAL A 37 -3.71 4.64 0.34
C VAL A 37 -4.37 5.75 1.15
N LEU A 38 -5.62 5.54 1.53
CA LEU A 38 -6.36 6.53 2.32
C LEU A 38 -6.72 5.97 3.69
N ASP A 39 -7.21 4.73 3.71
CA ASP A 39 -7.60 4.08 4.96
C ASP A 39 -6.56 3.05 5.37
N ALA A 40 -5.51 3.52 6.04
CA ALA A 40 -4.44 2.64 6.51
C ALA A 40 -4.20 2.81 8.01
N SER A 41 -5.12 2.29 8.81
CA SER A 41 -5.01 2.39 10.25
C SER A 41 -5.16 1.01 10.91
N ASN A 42 -4.07 0.25 10.91
CA ASN A 42 -4.08 -1.09 11.50
C ASN A 42 -5.17 -1.95 10.87
N LYS A 43 -5.21 -1.98 9.55
CA LYS A 43 -6.19 -2.77 8.82
C LYS A 43 -5.53 -3.63 7.76
N ASP A 44 -6.15 -4.77 7.45
CA ASP A 44 -5.62 -5.68 6.44
C ASP A 44 -5.78 -5.11 5.05
N TRP A 45 -7.01 -4.69 4.72
CA TRP A 45 -7.30 -4.12 3.41
C TRP A 45 -7.54 -2.62 3.51
N TRP A 46 -6.77 -1.85 2.76
CA TRP A 46 -6.90 -0.40 2.77
C TRP A 46 -7.53 0.09 1.47
N TRP A 47 -7.81 1.40 1.41
CA TRP A 47 -8.41 1.98 0.21
C TRP A 47 -7.35 2.64 -0.66
N GLY A 48 -7.24 2.20 -1.90
CA GLY A 48 -6.27 2.75 -2.81
C GLY A 48 -6.84 3.87 -3.67
N GLN A 49 -6.02 4.89 -3.93
CA GLN A 49 -6.46 6.02 -4.73
C GLN A 49 -5.43 6.36 -5.81
N ILE A 50 -5.82 6.21 -7.07
CA ILE A 50 -4.93 6.49 -8.19
C ILE A 50 -5.44 7.70 -8.99
N ASP A 51 -4.51 8.37 -9.67
CA ASP A 51 -4.84 9.53 -10.47
C ASP A 51 -6.24 9.39 -11.08
N ASP A 52 -6.41 8.38 -11.93
CA ASP A 52 -7.69 8.14 -12.57
C ASP A 52 -8.42 6.97 -11.91
N GLU A 53 -7.67 5.91 -11.62
CA GLU A 53 -8.24 4.73 -10.99
C GLU A 53 -8.49 4.96 -9.50
N GLU A 54 -9.50 4.30 -8.96
CA GLU A 54 -9.84 4.44 -7.55
C GLU A 54 -10.55 3.19 -7.02
N GLY A 55 -10.21 2.80 -5.80
CA GLY A 55 -10.82 1.62 -5.20
C GLY A 55 -9.99 1.04 -4.08
N TRP A 56 -10.37 -0.14 -3.62
CA TRP A 56 -9.66 -0.80 -2.52
C TRP A 56 -8.70 -1.85 -3.07
N PHE A 57 -7.88 -2.41 -2.18
CA PHE A 57 -6.91 -3.44 -2.57
C PHE A 57 -6.18 -3.98 -1.35
N PRO A 58 -5.77 -5.25 -1.43
CA PRO A 58 -5.06 -5.93 -0.35
C PRO A 58 -3.65 -5.38 -0.15
N ALA A 59 -3.38 -4.87 1.04
CA ALA A 59 -2.08 -4.31 1.37
C ALA A 59 -0.98 -5.37 1.23
N SER A 60 -1.33 -6.61 1.56
CA SER A 60 -0.39 -7.72 1.49
C SER A 60 0.19 -7.85 0.08
N PHE A 61 -0.45 -7.19 -0.88
CA PHE A 61 -0.01 -7.23 -2.27
C PHE A 61 0.97 -6.10 -2.56
N VAL A 62 0.81 -4.98 -1.84
CA VAL A 62 1.69 -3.83 -2.03
C VAL A 62 2.52 -3.58 -0.78
N ARG A 63 3.80 -3.23 -0.99
CA ARG A 63 4.70 -2.96 0.11
C ARG A 63 4.80 -1.47 0.39
N LEU A 64 4.73 -1.09 1.66
CA LEU A 64 4.79 0.30 2.06
C LEU A 64 6.06 0.96 1.52
N TRP A 65 6.08 2.29 1.51
CA TRP A 65 7.23 3.04 1.03
C TRP A 65 8.25 3.25 2.13
N VAL A 66 8.31 2.30 3.07
CA VAL A 66 9.25 2.38 4.18
C VAL A 66 9.75 1.00 4.59
N ASN A 67 10.91 0.96 5.24
CA ASN A 67 11.49 -0.30 5.67
C ASN A 67 10.97 -0.68 7.06
N GLN A 68 11.43 -1.83 7.56
CA GLN A 68 11.01 -2.31 8.87
C GLN A 68 11.11 -1.20 9.92
N GLU A 69 10.06 -1.06 10.73
CA GLU A 69 10.02 -0.04 11.77
C GLU A 69 10.95 -0.41 12.93
N ASP A 70 11.64 0.58 13.46
CA ASP A 70 12.56 0.36 14.58
C ASP A 70 11.86 0.62 15.91
N GLU A 71 12.59 0.41 17.01
CA GLU A 71 12.04 0.63 18.34
C GLU A 71 11.16 1.87 18.38
N VAL A 72 9.94 1.70 18.90
CA VAL A 72 9.00 2.81 19.00
C VAL A 72 9.72 4.12 19.31
N GLU A 73 9.14 5.23 18.86
CA GLU A 73 9.71 6.54 19.09
C GLU A 73 8.65 7.64 19.01
N GLU A 74 8.62 8.50 20.01
CA GLU A 74 7.65 9.59 20.06
C GLU A 74 8.20 10.84 19.36
N GLY A 75 7.30 11.77 19.04
CA GLY A 75 7.71 12.99 18.37
C GLY A 75 6.56 13.95 18.17
N SER A 76 6.84 15.09 17.55
CA SER A 76 5.82 16.10 17.31
C SER A 76 6.37 17.22 16.43
N GLY A 77 5.48 18.08 15.93
CA GLY A 77 5.89 19.18 15.08
C GLY A 77 4.83 20.26 15.00
N PRO A 78 5.28 21.52 14.85
CA PRO A 78 4.38 22.68 14.74
C PRO A 78 3.61 22.69 13.44
N SER A 79 2.87 23.77 13.20
CA SER A 79 2.08 23.91 11.99
C SER A 79 1.00 22.83 11.91
N SER A 80 0.35 22.58 13.04
CA SER A 80 -0.70 21.56 13.11
C SER A 80 -1.55 21.59 11.85
N GLY A 81 -2.12 22.76 11.55
CA GLY A 81 -2.96 22.89 10.38
C GLY A 81 -4.25 23.64 10.67
N GLY A 1 -12.31 29.02 16.04
CA GLY A 1 -11.47 28.01 16.65
C GLY A 1 -10.09 27.96 16.02
N SER A 2 -9.31 26.94 16.39
CA SER A 2 -7.96 26.79 15.86
C SER A 2 -7.92 25.74 14.75
N SER A 3 -6.84 25.74 13.98
CA SER A 3 -6.68 24.80 12.87
C SER A 3 -6.72 23.37 13.38
N GLY A 4 -7.12 22.45 12.51
CA GLY A 4 -7.20 21.05 12.89
C GLY A 4 -5.82 20.45 13.13
N SER A 5 -5.62 19.90 14.33
CA SER A 5 -4.34 19.29 14.69
C SER A 5 -4.18 17.94 13.98
N SER A 6 -5.11 17.03 14.23
CA SER A 6 -5.06 15.71 13.63
C SER A 6 -4.64 15.79 12.16
N GLY A 7 -3.65 14.98 11.79
CA GLY A 7 -3.16 14.98 10.43
C GLY A 7 -3.19 13.60 9.81
N ASP A 8 -3.39 13.54 8.50
CA ASP A 8 -3.43 12.27 7.78
C ASP A 8 -2.30 12.19 6.75
N SER A 9 -1.11 11.80 7.21
CA SER A 9 0.04 11.68 6.33
C SER A 9 -0.19 10.61 5.27
N ILE A 10 -0.59 11.04 4.08
CA ILE A 10 -0.85 10.12 2.98
C ILE A 10 0.32 9.17 2.79
N VAL A 11 0.06 7.88 2.96
CA VAL A 11 1.09 6.85 2.80
C VAL A 11 1.19 6.39 1.35
N SER A 12 2.41 6.35 0.84
CA SER A 12 2.64 5.94 -0.54
C SER A 12 3.22 4.52 -0.60
N ALA A 13 2.46 3.61 -1.19
CA ALA A 13 2.89 2.22 -1.31
C ALA A 13 3.18 1.86 -2.76
N GLU A 14 3.94 0.78 -2.96
CA GLU A 14 4.29 0.33 -4.31
C GLU A 14 3.86 -1.13 -4.52
N ALA A 15 3.13 -1.37 -5.60
CA ALA A 15 2.66 -2.71 -5.92
C ALA A 15 3.82 -3.69 -5.99
N VAL A 16 3.74 -4.75 -5.20
CA VAL A 16 4.79 -5.77 -5.17
C VAL A 16 4.42 -6.95 -6.06
N TRP A 17 3.13 -7.20 -6.20
CA TRP A 17 2.65 -8.31 -7.02
C TRP A 17 1.49 -7.87 -7.89
N ASP A 18 1.56 -8.19 -9.18
CA ASP A 18 0.51 -7.82 -10.12
C ASP A 18 -0.82 -8.43 -9.70
N HIS A 19 -1.74 -7.57 -9.24
CA HIS A 19 -3.06 -8.02 -8.80
C HIS A 19 -4.13 -7.61 -9.81
N VAL A 20 -4.22 -8.36 -10.91
CA VAL A 20 -5.20 -8.07 -11.94
C VAL A 20 -6.50 -8.82 -11.69
N THR A 21 -7.60 -8.08 -11.64
CA THR A 21 -8.91 -8.69 -11.39
C THR A 21 -9.91 -8.27 -12.48
N MET A 22 -10.84 -9.17 -12.80
CA MET A 22 -11.85 -8.90 -13.81
C MET A 22 -12.84 -7.84 -13.32
N ALA A 23 -13.27 -7.98 -12.07
CA ALA A 23 -14.21 -7.03 -11.48
C ALA A 23 -13.69 -5.60 -11.58
N ASN A 24 -14.53 -4.70 -12.07
CA ASN A 24 -14.15 -3.30 -12.22
C ASN A 24 -14.18 -2.59 -10.88
N ARG A 25 -15.26 -2.79 -10.12
CA ARG A 25 -15.41 -2.17 -8.82
C ARG A 25 -14.09 -2.19 -8.05
N GLU A 26 -13.48 -3.36 -7.97
CA GLU A 26 -12.21 -3.51 -7.27
C GLU A 26 -11.14 -2.62 -7.88
N LEU A 27 -10.00 -2.52 -7.20
CA LEU A 27 -8.89 -1.70 -7.67
C LEU A 27 -7.79 -2.58 -8.29
N ALA A 28 -7.86 -2.77 -9.60
CA ALA A 28 -6.88 -3.56 -10.32
C ALA A 28 -5.62 -2.76 -10.61
N PHE A 29 -4.47 -3.33 -10.33
CA PHE A 29 -3.19 -2.66 -10.57
C PHE A 29 -2.11 -3.67 -10.97
N LYS A 30 -1.01 -3.16 -11.50
CA LYS A 30 0.10 -4.01 -11.92
C LYS A 30 1.38 -3.63 -11.19
N ALA A 31 2.29 -4.59 -11.06
CA ALA A 31 3.56 -4.37 -10.37
C ALA A 31 4.23 -3.09 -10.88
N GLY A 32 4.45 -2.14 -9.99
CA GLY A 32 5.09 -0.90 -10.36
C GLY A 32 4.17 0.30 -10.16
N ASP A 33 2.89 0.11 -10.45
CA ASP A 33 1.91 1.18 -10.30
C ASP A 33 1.92 1.74 -8.88
N VAL A 34 1.82 3.07 -8.77
CA VAL A 34 1.81 3.73 -7.47
C VAL A 34 0.40 4.09 -7.04
N ILE A 35 0.04 3.70 -5.82
CA ILE A 35 -1.29 3.99 -5.29
C ILE A 35 -1.20 4.84 -4.03
N LYS A 36 -2.08 5.84 -3.93
CA LYS A 36 -2.10 6.73 -2.78
C LYS A 36 -2.98 6.17 -1.67
N VAL A 37 -2.35 5.53 -0.69
CA VAL A 37 -3.06 4.94 0.43
C VAL A 37 -3.68 6.02 1.31
N LEU A 38 -5.00 5.99 1.43
CA LEU A 38 -5.72 6.97 2.25
C LEU A 38 -6.09 6.38 3.60
N ASP A 39 -6.84 5.29 3.59
CA ASP A 39 -7.25 4.64 4.82
C ASP A 39 -6.25 3.55 5.22
N ALA A 40 -5.53 3.80 6.31
CA ALA A 40 -4.55 2.84 6.80
C ALA A 40 -4.70 2.62 8.30
N SER A 41 -5.63 1.75 8.67
CA SER A 41 -5.87 1.45 10.08
C SER A 41 -5.40 0.03 10.42
N ASN A 42 -5.80 -0.93 9.59
CA ASN A 42 -5.43 -2.32 9.80
C ASN A 42 -4.79 -2.91 8.54
N LYS A 43 -4.05 -4.00 8.72
CA LYS A 43 -3.39 -4.67 7.60
C LYS A 43 -4.33 -5.67 6.93
N ASP A 44 -5.54 -5.22 6.62
CA ASP A 44 -6.53 -6.08 5.98
C ASP A 44 -7.11 -5.41 4.74
N TRP A 45 -7.89 -4.36 4.95
CA TRP A 45 -8.51 -3.63 3.84
C TRP A 45 -8.03 -2.19 3.80
N TRP A 46 -7.16 -1.88 2.85
CA TRP A 46 -6.62 -0.53 2.71
C TRP A 46 -7.14 0.13 1.44
N TRP A 47 -7.58 1.37 1.56
CA TRP A 47 -8.11 2.11 0.42
C TRP A 47 -7.01 2.94 -0.23
N GLY A 48 -6.96 2.90 -1.57
CA GLY A 48 -5.96 3.65 -2.29
C GLY A 48 -6.56 4.59 -3.31
N GLN A 49 -5.77 5.55 -3.78
CA GLN A 49 -6.23 6.52 -4.76
C GLN A 49 -5.32 6.53 -5.99
N ILE A 50 -5.87 6.12 -7.14
CA ILE A 50 -5.10 6.08 -8.37
C ILE A 50 -5.52 7.22 -9.30
N ASP A 51 -4.61 7.61 -10.19
CA ASP A 51 -4.88 8.69 -11.14
C ASP A 51 -6.36 8.71 -11.52
N ASP A 52 -6.83 7.64 -12.14
CA ASP A 52 -8.22 7.55 -12.55
C ASP A 52 -8.82 6.20 -12.15
N GLU A 53 -8.25 5.59 -11.12
CA GLU A 53 -8.72 4.30 -10.63
C GLU A 53 -8.99 4.34 -9.13
N GLU A 54 -9.99 3.58 -8.70
CA GLU A 54 -10.35 3.54 -7.28
C GLU A 54 -11.10 2.26 -6.95
N GLY A 55 -10.83 1.71 -5.77
CA GLY A 55 -11.49 0.48 -5.36
C GLY A 55 -10.86 -0.13 -4.12
N TRP A 56 -11.21 -1.37 -3.84
CA TRP A 56 -10.67 -2.08 -2.67
C TRP A 56 -9.52 -2.98 -3.07
N PHE A 57 -8.51 -3.07 -2.20
CA PHE A 57 -7.33 -3.90 -2.47
C PHE A 57 -6.60 -4.23 -1.18
N PRO A 58 -5.99 -5.42 -1.13
CA PRO A 58 -5.24 -5.89 0.04
C PRO A 58 -3.95 -5.10 0.25
N ALA A 59 -3.63 -4.82 1.52
CA ALA A 59 -2.43 -4.08 1.85
C ALA A 59 -1.18 -4.97 1.75
N SER A 60 -1.36 -6.26 2.04
CA SER A 60 -0.26 -7.20 1.99
C SER A 60 0.28 -7.32 0.56
N PHE A 61 -0.53 -6.94 -0.41
CA PHE A 61 -0.13 -7.00 -1.81
C PHE A 61 0.78 -5.83 -2.17
N VAL A 62 0.73 -4.79 -1.36
CA VAL A 62 1.56 -3.60 -1.59
C VAL A 62 2.45 -3.31 -0.38
N ARG A 63 3.59 -2.67 -0.64
CA ARG A 63 4.53 -2.33 0.43
C ARG A 63 4.79 -0.83 0.45
N LEU A 64 4.79 -0.26 1.65
CA LEU A 64 5.03 1.17 1.82
C LEU A 64 6.35 1.58 1.19
N TRP A 65 6.60 2.89 1.13
CA TRP A 65 7.84 3.40 0.54
C TRP A 65 8.95 3.45 1.59
N VAL A 66 8.60 3.86 2.80
CA VAL A 66 9.56 3.95 3.89
C VAL A 66 9.90 2.56 4.44
N ASN A 67 11.19 2.30 4.60
CA ASN A 67 11.64 1.01 5.12
C ASN A 67 11.12 0.77 6.53
N GLN A 68 11.16 -0.48 6.97
CA GLN A 68 10.68 -0.83 8.31
C GLN A 68 11.85 -0.98 9.28
N GLU A 69 11.57 -0.84 10.57
CA GLU A 69 12.59 -0.96 11.60
C GLU A 69 12.94 -2.43 11.84
N ASP A 70 14.18 -2.67 12.28
CA ASP A 70 14.64 -4.02 12.55
C ASP A 70 15.01 -4.17 14.02
N GLU A 71 15.33 -5.41 14.42
CA GLU A 71 15.70 -5.69 15.80
C GLU A 71 14.58 -5.30 16.76
N VAL A 72 13.37 -5.76 16.47
CA VAL A 72 12.21 -5.46 17.30
C VAL A 72 12.41 -5.96 18.72
N GLU A 73 11.39 -5.79 19.55
CA GLU A 73 11.45 -6.22 20.95
C GLU A 73 11.40 -7.75 21.04
N GLU A 74 12.36 -8.33 21.76
CA GLU A 74 12.43 -9.77 21.92
C GLU A 74 12.47 -10.15 23.40
N GLY A 75 12.27 -11.43 23.69
CA GLY A 75 12.30 -11.89 25.06
C GLY A 75 12.39 -13.41 25.16
N SER A 76 12.37 -13.92 26.39
CA SER A 76 12.44 -15.36 26.61
C SER A 76 11.97 -15.71 28.02
N GLY A 77 12.01 -17.00 28.35
CA GLY A 77 11.59 -17.46 29.66
C GLY A 77 12.25 -18.75 30.07
N PRO A 78 12.51 -18.90 31.38
CA PRO A 78 13.15 -20.11 31.93
C PRO A 78 12.24 -21.32 31.87
N SER A 79 12.68 -22.41 32.49
CA SER A 79 11.90 -23.64 32.51
C SER A 79 12.35 -24.55 33.66
N SER A 80 11.49 -25.50 34.03
CA SER A 80 11.80 -26.43 35.10
C SER A 80 11.55 -27.86 34.67
N GLY A 81 10.29 -28.17 34.36
CA GLY A 81 9.95 -29.53 33.94
C GLY A 81 10.08 -29.70 32.45
N GLY A 1 -19.49 25.36 1.18
CA GLY A 1 -18.86 24.27 1.90
C GLY A 1 -17.55 23.84 1.28
N SER A 2 -16.46 24.09 1.99
CA SER A 2 -15.12 23.73 1.50
C SER A 2 -14.21 23.34 2.66
N SER A 3 -13.62 22.15 2.56
CA SER A 3 -12.72 21.65 3.60
C SER A 3 -11.85 20.52 3.07
N GLY A 4 -10.76 20.23 3.78
CA GLY A 4 -9.87 19.17 3.37
C GLY A 4 -8.70 18.98 4.32
N SER A 5 -7.74 18.17 3.92
CA SER A 5 -6.57 17.90 4.75
C SER A 5 -5.31 18.52 4.14
N SER A 6 -4.31 18.76 4.99
CA SER A 6 -3.06 19.35 4.52
C SER A 6 -1.95 18.30 4.46
N GLY A 7 -1.85 17.50 5.52
CA GLY A 7 -0.83 16.46 5.57
C GLY A 7 -0.85 15.70 6.89
N ASP A 8 -1.42 14.51 6.86
CA ASP A 8 -1.50 13.68 8.06
C ASP A 8 -0.56 12.47 7.95
N SER A 9 0.58 12.68 7.30
CA SER A 9 1.56 11.61 7.12
C SER A 9 1.08 10.62 6.06
N ILE A 10 0.34 11.11 5.07
CA ILE A 10 -0.17 10.27 4.00
C ILE A 10 0.79 9.14 3.69
N VAL A 11 0.30 7.91 3.75
CA VAL A 11 1.11 6.73 3.46
C VAL A 11 0.98 6.30 2.00
N SER A 12 2.10 5.91 1.40
CA SER A 12 2.11 5.48 0.01
C SER A 12 2.82 4.13 -0.15
N ALA A 13 2.23 3.25 -0.94
CA ALA A 13 2.81 1.93 -1.18
C ALA A 13 3.10 1.72 -2.66
N GLU A 14 3.86 0.67 -2.96
CA GLU A 14 4.21 0.35 -4.34
C GLU A 14 3.74 -1.05 -4.71
N ALA A 15 2.96 -1.13 -5.79
CA ALA A 15 2.45 -2.42 -6.25
C ALA A 15 3.57 -3.31 -6.77
N VAL A 16 3.89 -4.36 -6.03
CA VAL A 16 4.95 -5.28 -6.41
C VAL A 16 4.38 -6.54 -7.05
N TRP A 17 3.19 -6.93 -6.59
CA TRP A 17 2.53 -8.12 -7.12
C TRP A 17 1.39 -7.74 -8.05
N ASP A 18 1.52 -8.12 -9.33
CA ASP A 18 0.49 -7.81 -10.32
C ASP A 18 -0.89 -8.23 -9.82
N HIS A 19 -1.62 -7.28 -9.27
CA HIS A 19 -2.97 -7.55 -8.76
C HIS A 19 -4.03 -7.00 -9.70
N VAL A 20 -4.20 -7.65 -10.84
CA VAL A 20 -5.19 -7.23 -11.83
C VAL A 20 -6.48 -8.02 -11.69
N THR A 21 -7.38 -7.53 -10.84
CA THR A 21 -8.66 -8.20 -10.62
C THR A 21 -9.81 -7.20 -10.64
N MET A 22 -10.47 -7.09 -11.80
CA MET A 22 -11.59 -6.18 -11.96
C MET A 22 -12.91 -6.94 -12.01
N ALA A 23 -13.04 -7.95 -11.17
CA ALA A 23 -14.24 -8.76 -11.11
C ALA A 23 -15.48 -7.88 -10.98
N ASN A 24 -15.51 -7.06 -9.93
CA ASN A 24 -16.64 -6.17 -9.69
C ASN A 24 -16.16 -4.76 -9.37
N ARG A 25 -15.46 -4.61 -8.24
CA ARG A 25 -14.94 -3.31 -7.83
C ARG A 25 -13.44 -3.39 -7.53
N GLU A 26 -12.99 -4.57 -7.10
CA GLU A 26 -11.59 -4.78 -6.77
C GLU A 26 -10.69 -3.98 -7.71
N LEU A 27 -9.92 -3.07 -7.14
CA LEU A 27 -9.01 -2.24 -7.93
C LEU A 27 -7.90 -3.08 -8.56
N ALA A 28 -7.84 -3.06 -9.89
CA ALA A 28 -6.82 -3.82 -10.61
C ALA A 28 -5.64 -2.94 -10.99
N PHE A 29 -4.43 -3.42 -10.71
CA PHE A 29 -3.22 -2.68 -11.01
C PHE A 29 -2.08 -3.63 -11.39
N LYS A 30 -1.00 -3.05 -11.89
CA LYS A 30 0.17 -3.84 -12.29
C LYS A 30 1.36 -3.55 -11.40
N ALA A 31 2.32 -4.46 -11.36
CA ALA A 31 3.51 -4.29 -10.55
C ALA A 31 4.32 -3.08 -11.01
N GLY A 32 4.27 -2.02 -10.22
CA GLY A 32 5.01 -0.81 -10.57
C GLY A 32 4.19 0.44 -10.34
N ASP A 33 2.88 0.36 -10.59
CA ASP A 33 1.99 1.50 -10.41
C ASP A 33 1.97 1.95 -8.95
N VAL A 34 1.63 3.22 -8.73
CA VAL A 34 1.58 3.77 -7.39
C VAL A 34 0.13 3.96 -6.93
N ILE A 35 -0.17 3.50 -5.72
CA ILE A 35 -1.50 3.61 -5.16
C ILE A 35 -1.50 4.44 -3.88
N LYS A 36 -2.13 5.60 -3.92
CA LYS A 36 -2.20 6.49 -2.76
C LYS A 36 -3.14 5.92 -1.70
N VAL A 37 -2.68 5.90 -0.46
CA VAL A 37 -3.48 5.38 0.64
C VAL A 37 -4.26 6.50 1.33
N LEU A 38 -5.57 6.52 1.13
CA LEU A 38 -6.42 7.54 1.73
C LEU A 38 -6.60 7.29 3.23
N ASP A 39 -7.00 6.08 3.58
CA ASP A 39 -7.20 5.71 4.97
C ASP A 39 -6.86 4.25 5.21
N ALA A 40 -6.44 3.93 6.42
CA ALA A 40 -6.08 2.56 6.77
C ALA A 40 -6.79 2.11 8.06
N SER A 41 -8.06 1.75 7.92
CA SER A 41 -8.84 1.31 9.07
C SER A 41 -8.49 -0.13 9.44
N ASN A 42 -8.85 -1.08 8.58
CA ASN A 42 -8.57 -2.48 8.82
C ASN A 42 -7.08 -2.71 9.08
N LYS A 43 -6.72 -3.94 9.40
CA LYS A 43 -5.34 -4.30 9.67
C LYS A 43 -4.53 -4.37 8.39
N ASP A 44 -4.92 -5.27 7.49
CA ASP A 44 -4.24 -5.43 6.22
C ASP A 44 -5.16 -5.09 5.05
N TRP A 45 -6.06 -4.15 5.28
CA TRP A 45 -7.00 -3.73 4.25
C TRP A 45 -7.14 -2.21 4.21
N TRP A 46 -6.55 -1.59 3.20
CA TRP A 46 -6.61 -0.15 3.05
C TRP A 46 -7.18 0.25 1.69
N TRP A 47 -7.60 1.50 1.56
CA TRP A 47 -8.17 2.00 0.32
C TRP A 47 -7.11 2.69 -0.52
N GLY A 48 -7.22 2.55 -1.84
CA GLY A 48 -6.25 3.17 -2.73
C GLY A 48 -6.90 4.15 -3.69
N GLN A 49 -6.13 5.14 -4.14
CA GLN A 49 -6.64 6.14 -5.07
C GLN A 49 -5.59 6.48 -6.13
N ILE A 50 -5.91 6.17 -7.38
CA ILE A 50 -5.00 6.45 -8.49
C ILE A 50 -5.48 7.63 -9.31
N ASP A 51 -4.54 8.30 -9.99
CA ASP A 51 -4.89 9.45 -10.83
C ASP A 51 -6.27 9.28 -11.43
N ASP A 52 -6.43 8.26 -12.26
CA ASP A 52 -7.70 7.99 -12.92
C ASP A 52 -8.43 6.83 -12.24
N GLU A 53 -7.69 5.77 -11.94
CA GLU A 53 -8.26 4.60 -11.29
C GLU A 53 -8.46 4.84 -9.80
N GLU A 54 -9.44 4.15 -9.22
CA GLU A 54 -9.73 4.30 -7.80
C GLU A 54 -10.37 3.03 -7.24
N GLY A 55 -10.14 2.77 -5.96
CA GLY A 55 -10.70 1.58 -5.33
C GLY A 55 -9.90 1.13 -4.12
N TRP A 56 -9.95 -0.16 -3.82
CA TRP A 56 -9.23 -0.71 -2.68
C TRP A 56 -8.20 -1.74 -3.14
N PHE A 57 -6.99 -1.65 -2.60
CA PHE A 57 -5.92 -2.58 -2.95
C PHE A 57 -5.42 -3.32 -1.71
N PRO A 58 -5.05 -4.59 -1.91
CA PRO A 58 -4.53 -5.44 -0.82
C PRO A 58 -3.15 -5.00 -0.34
N ALA A 59 -3.00 -4.86 0.96
CA ALA A 59 -1.74 -4.45 1.56
C ALA A 59 -0.73 -5.60 1.56
N SER A 60 -1.18 -6.77 1.12
CA SER A 60 -0.33 -7.95 1.08
C SER A 60 0.43 -8.03 -0.24
N PHE A 61 -0.11 -7.36 -1.26
CA PHE A 61 0.53 -7.35 -2.57
C PHE A 61 1.18 -6.01 -2.87
N VAL A 62 1.60 -5.32 -1.80
CA VAL A 62 2.23 -4.02 -1.93
C VAL A 62 3.23 -3.78 -0.80
N ARG A 63 4.39 -3.21 -1.14
CA ARG A 63 5.42 -2.94 -0.16
C ARG A 63 5.51 -1.44 0.12
N LEU A 64 5.39 -1.07 1.40
CA LEU A 64 5.46 0.32 1.80
C LEU A 64 6.77 0.96 1.34
N TRP A 65 6.83 2.28 1.42
CA TRP A 65 8.03 3.01 1.01
C TRP A 65 9.04 3.08 2.15
N VAL A 66 9.09 2.03 2.96
CA VAL A 66 10.01 1.97 4.08
C VAL A 66 10.81 0.67 4.06
N ASN A 67 12.13 0.79 4.20
CA ASN A 67 13.01 -0.37 4.19
C ASN A 67 13.84 -0.43 5.47
N GLN A 68 13.85 -1.60 6.10
CA GLN A 68 14.59 -1.79 7.34
C GLN A 68 14.57 -3.26 7.77
N GLU A 69 15.57 -3.66 8.55
CA GLU A 69 15.67 -5.03 9.03
C GLU A 69 16.07 -5.97 7.90
N ASP A 70 17.01 -5.52 7.07
CA ASP A 70 17.48 -6.32 5.95
C ASP A 70 18.82 -6.98 6.29
N GLU A 71 18.94 -7.48 7.51
CA GLU A 71 20.17 -8.14 7.95
C GLU A 71 20.01 -9.65 7.95
N VAL A 72 20.56 -10.29 6.93
CA VAL A 72 20.48 -11.75 6.81
C VAL A 72 21.39 -12.43 7.83
N GLU A 73 21.26 -13.76 7.93
CA GLU A 73 22.07 -14.53 8.86
C GLU A 73 23.19 -15.27 8.13
N GLU A 74 24.22 -15.66 8.88
CA GLU A 74 25.35 -16.37 8.30
C GLU A 74 24.87 -17.58 7.48
N GLY A 75 25.68 -17.97 6.49
CA GLY A 75 25.33 -19.09 5.65
C GLY A 75 25.68 -20.43 6.29
N SER A 76 26.95 -20.57 6.66
CA SER A 76 27.42 -21.81 7.28
C SER A 76 27.26 -21.76 8.79
N GLY A 77 26.91 -22.89 9.39
CA GLY A 77 26.72 -22.95 10.83
C GLY A 77 25.90 -24.14 11.26
N PRO A 78 24.59 -23.93 11.43
CA PRO A 78 23.66 -24.99 11.85
C PRO A 78 23.45 -26.03 10.75
N SER A 79 23.03 -27.23 11.17
CA SER A 79 22.80 -28.32 10.22
C SER A 79 21.62 -27.99 9.31
N SER A 80 21.52 -28.73 8.20
CA SER A 80 20.43 -28.52 7.24
C SER A 80 19.97 -29.85 6.66
N GLY A 81 18.69 -29.93 6.34
CA GLY A 81 18.13 -31.15 5.77
C GLY A 81 18.39 -31.26 4.28
N GLY A 1 -7.73 21.98 26.34
CA GLY A 1 -6.74 21.22 25.63
C GLY A 1 -5.65 22.09 25.04
N SER A 2 -5.93 22.65 23.86
CA SER A 2 -4.97 23.51 23.18
C SER A 2 -3.69 22.74 22.85
N SER A 3 -3.85 21.51 22.38
CA SER A 3 -2.72 20.66 22.03
C SER A 3 -2.75 20.30 20.55
N GLY A 4 -1.60 20.40 19.89
CA GLY A 4 -1.52 20.08 18.48
C GLY A 4 -0.35 19.15 18.16
N SER A 5 -0.25 18.06 18.91
CA SER A 5 0.82 17.09 18.72
C SER A 5 0.27 15.77 18.21
N SER A 6 -0.71 15.84 17.30
CA SER A 6 -1.32 14.65 16.74
C SER A 6 -1.86 14.92 15.34
N GLY A 7 -1.64 13.98 14.43
CA GLY A 7 -2.11 14.13 13.06
C GLY A 7 -1.67 13.00 12.16
N ASP A 8 -2.62 12.24 11.66
CA ASP A 8 -2.32 11.11 10.79
C ASP A 8 -1.47 11.56 9.60
N SER A 9 -0.86 10.60 8.92
CA SER A 9 -0.01 10.91 7.76
C SER A 9 -0.35 9.99 6.60
N ILE A 10 -0.27 10.53 5.39
CA ILE A 10 -0.57 9.77 4.18
C ILE A 10 0.69 9.14 3.60
N VAL A 11 0.65 7.84 3.37
CA VAL A 11 1.78 7.11 2.82
C VAL A 11 1.38 6.33 1.58
N SER A 12 2.27 6.27 0.60
CA SER A 12 2.02 5.56 -0.65
C SER A 12 2.79 4.24 -0.69
N ALA A 13 2.20 3.23 -1.31
CA ALA A 13 2.82 1.92 -1.41
C ALA A 13 3.11 1.57 -2.87
N GLU A 14 4.26 0.94 -3.11
CA GLU A 14 4.65 0.55 -4.46
C GLU A 14 4.20 -0.87 -4.77
N ALA A 15 3.52 -1.04 -5.89
CA ALA A 15 3.03 -2.36 -6.31
C ALA A 15 4.19 -3.35 -6.44
N VAL A 16 4.07 -4.47 -5.74
CA VAL A 16 5.10 -5.50 -5.78
C VAL A 16 4.68 -6.66 -6.68
N TRP A 17 3.40 -6.95 -6.68
CA TRP A 17 2.86 -8.04 -7.50
C TRP A 17 1.68 -7.56 -8.35
N ASP A 18 1.58 -8.09 -9.56
CA ASP A 18 0.50 -7.72 -10.46
C ASP A 18 -0.84 -8.23 -9.94
N HIS A 19 -1.79 -7.31 -9.77
CA HIS A 19 -3.12 -7.66 -9.28
C HIS A 19 -4.16 -7.52 -10.38
N VAL A 20 -4.38 -8.60 -11.12
CA VAL A 20 -5.35 -8.60 -12.21
C VAL A 20 -6.72 -9.07 -11.72
N THR A 21 -7.76 -8.45 -12.24
CA THR A 21 -9.13 -8.80 -11.86
C THR A 21 -10.15 -8.03 -12.69
N MET A 22 -11.32 -8.62 -12.88
CA MET A 22 -12.38 -7.99 -13.66
C MET A 22 -13.70 -7.98 -12.88
N ALA A 23 -13.63 -7.57 -11.62
CA ALA A 23 -14.81 -7.51 -10.76
C ALA A 23 -15.26 -6.08 -10.54
N ASN A 24 -16.36 -5.91 -9.81
CA ASN A 24 -16.89 -4.59 -9.53
C ASN A 24 -16.10 -3.90 -8.41
N ARG A 25 -16.02 -2.59 -8.47
CA ARG A 25 -15.29 -1.82 -7.47
C ARG A 25 -13.97 -2.49 -7.12
N GLU A 26 -13.20 -2.86 -8.15
CA GLU A 26 -11.92 -3.51 -7.94
C GLU A 26 -10.77 -2.60 -8.33
N LEU A 27 -9.79 -2.45 -7.43
CA LEU A 27 -8.64 -1.60 -7.68
C LEU A 27 -7.55 -2.36 -8.43
N ALA A 28 -7.54 -2.24 -9.75
CA ALA A 28 -6.55 -2.91 -10.58
C ALA A 28 -5.21 -2.17 -10.55
N PHE A 29 -4.13 -2.92 -10.67
CA PHE A 29 -2.79 -2.33 -10.66
C PHE A 29 -1.72 -3.39 -10.93
N LYS A 30 -0.70 -3.01 -11.70
CA LYS A 30 0.38 -3.94 -12.04
C LYS A 30 1.67 -3.52 -11.34
N ALA A 31 2.63 -4.44 -11.32
CA ALA A 31 3.92 -4.17 -10.69
C ALA A 31 4.52 -2.86 -11.20
N GLY A 32 4.60 -1.87 -10.32
CA GLY A 32 5.16 -0.59 -10.70
C GLY A 32 4.24 0.57 -10.36
N ASP A 33 2.96 0.40 -10.63
CA ASP A 33 1.97 1.45 -10.35
C ASP A 33 2.16 2.01 -8.94
N VAL A 34 1.65 3.21 -8.71
CA VAL A 34 1.77 3.85 -7.41
C VAL A 34 0.40 4.04 -6.77
N ILE A 35 0.14 3.28 -5.70
CA ILE A 35 -1.13 3.37 -4.99
C ILE A 35 -1.02 4.29 -3.78
N LYS A 36 -1.87 5.31 -3.75
CA LYS A 36 -1.87 6.27 -2.64
C LYS A 36 -2.89 5.88 -1.59
N VAL A 37 -2.41 5.50 -0.41
CA VAL A 37 -3.29 5.10 0.68
C VAL A 37 -4.00 6.31 1.28
N LEU A 38 -5.30 6.17 1.50
CA LEU A 38 -6.09 7.24 2.07
C LEU A 38 -6.59 6.88 3.47
N ASP A 39 -7.38 5.80 3.55
CA ASP A 39 -7.91 5.35 4.84
C ASP A 39 -7.42 3.95 5.16
N ALA A 40 -6.79 3.79 6.32
CA ALA A 40 -6.28 2.50 6.74
C ALA A 40 -6.91 2.06 8.05
N SER A 41 -8.24 2.12 8.11
CA SER A 41 -8.97 1.73 9.31
C SER A 41 -8.80 0.24 9.59
N ASN A 42 -8.20 -0.48 8.64
CA ASN A 42 -7.97 -1.90 8.78
C ASN A 42 -6.49 -2.22 8.97
N LYS A 43 -6.17 -3.50 9.10
CA LYS A 43 -4.79 -3.92 9.27
C LYS A 43 -4.20 -4.43 7.96
N ASP A 44 -5.03 -5.06 7.14
CA ASP A 44 -4.60 -5.57 5.85
C ASP A 44 -5.54 -5.15 4.74
N TRP A 45 -6.30 -4.08 5.00
CA TRP A 45 -7.25 -3.58 4.01
C TRP A 45 -7.32 -2.06 4.07
N TRP A 46 -6.74 -1.40 3.06
CA TRP A 46 -6.72 0.05 2.99
C TRP A 46 -7.39 0.54 1.71
N TRP A 47 -7.55 1.86 1.59
CA TRP A 47 -8.17 2.45 0.42
C TRP A 47 -7.16 3.27 -0.38
N GLY A 48 -6.59 2.64 -1.42
CA GLY A 48 -5.61 3.34 -2.24
C GLY A 48 -6.26 4.27 -3.24
N GLN A 49 -5.47 5.19 -3.78
CA GLN A 49 -5.97 6.16 -4.75
C GLN A 49 -5.07 6.23 -5.98
N ILE A 50 -5.61 5.85 -7.13
CA ILE A 50 -4.85 5.87 -8.38
C ILE A 50 -5.31 7.00 -9.28
N ASP A 51 -4.41 7.45 -10.16
CA ASP A 51 -4.72 8.53 -11.09
C ASP A 51 -6.21 8.52 -11.46
N ASP A 52 -6.64 7.44 -12.10
CA ASP A 52 -8.03 7.31 -12.52
C ASP A 52 -8.59 5.94 -12.12
N GLU A 53 -7.99 5.34 -11.09
CA GLU A 53 -8.42 4.03 -10.63
C GLU A 53 -8.66 4.05 -9.12
N GLU A 54 -9.63 3.26 -8.67
CA GLU A 54 -9.97 3.18 -7.25
C GLU A 54 -10.55 1.82 -6.90
N GLY A 55 -10.83 1.61 -5.62
CA GLY A 55 -11.39 0.35 -5.17
C GLY A 55 -10.69 -0.19 -3.94
N TRP A 56 -10.81 -1.49 -3.72
CA TRP A 56 -10.19 -2.13 -2.57
C TRP A 56 -9.03 -3.01 -2.99
N PHE A 57 -7.90 -2.90 -2.28
CA PHE A 57 -6.72 -3.68 -2.60
C PHE A 57 -6.03 -4.14 -1.32
N PRO A 58 -5.46 -5.36 -1.35
CA PRO A 58 -4.76 -5.94 -0.20
C PRO A 58 -3.44 -5.25 0.08
N ALA A 59 -3.08 -5.17 1.36
CA ALA A 59 -1.83 -4.53 1.77
C ALA A 59 -0.65 -5.49 1.66
N SER A 60 -0.95 -6.78 1.60
CA SER A 60 0.07 -7.81 1.50
C SER A 60 0.54 -7.98 0.05
N PHE A 61 0.09 -7.07 -0.81
CA PHE A 61 0.45 -7.12 -2.22
C PHE A 61 1.27 -5.89 -2.62
N VAL A 62 1.42 -4.96 -1.68
CA VAL A 62 2.18 -3.74 -1.93
C VAL A 62 3.11 -3.42 -0.77
N ARG A 63 4.23 -2.77 -1.07
CA ARG A 63 5.21 -2.41 -0.05
C ARG A 63 5.19 -0.91 0.20
N LEU A 64 5.29 -0.53 1.47
CA LEU A 64 5.29 0.88 1.85
C LEU A 64 6.67 1.50 1.67
N TRP A 65 6.71 2.81 1.45
CA TRP A 65 7.97 3.51 1.26
C TRP A 65 8.69 3.70 2.59
N VAL A 66 9.50 2.72 2.96
CA VAL A 66 10.25 2.78 4.21
C VAL A 66 11.41 1.80 4.21
N ASN A 67 12.55 2.24 4.72
CA ASN A 67 13.74 1.39 4.78
C ASN A 67 13.52 0.21 5.72
N GLN A 68 13.63 -1.00 5.17
CA GLN A 68 13.44 -2.21 5.96
C GLN A 68 14.58 -2.40 6.95
N GLU A 69 14.45 -1.77 8.13
CA GLU A 69 15.47 -1.86 9.16
C GLU A 69 15.80 -3.32 9.46
N ASP A 70 16.99 -3.76 9.04
CA ASP A 70 17.43 -5.12 9.27
C ASP A 70 17.91 -5.32 10.70
N GLU A 71 18.16 -6.56 11.08
CA GLU A 71 18.63 -6.87 12.43
C GLU A 71 20.07 -6.39 12.63
N VAL A 72 20.28 -5.60 13.67
CA VAL A 72 21.61 -5.07 13.97
C VAL A 72 22.38 -6.03 14.87
N GLU A 73 22.50 -7.28 14.44
CA GLU A 73 23.22 -8.29 15.21
C GLU A 73 23.95 -9.25 14.29
N GLU A 74 25.27 -9.29 14.41
CA GLU A 74 26.10 -10.18 13.59
C GLU A 74 27.15 -10.88 14.42
N GLY A 75 27.73 -11.95 13.88
CA GLY A 75 28.74 -12.69 14.59
C GLY A 75 29.62 -13.52 13.66
N SER A 76 29.10 -14.65 13.20
CA SER A 76 29.83 -15.52 12.31
C SER A 76 29.59 -15.16 10.85
N GLY A 77 30.50 -15.56 9.98
CA GLY A 77 30.36 -15.26 8.56
C GLY A 77 29.89 -16.47 7.76
N PRO A 78 29.12 -16.20 6.69
CA PRO A 78 28.59 -17.26 5.83
C PRO A 78 29.68 -17.92 4.99
N SER A 79 29.29 -18.92 4.20
CA SER A 79 30.23 -19.63 3.35
C SER A 79 30.80 -18.72 2.27
N SER A 80 31.93 -18.07 2.59
CA SER A 80 32.57 -17.16 1.64
C SER A 80 33.35 -17.94 0.60
N GLY A 81 33.71 -17.26 -0.49
CA GLY A 81 34.46 -17.90 -1.55
C GLY A 81 34.07 -19.35 -1.75
#